data_8TJT
#
_entry.id   8TJT
#
_cell.length_a   203.013
_cell.length_b   203.013
_cell.length_c   137.285
_cell.angle_alpha   90.000
_cell.angle_beta   90.000
_cell.angle_gamma   120.000
#
_symmetry.space_group_name_H-M   'H 3'
#
loop_
_entity.id
_entity.type
_entity.pdbx_description
1 polymer 'anti-GCGR Fab light chain'
2 polymer 'anti-GCGR Fab heavy chain'
3 water water
#
loop_
_entity_poly.entity_id
_entity_poly.type
_entity_poly.pdbx_seq_one_letter_code
_entity_poly.pdbx_strand_id
1 'polypeptide(L)'
;DIQMTQSPSSLSASVGDRVTITCRASQSVSSAVAWYQQKPGKAPKLLIYSASSLYSGVPSRFSGSRSGTDFTLTISSLQP
EDFATYYCQQYGSYLYTFGQGTKVEIKRTVAAPSVFIFPPSDEQLKSGTASVVCLLNNFYPREAKVQWKVDNALQSGNSQ
ESVTEQDSKDSTYSLSSTLTLSKADYEKHKVYACEVTHQGLSSPVTKSFNRGEC
;
A,B,C,L
2 'polypeptide(L)'
;EVQLVESGGGLVQPGGSLRLSCAASGFNIYYNYIHWVRQAPGKGLEWVAEFSPYSGSTYYADSVKGRFTISADTSKNTAY
LQMNSLRAEDTAVYYCARSAAIVDWYDYFKGFDYWGQGTLVTVSSASTKGPSVFPLAPSSKSTSGGTAALGCLVKDYFPE
PVTVSWNSGALTSGVHTFPAVLQSSGLYSLSSVVTVPSSSLGTQTYICNVNHKPSNTKVDKKVEPKS
;
D,E,F,H
#
# COMPACT_ATOMS: atom_id res chain seq x y z
N ASP A 1 -16.97 -22.11 -19.94
CA ASP A 1 -16.96 -23.34 -20.73
C ASP A 1 -16.12 -23.18 -21.98
N ILE A 2 -16.70 -22.57 -23.01
CA ILE A 2 -16.01 -22.33 -24.27
C ILE A 2 -15.48 -20.90 -24.21
N GLN A 3 -14.28 -20.74 -23.65
CA GLN A 3 -13.67 -19.43 -23.54
C GLN A 3 -13.02 -19.03 -24.86
N MET A 4 -13.31 -17.80 -25.31
CA MET A 4 -12.74 -17.28 -26.54
C MET A 4 -11.47 -16.48 -26.31
N THR A 5 -11.16 -16.12 -25.07
CA THR A 5 -9.98 -15.34 -24.76
C THR A 5 -9.64 -15.54 -23.28
N GLN A 6 -8.37 -15.76 -22.99
CA GLN A 6 -7.94 -15.94 -21.61
C GLN A 6 -8.16 -14.67 -20.79
N SER A 7 -8.35 -14.85 -19.50
CA SER A 7 -8.51 -13.71 -18.60
C SER A 7 -7.20 -12.96 -18.48
N PRO A 8 -7.25 -11.65 -18.22
CA PRO A 8 -6.01 -10.87 -18.12
C PRO A 8 -5.18 -11.29 -16.92
N SER A 9 -3.88 -11.47 -17.15
CA SER A 9 -2.96 -11.81 -16.07
C SER A 9 -2.74 -10.60 -15.16
N SER A 10 -2.31 -10.88 -13.94
CA SER A 10 -2.14 -9.85 -12.92
C SER A 10 -0.67 -9.53 -12.71
N LEU A 11 -0.41 -8.28 -12.32
CA LEU A 11 0.95 -7.83 -12.01
C LEU A 11 0.85 -6.82 -10.89
N SER A 12 1.36 -7.16 -9.72
CA SER A 12 1.33 -6.28 -8.56
C SER A 12 2.55 -5.36 -8.58
N ALA A 13 2.31 -4.06 -8.55
CA ALA A 13 3.39 -3.08 -8.57
C ALA A 13 2.99 -1.87 -7.75
N SER A 14 3.99 -1.08 -7.37
CA SER A 14 3.78 0.16 -6.63
C SER A 14 4.03 1.35 -7.54
N VAL A 15 3.51 2.51 -7.12
CA VAL A 15 3.69 3.72 -7.90
C VAL A 15 5.16 4.14 -7.83
N GLY A 16 5.70 4.56 -8.98
CA GLY A 16 7.12 4.84 -9.11
C GLY A 16 7.95 3.67 -9.59
N ASP A 17 7.36 2.48 -9.71
CA ASP A 17 8.09 1.32 -10.17
C ASP A 17 8.36 1.42 -11.68
N ARG A 18 9.31 0.60 -12.13
CA ARG A 18 9.62 0.46 -13.54
C ARG A 18 9.15 -0.93 -13.99
N VAL A 19 8.15 -0.97 -14.85
CA VAL A 19 7.59 -2.23 -15.33
C VAL A 19 7.94 -2.39 -16.81
N THR A 20 8.06 -3.64 -17.23
CA THR A 20 8.36 -3.98 -18.62
C THR A 20 7.53 -5.20 -18.99
N ILE A 21 6.55 -5.01 -19.86
CA ILE A 21 5.70 -6.09 -20.34
C ILE A 21 6.27 -6.57 -21.68
N THR A 22 6.57 -7.86 -21.76
CA THR A 22 7.12 -8.47 -22.96
C THR A 22 6.01 -9.12 -23.77
N CYS A 23 6.09 -8.99 -25.09
CA CYS A 23 5.14 -9.59 -26.02
C CYS A 23 5.93 -10.48 -26.97
N ARG A 24 5.74 -11.80 -26.83
CA ARG A 24 6.44 -12.76 -27.69
C ARG A 24 5.77 -12.79 -29.05
N ALA A 25 6.50 -12.35 -30.08
CA ALA A 25 5.97 -12.25 -31.43
C ALA A 25 6.87 -13.02 -32.38
N SER A 26 6.39 -14.17 -32.86
CA SER A 26 7.14 -14.92 -33.85
C SER A 26 7.22 -14.19 -35.18
N GLN A 27 6.28 -13.29 -35.46
CA GLN A 27 6.30 -12.47 -36.68
C GLN A 27 7.09 -11.20 -36.39
N SER A 28 8.42 -11.34 -36.39
CA SER A 28 9.28 -10.19 -36.13
C SER A 28 9.33 -9.25 -37.32
N VAL A 29 9.28 -9.79 -38.54
CA VAL A 29 9.22 -8.95 -39.73
C VAL A 29 7.98 -8.07 -39.71
N SER A 30 6.90 -8.56 -39.10
CA SER A 30 5.71 -7.75 -38.87
C SER A 30 5.92 -6.94 -37.58
N SER A 31 6.83 -5.98 -37.67
CA SER A 31 7.20 -5.16 -36.53
C SER A 31 6.18 -4.04 -36.31
N ALA A 32 4.93 -4.27 -36.73
CA ALA A 32 3.83 -3.35 -36.49
C ALA A 32 3.15 -3.60 -35.16
N VAL A 33 3.90 -4.03 -34.15
CA VAL A 33 3.32 -4.33 -32.84
C VAL A 33 2.84 -3.04 -32.19
N ALA A 34 1.62 -3.06 -31.68
CA ALA A 34 1.01 -1.92 -31.02
C ALA A 34 0.57 -2.29 -29.61
N TRP A 35 0.69 -1.34 -28.70
CA TRP A 35 0.29 -1.53 -27.31
C TRP A 35 -0.91 -0.64 -27.00
N TYR A 36 -1.79 -1.15 -26.12
CA TYR A 36 -3.02 -0.47 -25.76
C TYR A 36 -3.20 -0.50 -24.25
N GLN A 37 -3.94 0.50 -23.74
CA GLN A 37 -4.31 0.56 -22.34
C GLN A 37 -5.82 0.61 -22.24
N GLN A 38 -6.38 -0.20 -21.36
CA GLN A 38 -7.82 -0.24 -21.13
C GLN A 38 -8.10 -0.20 -19.65
N LYS A 39 -9.02 0.66 -19.25
CA LYS A 39 -9.50 0.77 -17.88
C LYS A 39 -10.93 0.22 -17.79
N PRO A 40 -11.36 -0.20 -16.60
CA PRO A 40 -12.68 -0.80 -16.46
C PRO A 40 -13.80 0.09 -16.99
N GLY A 41 -14.63 -0.49 -17.86
CA GLY A 41 -15.76 0.22 -18.42
C GLY A 41 -15.45 1.16 -19.57
N LYS A 42 -14.19 1.26 -19.97
CA LYS A 42 -13.78 2.18 -21.03
C LYS A 42 -13.17 1.42 -22.20
N ALA A 43 -13.12 2.08 -23.34
CA ALA A 43 -12.54 1.50 -24.55
C ALA A 43 -11.01 1.58 -24.49
N PRO A 44 -10.32 0.66 -25.17
CA PRO A 44 -8.85 0.71 -25.18
C PRO A 44 -8.33 1.98 -25.82
N LYS A 45 -7.13 2.38 -25.38
CA LYS A 45 -6.48 3.59 -25.87
C LYS A 45 -5.10 3.24 -26.42
N LEU A 46 -4.80 3.75 -27.62
CA LEU A 46 -3.52 3.45 -28.25
C LEU A 46 -2.40 4.20 -27.55
N LEU A 47 -1.34 3.47 -27.17
CA LEU A 47 -0.16 4.05 -26.54
C LEU A 47 1.05 3.96 -27.46
N ILE A 48 1.52 2.75 -27.75
CA ILE A 48 2.70 2.52 -28.59
C ILE A 48 2.21 1.95 -29.92
N TYR A 49 2.72 2.48 -31.02
CA TYR A 49 2.47 1.93 -32.34
C TYR A 49 3.79 1.79 -33.08
N SER A 50 3.82 0.89 -34.04
CA SER A 50 5.02 0.58 -34.82
C SER A 50 6.20 0.25 -33.91
N ALA A 51 5.95 -0.67 -32.97
CA ALA A 51 6.95 -1.21 -32.05
C ALA A 51 7.45 -0.18 -31.05
N SER A 52 7.91 0.99 -31.53
CA SER A 52 8.58 1.95 -30.66
C SER A 52 8.01 3.36 -30.69
N SER A 53 7.16 3.70 -31.66
CA SER A 53 6.69 5.07 -31.78
C SER A 53 5.64 5.38 -30.70
N LEU A 54 5.72 6.60 -30.16
CA LEU A 54 4.81 7.05 -29.13
C LEU A 54 3.62 7.77 -29.75
N TYR A 55 2.41 7.37 -29.37
CA TYR A 55 1.21 7.99 -29.89
C TYR A 55 1.06 9.41 -29.36
N SER A 56 0.47 10.27 -30.19
CA SER A 56 0.28 11.67 -29.82
C SER A 56 -0.68 11.78 -28.64
N GLY A 57 -0.18 12.32 -27.53
CA GLY A 57 -0.98 12.51 -26.33
C GLY A 57 -0.64 11.57 -25.20
N VAL A 58 0.22 10.59 -25.42
CA VAL A 58 0.59 9.61 -24.39
C VAL A 58 1.80 10.13 -23.63
N PRO A 59 1.82 10.03 -22.29
CA PRO A 59 2.95 10.56 -21.53
C PRO A 59 4.28 9.93 -21.93
N SER A 60 5.36 10.61 -21.53
CA SER A 60 6.70 10.22 -21.94
C SER A 60 7.21 8.98 -21.20
N ARG A 61 6.59 8.61 -20.08
CA ARG A 61 7.04 7.44 -19.35
C ARG A 61 6.82 6.15 -20.14
N PHE A 62 5.91 6.16 -21.11
CA PHE A 62 5.68 4.98 -21.94
C PHE A 62 6.70 4.92 -23.06
N SER A 63 7.22 3.71 -23.30
CA SER A 63 8.19 3.50 -24.36
C SER A 63 8.07 2.07 -24.88
N GLY A 64 8.39 1.90 -26.14
CA GLY A 64 8.38 0.57 -26.75
C GLY A 64 9.71 0.28 -27.41
N SER A 65 10.12 -0.99 -27.31
CA SER A 65 11.39 -1.43 -27.87
C SER A 65 11.23 -2.84 -28.43
N ARG A 66 12.04 -3.14 -29.45
CA ARG A 66 12.04 -4.44 -30.10
C ARG A 66 13.45 -5.00 -30.11
N SER A 67 13.61 -6.23 -29.63
CA SER A 67 14.89 -6.92 -29.60
C SER A 67 14.72 -8.25 -30.32
N GLY A 68 14.98 -8.24 -31.63
CA GLY A 68 14.79 -9.42 -32.45
C GLY A 68 13.34 -9.79 -32.62
N THR A 69 12.87 -10.76 -31.82
CA THR A 69 11.48 -11.19 -31.87
C THR A 69 10.66 -10.71 -30.68
N ASP A 70 11.30 -10.24 -29.61
CA ASP A 70 10.60 -9.84 -28.41
C ASP A 70 10.31 -8.34 -28.45
N PHE A 71 9.03 -7.99 -28.29
CA PHE A 71 8.59 -6.61 -28.22
C PHE A 71 8.18 -6.28 -26.80
N THR A 72 8.68 -5.17 -26.27
CA THR A 72 8.47 -4.81 -24.88
C THR A 72 7.85 -3.42 -24.77
N LEU A 73 7.06 -3.23 -23.73
CA LEU A 73 6.51 -1.94 -23.36
C LEU A 73 6.98 -1.61 -21.95
N THR A 74 7.64 -0.47 -21.80
CA THR A 74 8.25 -0.08 -20.53
C THR A 74 7.64 1.21 -20.02
N ILE A 75 7.17 1.18 -18.77
CA ILE A 75 6.74 2.38 -18.06
C ILE A 75 7.84 2.71 -17.06
N SER A 76 8.51 3.84 -17.26
CA SER A 76 9.66 4.19 -16.43
C SER A 76 9.26 4.42 -14.99
N SER A 77 8.23 5.24 -14.76
CA SER A 77 7.74 5.56 -13.42
C SER A 77 6.25 5.31 -13.39
N LEU A 78 5.84 4.22 -12.74
CA LEU A 78 4.42 3.90 -12.64
C LEU A 78 3.70 4.96 -11.82
N GLN A 79 2.58 5.43 -12.33
CA GLN A 79 1.77 6.47 -11.69
C GLN A 79 0.40 5.91 -11.32
N PRO A 80 -0.30 6.55 -10.39
CA PRO A 80 -1.64 6.06 -10.00
C PRO A 80 -2.59 5.91 -11.18
N GLU A 81 -2.47 6.74 -12.21
CA GLU A 81 -3.33 6.64 -13.37
C GLU A 81 -2.87 5.59 -14.36
N ASP A 82 -1.76 4.89 -14.08
CA ASP A 82 -1.23 3.88 -14.98
C ASP A 82 -1.70 2.47 -14.65
N PHE A 83 -2.30 2.26 -13.48
CA PHE A 83 -2.79 0.94 -13.10
C PHE A 83 -4.02 0.61 -13.93
N ALA A 84 -3.85 -0.26 -14.91
CA ALA A 84 -4.92 -0.67 -15.80
C ALA A 84 -4.51 -1.98 -16.47
N THR A 85 -5.23 -2.35 -17.53
CA THR A 85 -4.94 -3.54 -18.30
C THR A 85 -4.27 -3.15 -19.61
N TYR A 86 -3.20 -3.85 -19.96
CA TYR A 86 -2.40 -3.53 -21.14
C TYR A 86 -2.42 -4.71 -22.10
N TYR A 87 -2.62 -4.43 -23.39
CA TYR A 87 -2.71 -5.45 -24.41
C TYR A 87 -1.65 -5.20 -25.48
N CYS A 88 -1.08 -6.29 -25.99
CA CYS A 88 -0.18 -6.25 -27.14
C CYS A 88 -0.93 -6.75 -28.37
N GLN A 89 -0.65 -6.12 -29.51
CA GLN A 89 -1.31 -6.45 -30.77
C GLN A 89 -0.30 -6.78 -31.84
N GLN A 90 -0.55 -7.86 -32.57
CA GLN A 90 0.31 -8.31 -33.65
C GLN A 90 -0.50 -8.49 -34.92
N TYR A 91 0.05 -8.04 -36.04
CA TYR A 91 -0.56 -8.22 -37.35
C TYR A 91 0.21 -9.30 -38.11
N GLY A 92 -0.48 -10.40 -38.43
CA GLY A 92 0.16 -11.50 -39.10
C GLY A 92 -0.78 -12.32 -39.97
N SER A 93 -0.38 -12.56 -41.22
CA SER A 93 -1.17 -13.33 -42.17
C SER A 93 -2.59 -12.77 -42.32
N TYR A 94 -2.66 -11.45 -42.53
CA TYR A 94 -3.91 -10.71 -42.71
C TYR A 94 -4.84 -10.84 -41.50
N LEU A 95 -4.29 -11.21 -40.34
CA LEU A 95 -5.07 -11.39 -39.12
C LEU A 95 -4.48 -10.52 -38.02
N TYR A 96 -5.33 -9.80 -37.30
CA TYR A 96 -4.94 -9.03 -36.14
C TYR A 96 -5.25 -9.84 -34.87
N THR A 97 -4.28 -9.95 -33.98
CA THR A 97 -4.44 -10.71 -32.75
C THR A 97 -3.99 -9.88 -31.57
N PHE A 98 -4.80 -9.85 -30.51
CA PHE A 98 -4.46 -9.18 -29.26
C PHE A 98 -3.86 -10.17 -28.28
N GLY A 99 -3.07 -9.65 -27.36
CA GLY A 99 -2.46 -10.47 -26.34
C GLY A 99 -3.46 -10.92 -25.29
N GLN A 100 -2.94 -11.60 -24.28
CA GLN A 100 -3.80 -12.09 -23.20
C GLN A 100 -4.32 -10.94 -22.34
N GLY A 101 -3.46 -9.96 -22.07
CA GLY A 101 -3.85 -8.85 -21.21
C GLY A 101 -3.12 -8.87 -19.89
N THR A 102 -2.49 -7.75 -19.53
CA THR A 102 -1.74 -7.63 -18.29
C THR A 102 -2.38 -6.55 -17.43
N LYS A 103 -3.01 -6.96 -16.33
CA LYS A 103 -3.67 -6.05 -15.42
C LYS A 103 -2.69 -5.62 -14.34
N VAL A 104 -2.20 -4.38 -14.42
CA VAL A 104 -1.30 -3.85 -13.42
C VAL A 104 -2.11 -3.44 -12.20
N GLU A 105 -1.74 -3.97 -11.04
CA GLU A 105 -2.50 -3.82 -9.81
C GLU A 105 -1.65 -3.13 -8.75
N ILE A 106 -2.29 -2.29 -7.93
CA ILE A 106 -1.58 -1.58 -6.87
C ILE A 106 -1.21 -2.57 -5.76
N LYS A 107 0.04 -2.51 -5.33
CA LYS A 107 0.56 -3.40 -4.29
C LYS A 107 0.51 -2.70 -2.94
N ARG A 108 0.05 -3.42 -1.93
CA ARG A 108 -0.02 -2.90 -0.56
C ARG A 108 0.21 -4.04 0.41
N THR A 109 0.15 -3.72 1.70
CA THR A 109 0.31 -4.74 2.73
C THR A 109 -0.91 -5.66 2.75
N VAL A 110 -0.70 -6.87 3.27
CA VAL A 110 -1.78 -7.85 3.33
C VAL A 110 -2.84 -7.40 4.32
N ALA A 111 -4.10 -7.55 3.94
CA ALA A 111 -5.23 -7.14 4.77
C ALA A 111 -6.23 -8.28 4.84
N ALA A 112 -6.52 -8.76 6.05
CA ALA A 112 -7.46 -9.84 6.22
C ALA A 112 -8.88 -9.38 5.93
N PRO A 113 -9.71 -10.25 5.36
CA PRO A 113 -11.08 -9.86 5.02
C PRO A 113 -12.01 -9.89 6.22
N SER A 114 -13.08 -9.10 6.12
CA SER A 114 -14.16 -9.10 7.09
C SER A 114 -15.28 -9.97 6.53
N VAL A 115 -15.70 -10.96 7.30
CA VAL A 115 -16.63 -11.99 6.83
C VAL A 115 -18.01 -11.76 7.46
N PHE A 116 -19.03 -11.78 6.62
CA PHE A 116 -20.42 -11.70 7.05
C PHE A 116 -21.25 -12.66 6.22
N ILE A 117 -22.14 -13.39 6.88
CA ILE A 117 -22.96 -14.42 6.24
C ILE A 117 -24.42 -14.08 6.49
N PHE A 118 -25.20 -14.02 5.41
CA PHE A 118 -26.57 -13.52 5.47
C PHE A 118 -27.56 -14.62 5.09
N PRO A 119 -28.44 -15.04 5.99
CA PRO A 119 -29.50 -15.99 5.62
C PRO A 119 -30.43 -15.40 4.57
N PRO A 120 -31.20 -16.24 3.88
CA PRO A 120 -32.12 -15.72 2.86
C PRO A 120 -33.30 -14.98 3.48
N SER A 121 -33.86 -14.07 2.70
CA SER A 121 -35.02 -13.32 3.13
C SER A 121 -36.28 -14.16 2.93
N ASP A 122 -37.20 -14.07 3.91
CA ASP A 122 -38.37 -14.92 3.92
C ASP A 122 -39.25 -14.74 2.68
N GLU A 123 -39.13 -13.62 1.98
CA GLU A 123 -39.82 -13.47 0.71
C GLU A 123 -39.25 -14.40 -0.36
N GLN A 124 -37.99 -14.83 -0.21
CA GLN A 124 -37.40 -15.76 -1.17
C GLN A 124 -37.75 -17.20 -0.83
N LEU A 125 -37.78 -17.55 0.46
CA LEU A 125 -38.22 -18.90 0.83
C LEU A 125 -39.65 -19.15 0.38
N LYS A 126 -40.49 -18.12 0.36
CA LYS A 126 -41.85 -18.29 -0.14
C LYS A 126 -41.86 -18.50 -1.64
N SER A 127 -40.85 -18.00 -2.35
CA SER A 127 -40.75 -18.20 -3.79
C SER A 127 -40.31 -19.62 -4.14
N GLY A 128 -39.66 -20.33 -3.22
CA GLY A 128 -39.22 -21.68 -3.45
C GLY A 128 -37.72 -21.89 -3.54
N THR A 129 -36.92 -20.85 -3.31
CA THR A 129 -35.47 -20.96 -3.40
C THR A 129 -34.84 -20.24 -2.22
N ALA A 130 -33.68 -20.73 -1.79
CA ALA A 130 -32.91 -20.15 -0.70
C ALA A 130 -31.56 -19.70 -1.23
N SER A 131 -31.14 -18.49 -0.85
CA SER A 131 -29.86 -17.93 -1.28
C SER A 131 -29.13 -17.39 -0.07
N VAL A 132 -28.10 -18.10 0.38
CA VAL A 132 -27.24 -17.65 1.47
C VAL A 132 -26.01 -17.00 0.86
N VAL A 133 -25.72 -15.77 1.25
CA VAL A 133 -24.59 -15.03 0.73
C VAL A 133 -23.52 -14.90 1.81
N CYS A 134 -22.27 -14.80 1.37
CA CYS A 134 -21.13 -14.59 2.24
C CYS A 134 -20.33 -13.41 1.73
N LEU A 135 -20.09 -12.44 2.60
CA LEU A 135 -19.44 -11.19 2.22
C LEU A 135 -18.00 -11.18 2.71
N LEU A 136 -17.08 -10.88 1.80
CA LEU A 136 -15.66 -10.72 2.11
C LEU A 136 -15.30 -9.28 1.77
N ASN A 137 -15.21 -8.43 2.79
CA ASN A 137 -15.11 -6.98 2.59
C ASN A 137 -13.67 -6.51 2.81
N ASN A 138 -13.15 -5.76 1.84
CA ASN A 138 -11.91 -5.00 1.95
C ASN A 138 -10.73 -5.87 2.37
N PHE A 139 -10.12 -6.56 1.41
CA PHE A 139 -8.97 -7.40 1.68
C PHE A 139 -7.95 -7.27 0.56
N TYR A 140 -6.71 -7.67 0.86
CA TYR A 140 -5.64 -7.72 -0.12
C TYR A 140 -4.69 -8.84 0.29
N PRO A 141 -4.24 -9.68 -0.66
CA PRO A 141 -4.52 -9.65 -2.10
C PRO A 141 -5.91 -10.17 -2.45
N ARG A 142 -6.29 -10.13 -3.73
CA ARG A 142 -7.61 -10.59 -4.15
C ARG A 142 -7.75 -12.10 -4.12
N GLU A 143 -6.69 -12.84 -3.81
CA GLU A 143 -6.74 -14.30 -3.78
C GLU A 143 -7.35 -14.74 -2.45
N ALA A 144 -8.58 -15.25 -2.50
CA ALA A 144 -9.29 -15.72 -1.32
C ALA A 144 -10.10 -16.95 -1.68
N LYS A 145 -10.18 -17.89 -0.75
CA LYS A 145 -10.93 -19.13 -0.95
C LYS A 145 -12.12 -19.16 0.00
N VAL A 146 -13.29 -19.50 -0.55
CA VAL A 146 -14.53 -19.56 0.22
C VAL A 146 -15.07 -20.99 0.12
N GLN A 147 -15.24 -21.62 1.27
CA GLN A 147 -15.75 -22.99 1.36
C GLN A 147 -17.08 -22.97 2.10
N TRP A 148 -18.14 -23.44 1.43
CA TRP A 148 -19.46 -23.52 2.04
C TRP A 148 -19.61 -24.86 2.74
N LYS A 149 -20.13 -24.84 3.97
CA LYS A 149 -20.31 -26.04 4.77
C LYS A 149 -21.76 -26.13 5.21
N VAL A 150 -22.44 -27.18 4.76
CA VAL A 150 -23.82 -27.46 5.13
C VAL A 150 -23.81 -28.64 6.09
N ASP A 151 -24.22 -28.41 7.33
CA ASP A 151 -24.20 -29.44 8.37
C ASP A 151 -22.81 -30.08 8.47
N ASN A 152 -21.78 -29.25 8.43
CA ASN A 152 -20.38 -29.68 8.48
C ASN A 152 -20.02 -30.57 7.28
N ALA A 153 -20.69 -30.38 6.15
CA ALA A 153 -20.38 -31.08 4.92
C ALA A 153 -19.90 -30.08 3.88
N LEU A 154 -18.77 -30.37 3.25
CA LEU A 154 -18.16 -29.44 2.32
C LEU A 154 -18.94 -29.42 1.00
N GLN A 155 -19.32 -28.22 0.56
CA GLN A 155 -20.12 -28.05 -0.65
C GLN A 155 -19.22 -27.73 -1.84
N SER A 156 -19.77 -27.94 -3.04
CA SER A 156 -19.08 -27.63 -4.28
C SER A 156 -20.05 -27.69 -5.45
N GLY A 157 -20.11 -26.62 -6.24
CA GLY A 157 -20.96 -26.57 -7.42
C GLY A 157 -22.28 -25.86 -7.22
N ASN A 158 -22.65 -25.52 -5.99
CA ASN A 158 -23.91 -24.84 -5.71
C ASN A 158 -23.68 -23.41 -5.22
N SER A 159 -22.62 -22.76 -5.70
CA SER A 159 -22.31 -21.40 -5.31
C SER A 159 -21.60 -20.69 -6.45
N GLN A 160 -21.57 -19.37 -6.36
CA GLN A 160 -20.93 -18.54 -7.38
C GLN A 160 -20.28 -17.34 -6.70
N GLU A 161 -19.07 -17.01 -7.12
CA GLU A 161 -18.31 -15.92 -6.55
C GLU A 161 -18.39 -14.67 -7.44
N SER A 162 -18.01 -13.54 -6.87
CA SER A 162 -17.99 -12.28 -7.60
C SER A 162 -17.09 -11.31 -6.84
N VAL A 163 -15.98 -10.92 -7.45
CA VAL A 163 -15.00 -10.05 -6.83
C VAL A 163 -15.04 -8.68 -7.50
N THR A 164 -15.01 -7.63 -6.68
CA THR A 164 -15.09 -6.27 -7.19
C THR A 164 -13.72 -5.80 -7.68
N GLU A 165 -13.73 -4.65 -8.35
CA GLU A 165 -12.49 -4.03 -8.81
C GLU A 165 -11.75 -3.39 -7.64
N GLN A 166 -10.43 -3.31 -7.77
CA GLN A 166 -9.61 -2.80 -6.69
C GLN A 166 -9.97 -1.36 -6.35
N ASP A 167 -10.05 -1.07 -5.06
CA ASP A 167 -10.32 0.29 -4.61
C ASP A 167 -9.14 1.20 -4.95
N SER A 168 -9.45 2.44 -5.32
CA SER A 168 -8.39 3.36 -5.75
C SER A 168 -7.54 3.82 -4.58
N LYS A 169 -8.12 4.01 -3.41
CA LYS A 169 -7.37 4.48 -2.24
C LYS A 169 -6.99 3.36 -1.29
N ASP A 170 -7.87 2.38 -1.07
CA ASP A 170 -7.58 1.30 -0.14
C ASP A 170 -6.81 0.15 -0.79
N SER A 171 -6.79 0.09 -2.12
CA SER A 171 -6.18 -1.00 -2.88
C SER A 171 -6.74 -2.35 -2.48
N THR A 172 -7.96 -2.38 -1.94
CA THR A 172 -8.57 -3.59 -1.42
C THR A 172 -9.57 -4.16 -2.43
N TYR A 173 -10.04 -5.37 -2.13
CA TYR A 173 -11.00 -6.08 -2.95
C TYR A 173 -12.18 -6.51 -2.08
N SER A 174 -13.24 -6.97 -2.74
CA SER A 174 -14.42 -7.45 -2.04
C SER A 174 -15.03 -8.63 -2.79
N LEU A 175 -15.37 -9.69 -2.07
CA LEU A 175 -15.93 -10.89 -2.66
C LEU A 175 -17.33 -11.15 -2.10
N SER A 176 -18.20 -11.69 -2.95
CA SER A 176 -19.55 -12.06 -2.54
C SER A 176 -19.85 -13.44 -3.11
N SER A 177 -19.93 -14.43 -2.24
CA SER A 177 -20.26 -15.81 -2.62
C SER A 177 -21.72 -16.08 -2.28
N THR A 178 -22.48 -16.54 -3.28
CA THR A 178 -23.91 -16.77 -3.14
C THR A 178 -24.19 -18.27 -3.27
N LEU A 179 -24.54 -18.90 -2.15
CA LEU A 179 -24.92 -20.31 -2.13
C LEU A 179 -26.42 -20.39 -2.38
N THR A 180 -26.81 -20.98 -3.51
CA THR A 180 -28.21 -21.09 -3.91
C THR A 180 -28.70 -22.49 -3.63
N LEU A 181 -29.77 -22.61 -2.84
CA LEU A 181 -30.38 -23.88 -2.50
C LEU A 181 -31.89 -23.80 -2.71
N SER A 182 -32.51 -24.98 -2.82
CA SER A 182 -33.95 -25.03 -2.94
C SER A 182 -34.60 -24.90 -1.56
N LYS A 183 -35.90 -24.59 -1.57
CA LYS A 183 -36.63 -24.45 -0.31
C LYS A 183 -36.70 -25.77 0.44
N ALA A 184 -36.72 -26.90 -0.27
CA ALA A 184 -36.75 -28.21 0.38
C ALA A 184 -35.39 -28.58 0.96
N ASP A 185 -34.32 -28.37 0.20
CA ASP A 185 -32.99 -28.69 0.70
C ASP A 185 -32.57 -27.76 1.83
N TYR A 186 -33.01 -26.50 1.79
CA TYR A 186 -32.65 -25.56 2.84
C TYR A 186 -33.29 -25.95 4.18
N GLU A 187 -34.56 -26.34 4.15
CA GLU A 187 -35.24 -26.72 5.39
C GLU A 187 -34.83 -28.09 5.91
N LYS A 188 -33.98 -28.81 5.17
CA LYS A 188 -33.52 -30.12 5.60
C LYS A 188 -32.22 -30.08 6.39
N HIS A 189 -31.62 -28.90 6.54
CA HIS A 189 -30.37 -28.73 7.27
C HIS A 189 -30.49 -27.55 8.22
N LYS A 190 -29.60 -27.51 9.21
CA LYS A 190 -29.66 -26.53 10.28
C LYS A 190 -28.52 -25.52 10.22
N VAL A 191 -27.28 -25.97 10.34
CA VAL A 191 -26.12 -25.09 10.39
C VAL A 191 -25.52 -24.96 8.99
N TYR A 192 -25.37 -23.71 8.53
CA TYR A 192 -24.73 -23.41 7.26
C TYR A 192 -23.56 -22.48 7.55
N ALA A 193 -22.35 -22.90 7.16
CA ALA A 193 -21.14 -22.18 7.49
C ALA A 193 -20.45 -21.68 6.22
N CYS A 194 -19.69 -20.60 6.38
CA CYS A 194 -18.89 -20.01 5.31
C CYS A 194 -17.46 -19.89 5.81
N GLU A 195 -16.60 -20.80 5.38
CA GLU A 195 -15.20 -20.82 5.79
C GLU A 195 -14.37 -20.01 4.80
N VAL A 196 -13.53 -19.12 5.32
CA VAL A 196 -12.74 -18.20 4.51
C VAL A 196 -11.27 -18.36 4.87
N THR A 197 -10.43 -18.58 3.87
CA THR A 197 -8.99 -18.63 4.03
C THR A 197 -8.34 -17.51 3.22
N HIS A 198 -7.28 -16.93 3.76
CA HIS A 198 -6.63 -15.80 3.12
C HIS A 198 -5.18 -15.73 3.57
N GLN A 199 -4.38 -14.97 2.84
CA GLN A 199 -2.98 -14.79 3.22
C GLN A 199 -2.85 -14.07 4.56
N GLY A 200 -3.75 -13.13 4.84
CA GLY A 200 -3.75 -12.41 6.10
C GLY A 200 -4.44 -13.10 7.24
N LEU A 201 -4.85 -14.36 7.06
CA LEU A 201 -5.53 -15.13 8.10
C LEU A 201 -4.66 -16.32 8.46
N SER A 202 -4.15 -16.33 9.70
CA SER A 202 -3.34 -17.46 10.16
C SER A 202 -4.18 -18.72 10.27
N SER A 203 -5.48 -18.58 10.52
CA SER A 203 -6.40 -19.70 10.62
C SER A 203 -7.68 -19.34 9.86
N PRO A 204 -8.36 -20.32 9.27
CA PRO A 204 -9.59 -20.02 8.54
C PRO A 204 -10.65 -19.42 9.46
N VAL A 205 -11.35 -18.41 8.94
CA VAL A 205 -12.41 -17.73 9.68
C VAL A 205 -13.75 -18.25 9.19
N THR A 206 -14.57 -18.72 10.13
CA THR A 206 -15.88 -19.30 9.81
C THR A 206 -16.97 -18.40 10.39
N LYS A 207 -17.88 -17.95 9.53
CA LYS A 207 -19.07 -17.22 9.95
C LYS A 207 -20.27 -18.08 9.62
N SER A 208 -20.96 -18.55 10.65
CA SER A 208 -22.05 -19.52 10.49
C SER A 208 -23.31 -19.00 11.18
N PHE A 209 -24.39 -19.76 11.04
CA PHE A 209 -25.68 -19.42 11.62
C PHE A 209 -26.53 -20.69 11.64
N ASN A 210 -27.65 -20.60 12.35
CA ASN A 210 -28.61 -21.68 12.42
C ASN A 210 -29.93 -21.22 11.83
N ARG A 211 -30.56 -22.09 11.04
CA ARG A 211 -31.81 -21.77 10.37
C ARG A 211 -32.90 -21.43 11.37
N GLY A 212 -33.24 -20.15 11.47
CA GLY A 212 -34.26 -19.71 12.42
C GLY A 212 -33.67 -19.22 13.73
N GLU A 213 -32.55 -18.49 13.64
CA GLU A 213 -31.85 -17.96 14.81
C GLU A 213 -31.49 -19.07 15.80
N ASP B 1 -5.14 -19.41 -26.09
CA ASP B 1 -6.18 -18.45 -26.44
C ASP B 1 -7.56 -19.08 -26.32
N ILE B 2 -7.90 -19.94 -27.29
CA ILE B 2 -9.20 -20.61 -27.28
C ILE B 2 -9.15 -21.77 -26.29
N GLN B 3 -10.14 -21.82 -25.41
CA GLN B 3 -10.27 -22.90 -24.43
C GLN B 3 -11.65 -23.51 -24.57
N MET B 4 -11.70 -24.82 -24.88
CA MET B 4 -12.98 -25.49 -25.02
C MET B 4 -13.54 -25.95 -23.68
N THR B 5 -12.69 -26.16 -22.68
CA THR B 5 -13.11 -26.52 -21.34
C THR B 5 -12.37 -25.66 -20.33
N GLN B 6 -12.82 -25.73 -19.08
CA GLN B 6 -12.21 -24.99 -17.99
C GLN B 6 -11.20 -25.88 -17.26
N SER B 7 -10.53 -25.29 -16.29
CA SER B 7 -9.68 -26.07 -15.41
C SER B 7 -10.47 -26.56 -14.20
N PRO B 8 -10.15 -27.73 -13.67
CA PRO B 8 -10.91 -28.25 -12.53
C PRO B 8 -10.78 -27.35 -11.32
N SER B 9 -11.91 -26.98 -10.73
CA SER B 9 -11.91 -26.19 -9.50
C SER B 9 -11.33 -27.02 -8.37
N SER B 10 -10.68 -26.33 -7.44
CA SER B 10 -9.99 -26.98 -6.32
C SER B 10 -10.84 -26.95 -5.07
N LEU B 11 -10.81 -28.04 -4.31
CA LEU B 11 -11.48 -28.14 -3.03
C LEU B 11 -10.50 -28.69 -2.01
N SER B 12 -10.31 -27.96 -0.91
CA SER B 12 -9.39 -28.36 0.15
C SER B 12 -10.17 -29.06 1.25
N ALA B 13 -9.87 -30.33 1.48
CA ALA B 13 -10.48 -31.12 2.54
C ALA B 13 -9.39 -31.89 3.27
N SER B 14 -9.81 -32.65 4.28
CA SER B 14 -8.92 -33.48 5.09
C SER B 14 -9.38 -34.93 5.02
N VAL B 15 -8.60 -35.82 5.62
CA VAL B 15 -8.97 -37.23 5.68
C VAL B 15 -10.07 -37.40 6.71
N GLY B 16 -11.29 -37.63 6.25
CA GLY B 16 -12.42 -37.88 7.12
C GLY B 16 -13.54 -36.86 7.07
N ASP B 17 -13.57 -35.98 6.07
CA ASP B 17 -14.64 -35.02 5.93
C ASP B 17 -15.77 -35.59 5.08
N ARG B 18 -16.91 -34.90 5.11
CA ARG B 18 -18.06 -35.21 4.27
C ARG B 18 -18.12 -34.16 3.17
N VAL B 19 -17.99 -34.61 1.92
CA VAL B 19 -17.97 -33.71 0.77
C VAL B 19 -19.19 -34.02 -0.10
N THR B 20 -19.89 -32.97 -0.53
CA THR B 20 -21.07 -33.08 -1.38
C THR B 20 -20.89 -32.16 -2.58
N ILE B 21 -20.73 -32.74 -3.76
CA ILE B 21 -20.51 -31.98 -4.99
C ILE B 21 -21.83 -31.94 -5.76
N THR B 22 -22.32 -30.72 -6.02
CA THR B 22 -23.52 -30.53 -6.81
C THR B 22 -23.15 -30.38 -8.28
N CYS B 23 -23.88 -31.07 -9.15
CA CYS B 23 -23.60 -31.03 -10.57
C CYS B 23 -24.22 -29.80 -11.21
N ARG B 24 -23.44 -29.15 -12.09
CA ARG B 24 -23.90 -27.95 -12.77
C ARG B 24 -24.36 -28.27 -14.20
N SER B 26 -28.02 -29.83 -13.39
CA SER B 26 -28.67 -28.53 -13.24
C SER B 26 -29.12 -27.99 -14.59
N GLN B 27 -29.61 -28.88 -15.44
CA GLN B 27 -30.11 -28.51 -16.76
C GLN B 27 -31.49 -29.09 -17.04
N SER B 28 -31.76 -30.31 -16.59
CA SER B 28 -33.08 -30.92 -16.78
C SER B 28 -33.25 -32.00 -15.72
N VAL B 29 -34.48 -32.13 -15.21
CA VAL B 29 -34.76 -33.15 -14.20
C VAL B 29 -34.67 -34.54 -14.80
N SER B 30 -34.91 -34.66 -16.10
CA SER B 30 -34.84 -35.95 -16.79
C SER B 30 -33.42 -36.37 -17.13
N SER B 31 -32.43 -35.57 -16.80
CA SER B 31 -31.04 -35.90 -17.13
C SER B 31 -30.57 -37.09 -16.30
N ALA B 32 -30.16 -38.15 -16.97
CA ALA B 32 -29.53 -39.29 -16.29
C ALA B 32 -28.08 -38.92 -16.05
N VAL B 33 -27.78 -38.43 -14.86
CA VAL B 33 -26.48 -37.87 -14.53
C VAL B 33 -25.54 -38.95 -14.03
N ALA B 34 -24.31 -38.93 -14.52
CA ALA B 34 -23.27 -39.86 -14.13
C ALA B 34 -22.09 -39.11 -13.55
N TRP B 35 -21.37 -39.77 -12.64
CA TRP B 35 -20.22 -39.19 -11.98
C TRP B 35 -18.98 -40.01 -12.29
N TYR B 36 -17.84 -39.33 -12.40
CA TYR B 36 -16.59 -39.97 -12.77
C TYR B 36 -15.46 -39.46 -11.88
N GLN B 37 -14.46 -40.31 -11.68
CA GLN B 37 -13.27 -39.98 -10.92
C GLN B 37 -12.05 -40.11 -11.82
N GLN B 38 -11.11 -39.19 -11.69
CA GLN B 38 -9.90 -39.19 -12.50
C GLN B 38 -8.71 -38.73 -11.67
N LYS B 39 -7.64 -39.50 -11.72
CA LYS B 39 -6.38 -39.17 -11.09
C LYS B 39 -5.34 -38.81 -12.14
N PRO B 40 -4.33 -38.02 -11.79
CA PRO B 40 -3.36 -37.56 -12.80
C PRO B 40 -2.66 -38.73 -13.47
N GLY B 41 -2.79 -38.79 -14.81
CA GLY B 41 -2.18 -39.81 -15.63
C GLY B 41 -3.12 -40.92 -16.06
N LYS B 42 -4.16 -41.19 -15.27
CA LYS B 42 -5.08 -42.28 -15.55
C LYS B 42 -6.35 -41.77 -16.21
N ALA B 43 -7.07 -42.71 -16.83
CA ALA B 43 -8.34 -42.41 -17.49
C ALA B 43 -9.46 -42.32 -16.46
N PRO B 44 -10.52 -41.56 -16.77
CA PRO B 44 -11.64 -41.45 -15.82
C PRO B 44 -12.28 -42.80 -15.56
N LYS B 45 -12.79 -42.96 -14.34
CA LYS B 45 -13.45 -44.20 -13.92
C LYS B 45 -14.87 -43.87 -13.48
N LEU B 46 -15.83 -44.68 -13.92
CA LEU B 46 -17.23 -44.45 -13.56
C LEU B 46 -17.46 -44.77 -12.09
N LEU B 47 -18.13 -43.87 -11.39
CA LEU B 47 -18.45 -44.03 -9.98
C LEU B 47 -19.94 -44.24 -9.74
N ILE B 48 -20.77 -43.30 -10.16
CA ILE B 48 -22.21 -43.34 -9.94
C ILE B 48 -22.90 -43.07 -11.26
N TYR B 49 -23.81 -43.97 -11.64
CA TYR B 49 -24.63 -43.79 -12.83
C TYR B 49 -26.10 -43.74 -12.42
N SER B 50 -26.93 -43.20 -13.32
CA SER B 50 -28.36 -43.03 -13.06
C SER B 50 -28.59 -42.28 -11.74
N ALA B 51 -27.85 -41.17 -11.59
CA ALA B 51 -27.96 -40.26 -10.46
C ALA B 51 -27.52 -40.88 -9.13
N SER B 52 -28.04 -42.07 -8.79
CA SER B 52 -27.84 -42.63 -7.46
C SER B 52 -27.28 -44.04 -7.42
N SER B 53 -27.16 -44.73 -8.54
CA SER B 53 -26.70 -46.12 -8.54
C SER B 53 -25.17 -46.17 -8.55
N LEU B 54 -24.61 -47.02 -7.69
CA LEU B 54 -23.16 -47.17 -7.56
C LEU B 54 -22.63 -48.17 -8.57
N TYR B 55 -21.46 -47.86 -9.13
CA TYR B 55 -20.79 -48.75 -10.06
C TYR B 55 -19.94 -49.76 -9.30
N SER B 56 -19.48 -50.78 -10.03
CA SER B 56 -18.65 -51.81 -9.43
C SER B 56 -17.32 -51.23 -8.97
N GLY B 57 -16.80 -51.77 -7.86
CA GLY B 57 -15.52 -51.33 -7.34
C GLY B 57 -15.54 -49.97 -6.69
N VAL B 58 -16.70 -49.50 -6.24
CA VAL B 58 -16.85 -48.21 -5.58
C VAL B 58 -17.24 -48.46 -4.13
N PRO B 59 -16.51 -47.94 -3.15
CA PRO B 59 -16.85 -48.20 -1.75
C PRO B 59 -18.18 -47.57 -1.36
N SER B 60 -18.66 -47.98 -0.18
CA SER B 60 -19.97 -47.54 0.29
C SER B 60 -19.99 -46.08 0.71
N ARG B 61 -18.83 -45.46 0.92
CA ARG B 61 -18.81 -44.05 1.29
C ARG B 61 -19.35 -43.16 0.17
N PHE B 62 -19.20 -43.59 -1.08
CA PHE B 62 -19.73 -42.84 -2.20
C PHE B 62 -21.24 -43.04 -2.32
N SER B 63 -21.94 -41.97 -2.65
CA SER B 63 -23.39 -42.02 -2.76
C SER B 63 -23.86 -40.93 -3.71
N GLY B 64 -24.98 -41.18 -4.36
CA GLY B 64 -25.58 -40.21 -5.25
C GLY B 64 -27.03 -39.95 -4.88
N SER B 65 -27.45 -38.71 -5.10
CA SER B 65 -28.81 -38.30 -4.75
C SER B 65 -29.29 -37.27 -5.77
N ARG B 66 -30.61 -37.19 -5.90
CA ARG B 66 -31.26 -36.21 -6.76
C ARG B 66 -32.32 -35.47 -5.96
N SER B 67 -32.24 -34.14 -5.97
CA SER B 67 -33.20 -33.28 -5.29
C SER B 67 -33.78 -32.33 -6.34
N GLY B 68 -34.84 -32.78 -7.01
CA GLY B 68 -35.43 -32.00 -8.09
C GLY B 68 -34.56 -31.97 -9.32
N THR B 69 -33.87 -30.85 -9.54
CA THR B 69 -32.94 -30.70 -10.66
C THR B 69 -31.49 -30.65 -10.20
N ASP B 70 -31.24 -30.87 -8.91
CA ASP B 70 -29.88 -30.84 -8.35
C ASP B 70 -29.41 -32.27 -8.12
N PHE B 71 -28.28 -32.62 -8.72
CA PHE B 71 -27.69 -33.94 -8.58
C PHE B 71 -26.38 -33.82 -7.81
N THR B 72 -26.27 -34.58 -6.72
CA THR B 72 -25.17 -34.43 -5.78
C THR B 72 -24.43 -35.76 -5.61
N LEU B 73 -23.11 -35.71 -5.72
CA LEU B 73 -22.25 -36.81 -5.28
C LEU B 73 -21.82 -36.51 -3.85
N THR B 74 -21.83 -37.53 -3.00
CA THR B 74 -21.48 -37.37 -1.60
C THR B 74 -20.49 -38.45 -1.20
N ILE B 75 -19.43 -38.03 -0.51
CA ILE B 75 -18.46 -38.94 0.11
C ILE B 75 -18.63 -38.81 1.62
N SER B 76 -19.05 -39.89 2.26
CA SER B 76 -19.33 -39.83 3.69
C SER B 76 -18.05 -39.58 4.49
N SER B 77 -17.03 -40.41 4.28
CA SER B 77 -15.75 -40.25 4.95
C SER B 77 -14.65 -40.24 3.90
N LEU B 78 -13.87 -39.17 3.85
CA LEU B 78 -12.89 -39.00 2.79
C LEU B 78 -11.62 -39.75 3.16
N GLN B 79 -11.21 -40.67 2.27
CA GLN B 79 -10.04 -41.51 2.43
C GLN B 79 -8.87 -40.96 1.61
N PRO B 80 -7.64 -41.37 1.91
CA PRO B 80 -6.50 -40.91 1.10
C PRO B 80 -6.63 -41.22 -0.38
N GLU B 81 -7.22 -42.37 -0.72
CA GLU B 81 -7.41 -42.72 -2.12
C GLU B 81 -8.52 -41.92 -2.78
N ASP B 82 -9.34 -41.22 -2.00
CA ASP B 82 -10.45 -40.45 -2.57
C ASP B 82 -10.00 -39.11 -3.15
N PHE B 83 -8.81 -38.64 -2.78
CA PHE B 83 -8.31 -37.35 -3.28
C PHE B 83 -8.03 -37.45 -4.78
N ALA B 84 -8.91 -36.86 -5.58
CA ALA B 84 -8.77 -36.88 -7.03
C ALA B 84 -9.67 -35.80 -7.61
N THR B 85 -9.85 -35.82 -8.93
CA THR B 85 -10.76 -34.91 -9.61
C THR B 85 -12.05 -35.63 -9.97
N TYR B 86 -13.17 -34.93 -9.84
CA TYR B 86 -14.49 -35.51 -10.05
C TYR B 86 -15.23 -34.72 -11.12
N TYR B 87 -15.85 -35.43 -12.06
CA TYR B 87 -16.65 -34.83 -13.11
C TYR B 87 -18.06 -35.41 -13.05
N CYS B 88 -19.06 -34.56 -13.26
CA CYS B 88 -20.43 -35.00 -13.47
C CYS B 88 -20.78 -34.87 -14.95
N GLN B 89 -21.64 -35.77 -15.41
CA GLN B 89 -21.99 -35.85 -16.83
C GLN B 89 -23.51 -35.87 -16.98
N GLN B 90 -24.03 -35.01 -17.86
CA GLN B 90 -25.46 -34.91 -18.10
C GLN B 90 -25.74 -35.19 -19.57
N TYR B 91 -26.74 -36.04 -19.81
CA TYR B 91 -27.20 -36.34 -21.16
C TYR B 91 -28.46 -35.53 -21.46
N GLY B 92 -28.46 -34.84 -22.59
CA GLY B 92 -29.59 -34.01 -22.96
C GLY B 92 -29.64 -33.63 -24.42
N SER B 93 -30.68 -34.11 -25.12
CA SER B 93 -30.94 -33.78 -26.53
C SER B 93 -29.73 -34.14 -27.39
N TYR B 94 -29.48 -35.45 -27.47
CA TYR B 94 -28.44 -36.03 -28.32
C TYR B 94 -27.04 -35.50 -27.99
N LEU B 95 -26.88 -34.85 -26.84
CA LEU B 95 -25.60 -34.25 -26.45
C LEU B 95 -25.22 -34.72 -25.06
N TYR B 96 -23.93 -34.99 -24.88
CA TYR B 96 -23.36 -35.30 -23.57
C TYR B 96 -22.51 -34.12 -23.11
N THR B 97 -22.56 -33.85 -21.82
CA THR B 97 -21.87 -32.69 -21.26
C THR B 97 -21.22 -33.06 -19.94
N PHE B 98 -19.92 -32.80 -19.83
CA PHE B 98 -19.18 -32.99 -18.59
C PHE B 98 -19.09 -31.68 -17.83
N GLY B 99 -19.07 -31.79 -16.50
CA GLY B 99 -18.95 -30.63 -15.65
C GLY B 99 -17.56 -30.02 -15.72
N GLN B 100 -17.40 -28.93 -14.98
CA GLN B 100 -16.11 -28.24 -14.95
C GLN B 100 -15.02 -29.12 -14.34
N GLY B 101 -15.38 -29.92 -13.35
CA GLY B 101 -14.40 -30.76 -12.67
C GLY B 101 -14.09 -30.18 -11.30
N THR B 102 -14.02 -31.05 -10.31
CA THR B 102 -13.74 -30.66 -8.92
C THR B 102 -12.57 -31.49 -8.44
N LYS B 103 -11.39 -30.86 -8.35
CA LYS B 103 -10.20 -31.51 -7.83
C LYS B 103 -10.16 -31.34 -6.32
N VAL B 104 -10.22 -32.45 -5.60
CA VAL B 104 -10.20 -32.44 -4.14
C VAL B 104 -8.77 -32.65 -3.67
N GLU B 105 -8.22 -31.66 -2.99
CA GLU B 105 -6.86 -31.71 -2.46
C GLU B 105 -6.90 -31.78 -0.94
N ILE B 106 -5.79 -32.22 -0.36
CA ILE B 106 -5.70 -32.48 1.07
C ILE B 106 -5.22 -31.22 1.79
N LYS B 107 -5.91 -30.86 2.87
CA LYS B 107 -5.51 -29.73 3.69
C LYS B 107 -4.24 -30.05 4.48
N ARG B 108 -3.48 -29.00 4.77
CA ARG B 108 -2.20 -29.16 5.46
C ARG B 108 -1.83 -27.82 6.08
N THR B 109 -1.04 -27.88 7.15
CA THR B 109 -0.52 -26.66 7.76
C THR B 109 0.34 -25.91 6.75
N VAL B 110 0.39 -24.58 6.91
CA VAL B 110 1.11 -23.74 5.96
C VAL B 110 2.59 -24.06 6.01
N ALA B 111 3.20 -24.23 4.83
CA ALA B 111 4.62 -24.49 4.72
C ALA B 111 5.24 -23.47 3.76
N ALA B 112 6.31 -22.82 4.21
CA ALA B 112 6.98 -21.82 3.40
C ALA B 112 7.81 -22.48 2.30
N PRO B 113 7.88 -21.87 1.12
CA PRO B 113 8.67 -22.44 0.04
C PRO B 113 10.16 -22.20 0.21
N SER B 114 10.95 -23.17 -0.25
CA SER B 114 12.40 -23.04 -0.32
C SER B 114 12.75 -22.53 -1.71
N VAL B 115 13.14 -21.26 -1.79
CA VAL B 115 13.38 -20.60 -3.07
C VAL B 115 14.82 -20.79 -3.49
N PHE B 116 15.01 -21.12 -4.77
CA PHE B 116 16.34 -21.28 -5.36
C PHE B 116 16.33 -20.67 -6.74
N ILE B 117 17.37 -19.89 -7.05
CA ILE B 117 17.52 -19.28 -8.36
C ILE B 117 18.66 -19.96 -9.10
N PHE B 118 18.52 -20.06 -10.42
CA PHE B 118 19.50 -20.72 -11.26
C PHE B 118 19.86 -19.82 -12.43
N PRO B 119 21.07 -19.25 -12.45
CA PRO B 119 21.51 -18.47 -13.62
C PRO B 119 21.60 -19.36 -14.85
N PRO B 120 21.57 -18.77 -16.05
CA PRO B 120 21.62 -19.58 -17.27
C PRO B 120 22.97 -20.28 -17.42
N SER B 121 22.93 -21.46 -18.02
CA SER B 121 24.14 -22.23 -18.24
C SER B 121 24.98 -21.60 -19.33
N ASP B 122 26.29 -21.87 -19.27
CA ASP B 122 27.20 -21.35 -20.29
C ASP B 122 26.96 -22.01 -21.65
N GLU B 123 26.47 -23.25 -21.65
CA GLU B 123 26.18 -23.92 -22.91
C GLU B 123 25.01 -23.26 -23.64
N GLN B 124 23.95 -22.93 -22.89
CA GLN B 124 22.79 -22.28 -23.50
C GLN B 124 23.11 -20.86 -23.94
N LEU B 125 24.02 -20.18 -23.22
CA LEU B 125 24.37 -18.80 -23.57
C LEU B 125 25.05 -18.72 -24.93
N LYS B 126 25.73 -19.79 -25.34
CA LYS B 126 26.38 -19.80 -26.65
C LYS B 126 25.38 -19.94 -27.79
N SER B 127 24.18 -20.46 -27.50
CA SER B 127 23.17 -20.64 -28.53
C SER B 127 22.34 -19.38 -28.77
N GLY B 128 22.55 -18.32 -28.00
CA GLY B 128 21.85 -17.07 -28.21
C GLY B 128 20.66 -16.84 -27.31
N THR B 129 20.40 -17.72 -26.35
CA THR B 129 19.27 -17.59 -25.44
C THR B 129 19.73 -17.82 -24.01
N ALA B 130 19.04 -17.19 -23.06
CA ALA B 130 19.32 -17.32 -21.65
C ALA B 130 18.03 -17.64 -20.90
N SER B 131 18.11 -18.61 -19.98
CA SER B 131 16.96 -19.05 -19.21
C SER B 131 17.31 -19.03 -17.73
N VAL B 132 16.65 -18.16 -16.97
CA VAL B 132 16.79 -18.10 -15.53
C VAL B 132 15.61 -18.83 -14.89
N VAL B 133 15.90 -19.71 -13.95
CA VAL B 133 14.89 -20.57 -13.33
C VAL B 133 14.78 -20.24 -11.86
N CYS B 134 13.59 -19.85 -11.42
CA CYS B 134 13.29 -19.64 -10.02
C CYS B 134 12.46 -20.83 -9.52
N LEU B 135 12.98 -21.54 -8.54
CA LEU B 135 12.37 -22.77 -8.06
C LEU B 135 11.75 -22.55 -6.68
N LEU B 136 10.50 -22.98 -6.51
CA LEU B 136 9.81 -22.95 -5.24
C LEU B 136 9.56 -24.41 -4.84
N ASN B 137 10.20 -24.86 -3.78
CA ASN B 137 10.23 -26.27 -3.43
C ASN B 137 9.43 -26.51 -2.15
N ASN B 138 8.45 -27.42 -2.24
CA ASN B 138 7.72 -27.95 -1.09
C ASN B 138 7.08 -26.86 -0.24
N PHE B 139 5.86 -26.46 -0.60
CA PHE B 139 5.15 -25.43 0.14
C PHE B 139 3.66 -25.74 0.14
N TYR B 140 2.94 -25.03 1.00
CA TYR B 140 1.49 -25.13 1.08
C TYR B 140 0.98 -23.84 1.71
N PRO B 141 -0.12 -23.25 1.20
CA PRO B 141 -0.97 -23.70 0.08
C PRO B 141 -0.31 -23.51 -1.28
N ARG B 142 -1.02 -23.89 -2.35
CA ARG B 142 -0.49 -23.76 -3.69
C ARG B 142 -0.37 -22.30 -4.11
N GLU B 143 -1.18 -21.42 -3.53
CA GLU B 143 -1.22 -20.01 -3.91
C GLU B 143 0.12 -19.33 -3.65
N ALA B 144 0.93 -19.19 -4.71
CA ALA B 144 2.23 -18.54 -4.62
C ALA B 144 2.39 -17.58 -5.79
N LYS B 145 2.95 -16.41 -5.51
CA LYS B 145 3.17 -15.38 -6.51
C LYS B 145 4.67 -15.19 -6.73
N VAL B 146 5.11 -15.39 -7.98
CA VAL B 146 6.50 -15.24 -8.36
C VAL B 146 6.62 -13.99 -9.22
N GLN B 147 7.45 -13.04 -8.78
CA GLN B 147 7.64 -11.77 -9.45
C GLN B 147 9.09 -11.65 -9.91
N TRP B 148 9.30 -11.57 -11.23
CA TRP B 148 10.63 -11.43 -11.79
C TRP B 148 11.03 -9.96 -11.84
N LYS B 149 12.28 -9.68 -11.50
CA LYS B 149 12.83 -8.33 -11.52
C LYS B 149 14.22 -8.39 -12.12
N VAL B 150 14.45 -7.59 -13.17
CA VAL B 150 15.76 -7.45 -13.77
C VAL B 150 16.17 -5.97 -13.67
N ASP B 151 17.27 -5.72 -12.95
CA ASP B 151 17.70 -4.35 -12.65
C ASP B 151 16.58 -3.56 -11.98
N ASN B 152 15.86 -4.23 -11.07
CA ASN B 152 14.75 -3.67 -10.32
C ASN B 152 13.57 -3.28 -11.21
N ALA B 153 13.54 -3.78 -12.44
CA ALA B 153 12.43 -3.54 -13.36
C ALA B 153 11.50 -4.75 -13.34
N LEU B 154 10.25 -4.53 -12.93
CA LEU B 154 9.31 -5.62 -12.81
C LEU B 154 8.97 -6.21 -14.17
N GLN B 155 9.10 -7.52 -14.31
CA GLN B 155 8.91 -8.20 -15.57
C GLN B 155 7.53 -8.85 -15.64
N SER B 156 7.04 -9.00 -16.87
CA SER B 156 5.75 -9.67 -17.11
C SER B 156 5.69 -10.05 -18.59
N GLY B 157 5.37 -11.32 -18.85
CA GLY B 157 5.25 -11.82 -20.20
C GLY B 157 6.46 -12.55 -20.73
N ASN B 158 7.60 -12.48 -20.04
CA ASN B 158 8.81 -13.15 -20.47
C ASN B 158 9.18 -14.31 -19.54
N SER B 159 8.18 -14.92 -18.92
CA SER B 159 8.40 -16.04 -18.02
C SER B 159 7.19 -16.96 -18.05
N GLN B 160 7.43 -18.23 -17.74
CA GLN B 160 6.39 -19.25 -17.72
C GLN B 160 6.49 -20.05 -16.43
N GLU B 161 5.35 -20.39 -15.85
CA GLU B 161 5.29 -21.11 -14.59
C GLU B 161 4.82 -22.54 -14.80
N SER B 162 5.08 -23.37 -13.81
CA SER B 162 4.64 -24.76 -13.84
C SER B 162 4.61 -25.28 -12.40
N VAL B 163 3.46 -25.77 -11.97
CA VAL B 163 3.26 -26.27 -10.62
C VAL B 163 3.17 -27.79 -10.67
N THR B 164 3.93 -28.45 -9.79
CA THR B 164 3.87 -29.90 -9.70
C THR B 164 2.60 -30.32 -8.97
N GLU B 165 2.26 -31.61 -9.11
CA GLU B 165 1.11 -32.14 -8.41
C GLU B 165 1.39 -32.26 -6.91
N GLN B 166 0.32 -32.26 -6.12
CA GLN B 166 0.47 -32.38 -4.67
C GLN B 166 1.14 -33.71 -4.33
N ASP B 167 2.22 -33.63 -3.56
CA ASP B 167 2.99 -34.82 -3.21
C ASP B 167 2.17 -35.74 -2.31
N SER B 168 2.38 -37.05 -2.47
CA SER B 168 1.59 -38.03 -1.73
C SER B 168 2.03 -38.12 -0.27
N LYS B 169 3.28 -37.84 0.03
CA LYS B 169 3.81 -38.01 1.38
C LYS B 169 3.60 -36.76 2.24
N ASP B 170 4.12 -35.61 1.79
CA ASP B 170 4.06 -34.39 2.58
C ASP B 170 2.96 -33.42 2.14
N SER B 171 2.25 -33.73 1.05
CA SER B 171 1.08 -32.95 0.61
C SER B 171 1.45 -31.49 0.33
N THR B 172 2.59 -31.28 -0.30
CA THR B 172 3.04 -29.94 -0.66
C THR B 172 3.12 -29.82 -2.18
N TYR B 173 3.26 -28.58 -2.64
CA TYR B 173 3.41 -28.27 -4.05
C TYR B 173 4.81 -27.71 -4.31
N SER B 174 5.16 -27.65 -5.60
CA SER B 174 6.43 -27.10 -6.03
C SER B 174 6.22 -26.32 -7.32
N LEU B 175 6.91 -25.19 -7.45
CA LEU B 175 6.75 -24.30 -8.58
C LEU B 175 8.10 -24.04 -9.22
N SER B 176 8.09 -23.90 -10.56
CA SER B 176 9.30 -23.59 -11.31
C SER B 176 8.96 -22.51 -12.33
N SER B 177 9.56 -21.34 -12.18
CA SER B 177 9.36 -20.22 -13.07
C SER B 177 10.62 -20.02 -13.92
N THR B 178 10.47 -20.07 -15.23
CA THR B 178 11.58 -19.96 -16.16
C THR B 178 11.48 -18.63 -16.90
N LEU B 179 12.39 -17.71 -16.57
CA LEU B 179 12.48 -16.43 -17.27
C LEU B 179 13.44 -16.58 -18.45
N THR B 180 12.91 -16.40 -19.66
CA THR B 180 13.67 -16.60 -20.88
C THR B 180 14.00 -15.25 -21.51
N LEU B 181 15.29 -15.02 -21.74
CA LEU B 181 15.78 -13.80 -22.39
C LEU B 181 16.75 -14.17 -23.50
N SER B 182 16.85 -13.28 -24.48
CA SER B 182 17.87 -13.46 -25.51
C SER B 182 19.26 -13.17 -24.93
N LYS B 183 20.28 -13.72 -25.59
CA LYS B 183 21.64 -13.51 -25.13
C LYS B 183 22.01 -12.04 -25.14
N ALA B 184 21.54 -11.30 -26.16
CA ALA B 184 21.81 -9.87 -26.23
C ALA B 184 21.13 -9.13 -25.08
N ASP B 185 19.85 -9.40 -24.86
CA ASP B 185 19.12 -8.73 -23.78
C ASP B 185 19.62 -9.17 -22.40
N TYR B 186 20.08 -10.41 -22.29
CA TYR B 186 20.56 -10.89 -20.99
C TYR B 186 21.85 -10.18 -20.57
N GLU B 187 22.68 -9.79 -21.53
CA GLU B 187 23.93 -9.11 -21.21
C GLU B 187 23.76 -7.61 -21.01
N LYS B 188 22.59 -7.06 -21.29
CA LYS B 188 22.36 -5.63 -21.11
C LYS B 188 22.10 -5.25 -19.66
N HIS B 189 21.89 -6.24 -18.77
CA HIS B 189 21.53 -5.97 -17.38
C HIS B 189 22.46 -6.73 -16.46
N LYS B 190 22.33 -6.44 -15.16
CA LYS B 190 23.26 -6.98 -14.16
C LYS B 190 22.55 -7.91 -13.18
N VAL B 191 21.63 -7.40 -12.36
CA VAL B 191 21.02 -8.19 -11.29
C VAL B 191 19.72 -8.80 -11.79
N TYR B 192 19.53 -10.09 -11.52
CA TYR B 192 18.31 -10.81 -11.87
C TYR B 192 17.73 -11.42 -10.61
N ALA B 193 16.51 -11.03 -10.26
CA ALA B 193 15.88 -11.44 -9.02
C ALA B 193 14.47 -11.97 -9.29
N CYS B 194 14.05 -12.93 -8.48
CA CYS B 194 12.68 -13.42 -8.47
C CYS B 194 12.13 -13.25 -7.05
N GLU B 195 11.02 -12.55 -6.94
CA GLU B 195 10.39 -12.29 -5.65
C GLU B 195 9.24 -13.27 -5.43
N VAL B 196 9.22 -13.90 -4.27
CA VAL B 196 8.27 -14.97 -3.96
C VAL B 196 7.39 -14.51 -2.81
N THR B 197 6.08 -14.46 -3.05
CA THR B 197 5.10 -14.12 -2.04
C THR B 197 4.31 -15.37 -1.67
N HIS B 198 4.18 -15.63 -0.37
CA HIS B 198 3.50 -16.84 0.09
C HIS B 198 3.06 -16.65 1.54
N GLN B 199 2.13 -17.50 1.96
CA GLN B 199 1.63 -17.44 3.33
C GLN B 199 2.71 -17.77 4.34
N GLY B 200 3.55 -18.78 4.04
CA GLY B 200 4.60 -19.18 4.95
C GLY B 200 5.66 -18.13 5.16
N LEU B 201 5.81 -17.19 4.23
CA LEU B 201 6.77 -16.10 4.35
C LEU B 201 6.09 -14.88 4.96
N SER B 202 6.67 -14.37 6.04
CA SER B 202 6.14 -13.15 6.65
C SER B 202 6.25 -11.97 5.68
N SER B 203 7.38 -11.85 5.00
CA SER B 203 7.62 -10.88 3.96
C SER B 203 8.09 -11.59 2.71
N PRO B 204 7.84 -11.04 1.52
CA PRO B 204 8.26 -11.70 0.29
C PRO B 204 9.77 -11.91 0.25
N VAL B 205 10.17 -13.15 -0.05
CA VAL B 205 11.57 -13.51 -0.12
C VAL B 205 12.07 -13.29 -1.54
N THR B 206 13.25 -12.68 -1.66
CA THR B 206 13.87 -12.40 -2.95
C THR B 206 15.18 -13.14 -3.06
N LYS B 207 15.37 -13.87 -4.16
CA LYS B 207 16.62 -14.55 -4.46
C LYS B 207 17.17 -13.96 -5.76
N SER B 208 18.40 -13.47 -5.71
CA SER B 208 18.99 -12.77 -6.84
C SER B 208 20.42 -13.22 -7.04
N PHE B 209 20.94 -12.90 -8.23
CA PHE B 209 22.34 -13.13 -8.57
C PHE B 209 22.79 -12.02 -9.51
N ASN B 210 24.09 -11.97 -9.76
CA ASN B 210 24.68 -11.02 -10.68
C ASN B 210 25.28 -11.75 -11.88
N ARG B 211 25.40 -11.02 -12.99
CA ARG B 211 25.92 -11.61 -14.21
C ARG B 211 27.32 -12.19 -13.99
N GLY B 212 28.15 -11.49 -13.24
CA GLY B 212 29.47 -12.00 -12.88
C GLY B 212 29.47 -12.68 -11.54
N GLU B 213 29.27 -14.00 -11.53
CA GLU B 213 29.24 -14.76 -10.28
C GLU B 213 30.61 -14.78 -9.61
N ASP C 1 8.12 29.21 19.43
CA ASP C 1 8.93 29.61 20.57
C ASP C 1 8.91 28.54 21.66
N ILE C 2 8.66 28.96 22.90
CA ILE C 2 8.56 28.02 24.01
C ILE C 2 7.33 27.14 23.80
N GLN C 3 7.55 25.82 23.78
CA GLN C 3 6.51 24.85 23.51
C GLN C 3 6.27 24.00 24.76
N MET C 4 5.01 23.95 25.21
CA MET C 4 4.67 23.16 26.39
C MET C 4 4.68 21.68 26.06
N THR C 5 3.65 21.21 25.36
CA THR C 5 3.58 19.82 24.95
C THR C 5 3.97 19.68 23.48
N GLN C 6 4.53 18.53 23.14
CA GLN C 6 4.98 18.29 21.78
C GLN C 6 3.80 18.00 20.86
N SER C 7 4.02 18.22 19.57
CA SER C 7 3.03 17.84 18.58
C SER C 7 2.88 16.32 18.56
N PRO C 8 1.68 15.80 18.35
CA PRO C 8 1.50 14.35 18.35
C PRO C 8 2.27 13.69 17.23
N SER C 9 3.01 12.62 17.56
CA SER C 9 3.68 11.84 16.56
C SER C 9 2.67 11.11 15.68
N SER C 10 3.11 10.71 14.49
CA SER C 10 2.24 10.12 13.49
C SER C 10 2.67 8.70 13.17
N LEU C 11 1.70 7.82 13.01
CA LEU C 11 1.94 6.46 12.50
C LEU C 11 0.90 6.16 11.43
N SER C 12 1.35 5.58 10.33
CA SER C 12 0.49 5.24 9.21
C SER C 12 0.08 3.77 9.32
N ALA C 13 -1.21 3.52 9.10
CA ALA C 13 -1.73 2.15 9.15
C ALA C 13 -2.96 2.06 8.26
N SER C 14 -3.36 0.83 7.97
CA SER C 14 -4.53 0.54 7.15
C SER C 14 -5.66 0.01 8.02
N VAL C 15 -6.85 -0.03 7.43
CA VAL C 15 -8.01 -0.59 8.11
C VAL C 15 -7.81 -2.08 8.32
N GLY C 16 -7.97 -2.54 9.56
CA GLY C 16 -7.78 -3.93 9.91
C GLY C 16 -6.39 -4.28 10.40
N ASP C 17 -5.54 -3.29 10.64
CA ASP C 17 -4.18 -3.54 11.11
C ASP C 17 -4.15 -3.66 12.63
N ARG C 18 -3.11 -4.32 13.13
CA ARG C 18 -2.87 -4.44 14.56
C ARG C 18 -1.84 -3.40 14.99
N VAL C 19 -2.24 -2.52 15.90
CA VAL C 19 -1.38 -1.45 16.39
C VAL C 19 -1.22 -1.61 17.90
N THR C 20 0.00 -1.40 18.38
CA THR C 20 0.32 -1.48 19.80
C THR C 20 1.17 -0.28 20.17
N ILE C 21 0.55 0.73 20.80
CA ILE C 21 1.26 1.92 21.26
C ILE C 21 1.82 1.65 22.65
N THR C 22 3.12 1.90 22.81
CA THR C 22 3.79 1.69 24.08
C THR C 22 3.98 3.03 24.80
N CYS C 23 3.49 3.10 26.04
CA CYS C 23 3.65 4.28 26.89
C CYS C 23 4.69 3.92 27.94
N ARG C 24 5.94 4.23 27.65
CA ARG C 24 7.04 3.93 28.57
C ARG C 24 6.93 4.84 29.79
N ALA C 25 6.42 4.29 30.89
CA ALA C 25 6.21 5.05 32.11
C ALA C 25 7.53 5.45 32.75
N GLN C 27 8.69 7.74 36.38
CA GLN C 27 8.04 7.51 37.66
C GLN C 27 7.50 6.09 37.73
N SER C 28 6.65 5.73 36.76
CA SER C 28 6.08 4.40 36.64
C SER C 28 5.29 3.99 37.87
N VAL C 29 4.07 4.52 38.01
CA VAL C 29 3.13 4.08 39.03
C VAL C 29 2.22 3.07 38.38
N SER C 30 2.52 1.79 38.57
CA SER C 30 1.82 0.71 37.89
C SER C 30 0.35 0.66 38.32
N SER C 31 -0.45 -0.01 37.49
CA SER C 31 -1.89 -0.18 37.71
C SER C 31 -2.61 1.16 37.84
N ALA C 32 -2.13 2.17 37.14
CA ALA C 32 -2.77 3.48 37.16
C ALA C 32 -2.67 4.23 35.84
N VAL C 33 -2.02 3.67 34.82
CA VAL C 33 -1.86 4.35 33.54
C VAL C 33 -3.18 4.28 32.79
N ALA C 34 -3.65 5.43 32.30
CA ALA C 34 -4.88 5.52 31.53
C ALA C 34 -4.57 5.91 30.09
N TRP C 35 -5.50 5.56 29.20
CA TRP C 35 -5.39 5.85 27.78
C TRP C 35 -6.59 6.66 27.32
N TYR C 36 -6.36 7.58 26.38
CA TYR C 36 -7.40 8.46 25.88
C TYR C 36 -7.33 8.53 24.37
N GLN C 37 -8.47 8.77 23.74
CA GLN C 37 -8.58 8.97 22.30
C GLN C 37 -9.19 10.34 22.04
N GLN C 38 -8.59 11.10 21.14
CA GLN C 38 -9.06 12.43 20.80
C GLN C 38 -9.13 12.57 19.28
N LYS C 39 -10.26 13.03 18.79
CA LYS C 39 -10.49 13.37 17.39
C LYS C 39 -10.42 14.88 17.21
N PRO C 40 -10.08 15.36 16.01
CA PRO C 40 -9.91 16.80 15.82
C PRO C 40 -11.18 17.57 16.09
N GLY C 41 -11.07 18.59 16.95
CA GLY C 41 -12.19 19.43 17.30
C GLY C 41 -13.05 18.93 18.43
N LYS C 42 -12.68 17.84 19.08
CA LYS C 42 -13.47 17.25 20.15
C LYS C 42 -12.59 17.02 21.37
N ALA C 43 -13.23 16.70 22.49
CA ALA C 43 -12.54 16.44 23.73
C ALA C 43 -12.03 14.99 23.78
N PRO C 44 -10.97 14.74 24.53
CA PRO C 44 -10.47 13.36 24.65
C PRO C 44 -11.48 12.46 25.34
N LYS C 45 -11.46 11.18 24.96
CA LYS C 45 -12.37 10.18 25.47
C LYS C 45 -11.58 9.06 26.13
N LEU C 46 -11.93 8.74 27.38
CA LEU C 46 -11.22 7.71 28.12
C LEU C 46 -11.49 6.33 27.52
N LEU C 47 -10.43 5.62 27.16
CA LEU C 47 -10.54 4.27 26.60
C LEU C 47 -10.22 3.19 27.64
N ILE C 48 -8.99 3.20 28.15
CA ILE C 48 -8.52 2.19 29.09
C ILE C 48 -8.07 2.90 30.36
N TYR C 49 -8.47 2.37 31.50
CA TYR C 49 -8.01 2.87 32.80
C TYR C 49 -7.42 1.70 33.58
N SER C 50 -6.64 2.03 34.61
CA SER C 50 -5.99 1.04 35.46
C SER C 50 -5.22 0.02 34.64
N ALA C 51 -4.42 0.53 33.70
CA ALA C 51 -3.56 -0.26 32.83
C ALA C 51 -4.35 -1.16 31.88
N SER C 52 -5.19 -2.04 32.42
CA SER C 52 -5.84 -3.07 31.62
C SER C 52 -7.36 -3.01 31.63
N SER C 53 -7.97 -2.24 32.52
CA SER C 53 -9.43 -2.22 32.63
C SER C 53 -10.04 -1.40 31.49
N LEU C 54 -11.02 -1.98 30.80
CA LEU C 54 -11.67 -1.33 29.68
C LEU C 54 -12.84 -0.49 30.16
N TYR C 55 -12.87 0.78 29.75
CA TYR C 55 -13.95 1.67 30.13
C TYR C 55 -15.25 1.26 29.45
N SER C 56 -16.36 1.58 30.10
CA SER C 56 -17.67 1.20 29.58
C SER C 56 -17.96 1.91 28.27
N GLY C 57 -18.39 1.16 27.27
CA GLY C 57 -18.71 1.69 25.96
C GLY C 57 -17.61 1.51 24.92
N VAL C 58 -16.39 1.18 25.33
CA VAL C 58 -15.28 0.99 24.42
C VAL C 58 -15.39 -0.39 23.78
N PRO C 59 -15.22 -0.51 22.46
CA PRO C 59 -15.27 -1.84 21.83
C PRO C 59 -14.15 -2.75 22.33
N SER C 60 -14.36 -4.05 22.13
CA SER C 60 -13.42 -5.05 22.63
C SER C 60 -12.10 -5.07 21.88
N ARG C 61 -12.00 -4.42 20.71
CA ARG C 61 -10.74 -4.37 19.99
C ARG C 61 -9.67 -3.65 20.80
N PHE C 62 -10.06 -2.63 21.57
CA PHE C 62 -9.11 -1.94 22.43
C PHE C 62 -8.73 -2.84 23.61
N SER C 63 -7.45 -2.81 23.98
CA SER C 63 -6.97 -3.63 25.08
C SER C 63 -5.73 -2.99 25.67
N GLY C 64 -5.63 -3.02 26.99
CA GLY C 64 -4.48 -2.50 27.71
C GLY C 64 -3.78 -3.61 28.46
N SER C 65 -2.45 -3.55 28.47
CA SER C 65 -1.65 -4.56 29.15
C SER C 65 -0.38 -3.92 29.68
N ARG C 66 0.04 -4.35 30.86
CA ARG C 66 1.26 -3.86 31.50
C ARG C 66 2.26 -5.00 31.61
N SER C 67 3.48 -4.76 31.12
CA SER C 67 4.58 -5.73 31.21
C SER C 67 5.76 -5.02 31.89
N GLY C 68 5.97 -5.34 33.16
CA GLY C 68 7.02 -4.68 33.92
C GLY C 68 6.71 -3.22 34.16
N THR C 69 7.43 -2.34 33.48
CA THR C 69 7.20 -0.90 33.58
C THR C 69 6.67 -0.30 32.29
N ASP C 70 6.30 -1.13 31.32
CA ASP C 70 5.83 -0.68 30.02
C ASP C 70 4.33 -0.96 29.88
N PHE C 71 3.57 0.07 29.51
CA PHE C 71 2.14 -0.05 29.33
C PHE C 71 1.81 0.09 27.85
N THR C 72 1.00 -0.83 27.33
CA THR C 72 0.70 -0.88 25.91
C THR C 72 -0.81 -0.84 25.69
N LEU C 73 -1.22 -0.11 24.67
CA LEU C 73 -2.60 -0.08 24.20
C LEU C 73 -2.65 -0.72 22.82
N THR C 74 -3.37 -1.82 22.70
CA THR C 74 -3.39 -2.61 21.48
C THR C 74 -4.78 -2.57 20.84
N ILE C 75 -4.82 -2.23 19.56
CA ILE C 75 -6.04 -2.34 18.75
C ILE C 75 -5.87 -3.57 17.87
N SER C 76 -6.72 -4.57 18.08
CA SER C 76 -6.57 -5.84 17.37
C SER C 76 -6.77 -5.66 15.87
N SER C 77 -7.78 -4.90 15.47
CA SER C 77 -8.07 -4.64 14.07
C SER C 77 -8.52 -3.21 13.93
N LEU C 78 -7.74 -2.41 13.20
CA LEU C 78 -8.03 -0.99 13.06
C LEU C 78 -9.31 -0.79 12.24
N GLN C 79 -10.27 -0.10 12.84
CA GLN C 79 -11.51 0.29 12.18
C GLN C 79 -11.43 1.74 11.74
N PRO C 80 -12.24 2.14 10.75
CA PRO C 80 -12.17 3.54 10.28
C PRO C 80 -12.43 4.57 11.36
N GLU C 81 -13.17 4.20 12.41
CA GLU C 81 -13.45 5.13 13.50
C GLU C 81 -12.26 5.29 14.45
N ASP C 82 -11.26 4.42 14.37
CA ASP C 82 -10.13 4.43 15.29
C ASP C 82 -8.99 5.31 14.84
N PHE C 83 -9.12 5.98 13.69
CA PHE C 83 -8.05 6.85 13.20
C PHE C 83 -8.19 8.19 13.91
N ALA C 84 -7.37 8.39 14.95
CA ALA C 84 -7.39 9.60 15.75
C ALA C 84 -6.09 9.65 16.54
N THR C 85 -6.01 10.57 17.50
CA THR C 85 -4.83 10.71 18.34
C THR C 85 -5.06 10.03 19.67
N TYR C 86 -4.03 9.33 20.16
CA TYR C 86 -4.12 8.56 21.39
C TYR C 86 -3.08 9.07 22.38
N TYR C 87 -3.52 9.31 23.61
CA TYR C 87 -2.66 9.79 24.68
C TYR C 87 -2.65 8.80 25.83
N CYS C 88 -1.47 8.56 26.39
CA CYS C 88 -1.33 7.81 27.63
C CYS C 88 -1.16 8.78 28.80
N GLN C 89 -1.60 8.35 29.98
CA GLN C 89 -1.61 9.21 31.16
C GLN C 89 -1.01 8.47 32.33
N GLN C 90 -0.07 9.09 33.02
CA GLN C 90 0.57 8.53 34.20
C GLN C 90 0.35 9.45 35.39
N TYR C 91 0.17 8.85 36.57
CA TYR C 91 0.05 9.59 37.82
C TYR C 91 1.26 9.32 38.70
N GLY C 92 1.66 10.34 39.45
CA GLY C 92 2.80 10.21 40.34
C GLY C 92 3.23 11.54 40.93
N SER C 93 3.50 11.55 42.24
CA SER C 93 3.91 12.76 42.96
C SER C 93 2.87 13.87 42.80
N TYR C 94 1.59 13.50 42.91
CA TYR C 94 0.48 14.43 42.75
C TYR C 94 0.56 15.17 41.43
N LEU C 95 0.96 14.46 40.38
CA LEU C 95 1.13 15.03 39.05
C LEU C 95 0.55 14.09 38.01
N TYR C 96 -0.32 14.63 37.15
CA TYR C 96 -0.86 13.91 36.01
C TYR C 96 -0.09 14.33 34.77
N THR C 97 0.51 13.36 34.09
CA THR C 97 1.33 13.63 32.91
C THR C 97 0.78 12.86 31.72
N PHE C 98 0.53 13.57 30.62
CA PHE C 98 0.11 12.95 29.38
C PHE C 98 1.32 12.66 28.51
N GLY C 99 1.18 11.67 27.63
CA GLY C 99 2.23 11.32 26.71
C GLY C 99 2.39 12.35 25.62
N GLN C 100 3.32 12.06 24.70
CA GLN C 100 3.56 12.96 23.58
C GLN C 100 2.34 13.05 22.68
N GLY C 101 1.66 11.92 22.47
CA GLY C 101 0.53 11.88 21.57
C GLY C 101 0.83 11.12 20.30
N THR C 102 -0.02 10.17 19.94
CA THR C 102 0.19 9.31 18.77
C THR C 102 -1.04 9.43 17.88
N LYS C 103 -0.93 10.18 16.80
CA LYS C 103 -2.02 10.35 15.84
C LYS C 103 -1.93 9.24 14.80
N VAL C 104 -2.88 8.31 14.84
CA VAL C 104 -2.92 7.22 13.88
C VAL C 104 -3.56 7.72 12.59
N GLU C 105 -2.81 7.64 11.49
CA GLU C 105 -3.25 8.15 10.20
C GLU C 105 -3.54 6.98 9.27
N ILE C 106 -4.62 7.10 8.49
CA ILE C 106 -5.02 6.04 7.57
C ILE C 106 -4.16 6.10 6.31
N LYS C 107 -3.78 4.93 5.81
CA LYS C 107 -2.95 4.83 4.62
C LYS C 107 -3.81 4.76 3.37
N ARG C 108 -3.23 5.23 2.26
CA ARG C 108 -3.88 5.14 0.96
C ARG C 108 -2.81 5.09 -0.11
N THR C 109 -3.22 4.71 -1.32
CA THR C 109 -2.31 4.73 -2.45
C THR C 109 -1.82 6.16 -2.68
N VAL C 110 -0.49 6.32 -2.77
CA VAL C 110 0.07 7.66 -2.81
C VAL C 110 -0.41 8.38 -4.07
N ALA C 111 -0.59 9.69 -3.95
CA ALA C 111 -1.11 10.50 -5.04
C ALA C 111 -0.31 11.79 -5.12
N ALA C 112 0.08 12.18 -6.32
CA ALA C 112 0.83 13.41 -6.50
C ALA C 112 -0.08 14.62 -6.30
N PRO C 113 0.40 15.66 -5.64
CA PRO C 113 -0.44 16.85 -5.44
C PRO C 113 -0.64 17.62 -6.74
N SER C 114 -1.75 18.35 -6.80
CA SER C 114 -2.03 19.26 -7.91
C SER C 114 -1.54 20.65 -7.53
N VAL C 115 -0.42 21.06 -8.12
CA VAL C 115 0.26 22.29 -7.73
C VAL C 115 -0.38 23.47 -8.47
N PHE C 116 -0.84 24.46 -7.70
CA PHE C 116 -1.39 25.69 -8.25
C PHE C 116 -0.70 26.88 -7.59
N ILE C 117 -0.40 27.89 -8.38
CA ILE C 117 0.24 29.11 -7.90
C ILE C 117 -0.67 30.29 -8.20
N PHE C 118 -0.81 31.18 -7.21
CA PHE C 118 -1.69 32.34 -7.33
C PHE C 118 -0.88 33.62 -7.10
N PRO C 119 -0.87 34.56 -8.05
CA PRO C 119 -0.18 35.83 -7.84
C PRO C 119 -0.99 36.73 -6.93
N PRO C 120 -0.34 37.70 -6.27
CA PRO C 120 -1.09 38.58 -5.36
C PRO C 120 -2.05 39.47 -6.13
N SER C 121 -3.25 39.64 -5.58
CA SER C 121 -4.27 40.43 -6.22
C SER C 121 -3.88 41.90 -6.27
N ASP C 122 -4.49 42.63 -7.20
CA ASP C 122 -4.24 44.07 -7.31
C ASP C 122 -4.84 44.84 -6.14
N GLU C 123 -5.87 44.29 -5.49
CA GLU C 123 -6.44 44.95 -4.32
C GLU C 123 -5.47 44.92 -3.14
N GLN C 124 -4.82 43.78 -2.91
CA GLN C 124 -3.83 43.69 -1.85
C GLN C 124 -2.58 44.50 -2.19
N LEU C 125 -2.26 44.62 -3.48
CA LEU C 125 -1.11 45.42 -3.88
C LEU C 125 -1.30 46.89 -3.53
N LYS C 126 -2.55 47.35 -3.46
CA LYS C 126 -2.82 48.74 -3.10
C LYS C 126 -2.64 48.99 -1.61
N SER C 127 -2.62 47.94 -0.79
CA SER C 127 -2.43 48.09 0.64
C SER C 127 -0.97 48.17 1.05
N GLY C 128 -0.05 47.69 0.20
CA GLY C 128 1.37 47.71 0.50
C GLY C 128 1.99 46.37 0.74
N THR C 129 1.22 45.29 0.73
CA THR C 129 1.72 43.95 0.96
C THR C 129 1.31 43.04 -0.18
N ALA C 130 2.14 42.02 -0.44
CA ALA C 130 1.89 41.06 -1.51
C ALA C 130 1.97 39.65 -0.93
N SER C 131 0.97 38.83 -1.25
CA SER C 131 0.91 37.46 -0.76
C SER C 131 0.75 36.52 -1.94
N VAL C 132 1.80 35.75 -2.24
CA VAL C 132 1.75 34.72 -3.26
C VAL C 132 1.41 33.40 -2.60
N VAL C 133 0.45 32.68 -3.17
CA VAL C 133 -0.08 31.45 -2.58
C VAL C 133 0.24 30.28 -3.50
N CYS C 134 0.78 29.21 -2.93
CA CYS C 134 0.99 27.96 -3.64
C CYS C 134 0.11 26.89 -3.02
N LEU C 135 -0.62 26.16 -3.86
CA LEU C 135 -1.63 25.20 -3.41
C LEU C 135 -1.22 23.79 -3.79
N LEU C 136 -1.21 22.89 -2.81
CA LEU C 136 -1.01 21.46 -3.01
C LEU C 136 -2.32 20.76 -2.63
N ASN C 137 -2.96 20.14 -3.61
CA ASN C 137 -4.32 19.63 -3.44
C ASN C 137 -4.35 18.11 -3.56
N ASN C 138 -4.97 17.47 -2.57
CA ASN C 138 -5.30 16.04 -2.61
C ASN C 138 -4.08 15.16 -2.88
N PHE C 139 -3.22 14.99 -1.88
CA PHE C 139 -2.03 14.19 -2.04
C PHE C 139 -1.84 13.29 -0.82
N TYR C 140 -1.02 12.26 -0.99
CA TYR C 140 -0.63 11.36 0.07
C TYR C 140 0.73 10.79 -0.32
N PRO C 141 1.68 10.68 0.62
CA PRO C 141 1.58 10.97 2.06
C PRO C 141 1.60 12.47 2.37
N ARG C 142 1.48 12.81 3.65
CA ARG C 142 1.47 14.21 4.07
C ARG C 142 2.80 14.90 3.77
N GLU C 143 3.91 14.13 3.80
CA GLU C 143 5.23 14.69 3.61
C GLU C 143 5.38 15.33 2.24
N ALA C 144 5.47 16.66 2.21
CA ALA C 144 5.68 17.41 0.98
C ALA C 144 6.66 18.54 1.25
N LYS C 145 7.46 18.87 0.25
CA LYS C 145 8.50 19.89 0.36
C LYS C 145 8.26 20.97 -0.69
N VAL C 146 7.72 22.11 -0.27
CA VAL C 146 7.54 23.26 -1.13
C VAL C 146 8.76 24.16 -0.99
N GLN C 147 9.17 24.78 -2.09
CA GLN C 147 10.37 25.62 -2.11
C GLN C 147 10.07 26.86 -2.95
N TRP C 148 10.10 28.02 -2.32
CA TRP C 148 9.83 29.26 -3.02
C TRP C 148 11.10 29.77 -3.70
N LYS C 149 10.97 30.14 -4.97
CA LYS C 149 12.09 30.64 -5.76
C LYS C 149 11.70 31.98 -6.36
N VAL C 150 12.43 33.03 -6.00
CA VAL C 150 12.20 34.38 -6.50
C VAL C 150 13.42 34.77 -7.32
N ASP C 151 13.26 34.82 -8.64
CA ASP C 151 14.37 35.10 -9.56
C ASP C 151 15.54 34.16 -9.32
N ASN C 152 15.23 32.87 -9.25
CA ASN C 152 16.20 31.79 -9.03
C ASN C 152 16.91 31.91 -7.69
N ALA C 153 16.32 32.63 -6.74
CA ALA C 153 16.86 32.75 -5.39
C ALA C 153 16.00 31.92 -4.45
N LEU C 154 16.61 30.93 -3.80
CA LEU C 154 15.87 30.06 -2.89
C LEU C 154 15.46 30.84 -1.65
N GLN C 155 14.16 30.85 -1.36
CA GLN C 155 13.63 31.61 -0.25
C GLN C 155 13.53 30.75 1.01
N SER C 156 13.57 31.40 2.16
CA SER C 156 13.46 30.73 3.45
C SER C 156 13.17 31.76 4.52
N GLY C 157 12.12 31.52 5.31
CA GLY C 157 11.77 32.39 6.42
C GLY C 157 10.68 33.40 6.12
N ASN C 158 10.30 33.57 4.86
CA ASN C 158 9.26 34.52 4.48
C ASN C 158 7.98 33.82 4.02
N SER C 159 7.84 32.53 4.28
CA SER C 159 6.67 31.77 3.88
C SER C 159 6.14 31.00 5.08
N GLN C 160 4.85 30.63 5.00
CA GLN C 160 4.19 29.87 6.04
C GLN C 160 3.32 28.79 5.40
N GLU C 161 3.31 27.62 6.01
CA GLU C 161 2.56 26.47 5.50
C GLU C 161 1.37 26.19 6.41
N SER C 162 0.29 25.70 5.79
CA SER C 162 -0.93 25.34 6.51
C SER C 162 -1.51 24.10 5.85
N VAL C 163 -1.52 22.98 6.57
CA VAL C 163 -2.02 21.71 6.04
C VAL C 163 -3.39 21.42 6.63
N THR C 164 -4.31 20.98 5.78
CA THR C 164 -5.64 20.62 6.22
C THR C 164 -5.65 19.25 6.88
N GLU C 165 -6.72 18.96 7.61
CA GLU C 165 -6.89 17.65 8.19
C GLU C 165 -7.16 16.62 7.11
N GLN C 166 -6.71 15.39 7.35
CA GLN C 166 -6.88 14.31 6.38
C GLN C 166 -8.36 14.10 6.08
N ASP C 167 -8.69 14.05 4.80
CA ASP C 167 -10.07 13.89 4.39
C ASP C 167 -10.60 12.53 4.85
N SER C 168 -11.82 12.54 5.40
CA SER C 168 -12.41 11.30 5.89
C SER C 168 -12.77 10.35 4.75
N LYS C 169 -13.19 10.89 3.61
CA LYS C 169 -13.57 10.09 2.45
C LYS C 169 -12.43 9.91 1.46
N ASP C 170 -11.58 10.92 1.28
CA ASP C 170 -10.52 10.86 0.29
C ASP C 170 -9.20 10.35 0.86
N SER C 171 -8.98 10.51 2.17
CA SER C 171 -7.75 10.12 2.84
C SER C 171 -6.53 10.89 2.31
N THR C 172 -6.75 12.00 1.62
CA THR C 172 -5.67 12.82 1.10
C THR C 172 -5.48 14.08 1.94
N TYR C 173 -4.39 14.79 1.68
CA TYR C 173 -4.04 16.00 2.39
C TYR C 173 -4.05 17.19 1.44
N SER C 174 -3.89 18.38 2.01
CA SER C 174 -3.80 19.60 1.24
C SER C 174 -3.07 20.65 2.07
N LEU C 175 -2.10 21.32 1.47
CA LEU C 175 -1.35 22.36 2.14
C LEU C 175 -1.32 23.62 1.29
N SER C 176 -1.05 24.75 1.93
CA SER C 176 -0.98 26.04 1.26
C SER C 176 0.23 26.80 1.79
N SER C 177 1.16 27.13 0.88
CA SER C 177 2.32 27.95 1.21
C SER C 177 2.04 29.38 0.77
N THR C 178 2.32 30.33 1.66
CA THR C 178 2.02 31.74 1.43
C THR C 178 3.31 32.55 1.55
N LEU C 179 3.82 33.02 0.42
CA LEU C 179 4.98 33.90 0.40
C LEU C 179 4.51 35.34 0.56
N THR C 180 4.95 36.00 1.63
CA THR C 180 4.51 37.34 1.98
C THR C 180 5.68 38.30 1.86
N LEU C 181 5.51 39.35 1.03
CA LEU C 181 6.49 40.41 0.90
C LEU C 181 5.78 41.75 0.82
N SER C 182 6.54 42.82 1.04
CA SER C 182 6.00 44.15 0.87
C SER C 182 5.80 44.46 -0.61
N LYS C 183 5.08 45.54 -0.89
CA LYS C 183 4.84 45.94 -2.27
C LYS C 183 6.14 46.32 -2.97
N ALA C 184 7.10 46.87 -2.24
CA ALA C 184 8.37 47.25 -2.84
C ALA C 184 9.20 46.03 -3.21
N ASP C 185 9.28 45.04 -2.31
CA ASP C 185 10.05 43.85 -2.60
C ASP C 185 9.42 43.02 -3.71
N TYR C 186 8.10 43.09 -3.86
CA TYR C 186 7.43 42.32 -4.90
C TYR C 186 7.77 42.86 -6.28
N GLU C 187 7.72 44.18 -6.45
CA GLU C 187 7.99 44.79 -7.74
C GLU C 187 9.46 44.79 -8.11
N LYS C 188 10.35 44.38 -7.19
CA LYS C 188 11.78 44.34 -7.47
C LYS C 188 12.22 43.03 -8.10
N HIS C 189 11.30 42.10 -8.35
CA HIS C 189 11.63 40.82 -8.96
C HIS C 189 10.56 40.45 -9.96
N LYS C 190 10.88 39.48 -10.83
CA LYS C 190 10.03 39.10 -11.94
C LYS C 190 9.47 37.69 -11.79
N VAL C 191 10.32 36.67 -11.79
CA VAL C 191 9.89 35.28 -11.81
C VAL C 191 9.66 34.80 -10.39
N TYR C 192 8.46 34.28 -10.13
CA TYR C 192 8.09 33.75 -8.83
C TYR C 192 7.66 32.29 -9.02
N ALA C 193 8.48 31.37 -8.53
CA ALA C 193 8.27 29.94 -8.74
C ALA C 193 7.94 29.24 -7.43
N CYS C 194 7.37 28.04 -7.57
CA CYS C 194 7.01 27.20 -6.42
C CYS C 194 7.35 25.76 -6.79
N GLU C 195 8.51 25.30 -6.35
CA GLU C 195 8.95 23.93 -6.62
C GLU C 195 8.41 22.99 -5.54
N VAL C 196 7.79 21.90 -5.97
CA VAL C 196 7.13 20.96 -5.07
C VAL C 196 7.75 19.58 -5.26
N THR C 197 8.26 19.02 -4.17
CA THR C 197 8.82 17.67 -4.16
C THR C 197 7.91 16.76 -3.35
N HIS C 198 7.60 15.59 -3.90
CA HIS C 198 6.68 14.67 -3.26
C HIS C 198 7.01 13.25 -3.71
N GLN C 199 6.57 12.28 -2.90
CA GLN C 199 6.82 10.88 -3.21
C GLN C 199 6.17 10.48 -4.53
N GLY C 200 4.95 10.91 -4.77
CA GLY C 200 4.24 10.59 -6.00
C GLY C 200 4.78 11.27 -7.24
N LEU C 201 5.77 12.14 -7.10
CA LEU C 201 6.36 12.87 -8.22
C LEU C 201 7.77 12.33 -8.46
N SER C 202 8.01 11.84 -9.67
CA SER C 202 9.34 11.34 -10.02
C SER C 202 10.36 12.48 -10.03
N SER C 203 9.95 13.65 -10.48
CA SER C 203 10.78 14.86 -10.47
C SER C 203 9.99 16.00 -9.86
N PRO C 204 10.67 16.91 -9.16
CA PRO C 204 9.96 18.04 -8.54
C PRO C 204 9.27 18.91 -9.58
N VAL C 205 8.01 19.24 -9.30
CA VAL C 205 7.20 20.07 -10.19
C VAL C 205 7.30 21.52 -9.73
N THR C 206 7.56 22.42 -10.67
CA THR C 206 7.76 23.84 -10.39
C THR C 206 6.70 24.64 -11.14
N LYS C 207 5.69 25.12 -10.41
CA LYS C 207 4.68 26.01 -10.96
C LYS C 207 5.11 27.44 -10.72
N SER C 208 5.32 28.18 -11.81
CA SER C 208 5.86 29.54 -11.73
C SER C 208 4.97 30.50 -12.50
N PHE C 209 5.20 31.80 -12.28
CA PHE C 209 4.54 32.86 -13.02
C PHE C 209 5.46 34.06 -13.08
N ASN C 210 5.13 34.98 -13.99
CA ASN C 210 5.89 36.21 -14.17
C ASN C 210 5.01 37.39 -13.78
N ARG C 211 5.55 38.27 -12.93
CA ARG C 211 4.83 39.46 -12.50
C ARG C 211 4.50 40.34 -13.70
N GLY C 212 3.21 40.45 -14.02
CA GLY C 212 2.78 41.19 -15.18
C GLY C 212 2.58 40.36 -16.44
N GLU C 213 2.30 39.06 -16.31
CA GLU C 213 2.10 38.17 -17.45
C GLU C 213 3.28 38.21 -18.43
N GLU D 1 -13.51 16.67 -34.87
CA GLU D 1 -13.06 15.61 -33.98
C GLU D 1 -13.62 14.26 -34.43
N VAL D 2 -12.74 13.28 -34.63
CA VAL D 2 -13.16 11.98 -35.12
C VAL D 2 -13.89 11.22 -34.01
N GLN D 3 -15.04 10.66 -34.35
CA GLN D 3 -15.86 9.92 -33.39
C GLN D 3 -16.41 8.67 -34.05
N LEU D 4 -16.42 7.57 -33.30
CA LEU D 4 -16.98 6.30 -33.74
C LEU D 4 -18.13 5.95 -32.81
N VAL D 5 -19.31 5.73 -33.38
CA VAL D 5 -20.52 5.45 -32.60
C VAL D 5 -21.06 4.09 -33.03
N GLU D 6 -21.10 3.14 -32.10
CA GLU D 6 -21.66 1.83 -32.35
C GLU D 6 -23.14 1.80 -31.99
N SER D 7 -23.88 0.93 -32.68
CA SER D 7 -25.30 0.78 -32.43
C SER D 7 -25.77 -0.52 -33.07
N GLY D 8 -26.95 -0.98 -32.63
CA GLY D 8 -27.56 -2.18 -33.17
C GLY D 8 -27.53 -3.36 -32.22
N GLY D 9 -26.66 -3.35 -31.22
CA GLY D 9 -26.56 -4.46 -30.30
C GLY D 9 -27.77 -4.60 -29.41
N GLY D 10 -27.80 -5.69 -28.65
CA GLY D 10 -28.90 -5.94 -27.75
C GLY D 10 -29.03 -7.44 -27.47
N LEU D 11 -30.28 -7.87 -27.29
CA LEU D 11 -30.59 -9.26 -27.01
C LEU D 11 -30.88 -9.98 -28.32
N VAL D 12 -30.24 -11.14 -28.50
CA VAL D 12 -30.46 -11.98 -29.67
C VAL D 12 -30.51 -13.44 -29.22
N GLN D 13 -31.29 -14.23 -29.92
CA GLN D 13 -31.37 -15.64 -29.57
C GLN D 13 -30.25 -16.43 -30.26
N PRO D 14 -29.83 -17.54 -29.66
CA PRO D 14 -28.83 -18.40 -30.33
C PRO D 14 -29.34 -18.85 -31.70
N GLY D 15 -28.47 -18.75 -32.70
CA GLY D 15 -28.85 -18.98 -34.07
C GLY D 15 -29.52 -17.81 -34.75
N GLY D 16 -29.79 -16.73 -34.03
CA GLY D 16 -30.37 -15.54 -34.61
C GLY D 16 -29.32 -14.65 -35.26
N SER D 17 -29.78 -13.50 -35.75
CA SER D 17 -28.92 -12.55 -36.44
C SER D 17 -28.96 -11.19 -35.77
N LEU D 18 -27.92 -10.42 -36.02
CA LEU D 18 -27.83 -9.04 -35.58
C LEU D 18 -26.92 -8.29 -36.55
N ARG D 19 -27.16 -6.99 -36.68
CA ARG D 19 -26.38 -6.15 -37.58
C ARG D 19 -25.99 -4.89 -36.83
N LEU D 20 -24.70 -4.73 -36.55
CA LEU D 20 -24.20 -3.54 -35.90
C LEU D 20 -23.84 -2.49 -36.94
N SER D 21 -23.94 -1.23 -36.54
CA SER D 21 -23.57 -0.10 -37.39
C SER D 21 -22.57 0.76 -36.64
N CYS D 22 -21.50 1.17 -37.33
CA CYS D 22 -20.46 2.02 -36.76
C CYS D 22 -20.49 3.33 -37.52
N ALA D 23 -21.27 4.30 -37.04
CA ALA D 23 -21.34 5.62 -37.66
C ALA D 23 -20.10 6.41 -37.27
N ALA D 24 -19.37 6.90 -38.26
CA ALA D 24 -18.13 7.61 -38.06
C ALA D 24 -18.30 9.09 -38.39
N SER D 25 -17.46 9.92 -37.75
CA SER D 25 -17.46 11.36 -37.98
C SER D 25 -16.02 11.86 -37.96
N GLY D 26 -15.84 13.08 -38.45
CA GLY D 26 -14.53 13.71 -38.45
C GLY D 26 -13.56 13.25 -39.52
N PHE D 27 -13.88 12.17 -40.24
CA PHE D 27 -12.99 11.67 -41.27
C PHE D 27 -13.80 10.83 -42.25
N ASN D 28 -13.24 10.64 -43.43
CA ASN D 28 -13.83 9.78 -44.46
C ASN D 28 -13.28 8.38 -44.31
N ILE D 29 -14.17 7.41 -44.07
CA ILE D 29 -13.79 6.01 -43.85
C ILE D 29 -13.37 5.32 -45.14
N TYR D 30 -13.45 6.00 -46.29
CA TYR D 30 -13.20 5.35 -47.56
C TYR D 30 -11.79 4.79 -47.63
N TYR D 31 -10.78 5.65 -47.53
CA TYR D 31 -9.39 5.23 -47.66
C TYR D 31 -8.84 4.56 -46.40
N ASN D 32 -9.60 4.53 -45.31
CA ASN D 32 -9.12 3.99 -44.05
C ASN D 32 -9.63 2.56 -43.85
N TYR D 33 -9.19 1.94 -42.75
CA TYR D 33 -9.54 0.57 -42.40
C TYR D 33 -10.43 0.60 -41.16
N ILE D 34 -11.63 0.04 -41.28
CA ILE D 34 -12.55 -0.07 -40.16
C ILE D 34 -12.47 -1.48 -39.61
N HIS D 35 -12.38 -1.60 -38.29
CA HIS D 35 -12.26 -2.88 -37.62
C HIS D 35 -13.36 -3.05 -36.59
N TRP D 36 -13.63 -4.31 -36.23
CA TRP D 36 -14.55 -4.66 -35.17
C TRP D 36 -13.79 -5.51 -34.15
N VAL D 37 -13.81 -5.07 -32.89
CA VAL D 37 -13.14 -5.78 -31.80
C VAL D 37 -14.17 -6.01 -30.71
N ARG D 38 -14.30 -7.26 -30.27
CA ARG D 38 -15.24 -7.62 -29.22
C ARG D 38 -14.49 -8.06 -27.97
N GLN D 39 -15.14 -7.90 -26.82
CA GLN D 39 -14.53 -8.22 -25.54
C GLN D 39 -15.59 -8.88 -24.66
N ALA D 40 -15.39 -10.17 -24.36
CA ALA D 40 -16.30 -10.88 -23.48
C ALA D 40 -16.21 -10.32 -22.05
N PRO D 41 -17.28 -10.44 -21.27
CA PRO D 41 -17.25 -9.91 -19.90
C PRO D 41 -16.12 -10.52 -19.07
N GLY D 42 -15.25 -9.64 -18.58
CA GLY D 42 -14.11 -10.08 -17.78
C GLY D 42 -12.99 -10.71 -18.56
N LYS D 43 -13.02 -10.66 -19.89
CA LYS D 43 -12.01 -11.26 -20.73
C LYS D 43 -11.27 -10.16 -21.50
N GLY D 44 -10.38 -10.58 -22.41
CA GLY D 44 -9.59 -9.66 -23.19
C GLY D 44 -10.24 -9.33 -24.52
N LEU D 45 -9.51 -8.56 -25.32
CA LEU D 45 -10.01 -8.11 -26.61
C LEU D 45 -9.78 -9.15 -27.68
N GLU D 46 -10.67 -9.17 -28.68
CA GLU D 46 -10.59 -10.13 -29.78
C GLU D 46 -10.98 -9.40 -31.06
N TRP D 47 -10.01 -9.25 -31.97
CA TRP D 47 -10.31 -8.71 -33.29
C TRP D 47 -11.10 -9.73 -34.09
N VAL D 48 -12.10 -9.26 -34.83
CA VAL D 48 -13.00 -10.17 -35.54
C VAL D 48 -13.07 -9.88 -37.03
N ALA D 49 -12.86 -8.61 -37.43
CA ALA D 49 -13.06 -8.27 -38.82
C ALA D 49 -12.38 -6.94 -39.15
N GLU D 50 -12.03 -6.78 -40.42
CA GLU D 50 -11.44 -5.57 -40.96
C GLU D 50 -11.97 -5.34 -42.37
N PHE D 51 -12.31 -4.08 -42.68
CA PHE D 51 -12.80 -3.73 -44.00
C PHE D 51 -12.12 -2.47 -44.50
N SER D 52 -11.87 -2.43 -45.81
CA SER D 52 -11.34 -1.25 -46.48
C SER D 52 -12.17 -0.99 -47.72
N PRO D 53 -13.06 0.00 -47.70
CA PRO D 53 -13.94 0.23 -48.86
C PRO D 53 -13.20 0.57 -50.14
N TYR D 54 -12.02 1.18 -50.05
CA TYR D 54 -11.24 1.47 -51.27
C TYR D 54 -10.86 0.19 -51.99
N SER D 55 -10.27 -0.76 -51.27
CA SER D 55 -9.90 -2.05 -51.85
C SER D 55 -11.03 -3.07 -51.82
N GLY D 56 -12.03 -2.87 -50.96
CA GLY D 56 -13.12 -3.80 -50.83
C GLY D 56 -12.77 -5.11 -50.15
N SER D 57 -11.54 -5.27 -49.68
CA SER D 57 -11.11 -6.52 -49.07
C SER D 57 -11.69 -6.67 -47.68
N THR D 58 -12.16 -7.89 -47.37
CA THR D 58 -12.71 -8.22 -46.08
C THR D 58 -11.89 -9.34 -45.46
N TYR D 59 -11.44 -9.13 -44.23
CA TYR D 59 -10.65 -10.12 -43.50
C TYR D 59 -11.30 -10.36 -42.14
N TYR D 60 -11.49 -11.63 -41.81
CA TYR D 60 -12.19 -12.03 -40.59
C TYR D 60 -11.32 -12.92 -39.73
N ALA D 61 -11.58 -12.91 -38.44
CA ALA D 61 -10.96 -13.87 -37.54
C ALA D 61 -11.55 -15.26 -37.77
N ASP D 62 -10.73 -16.28 -37.54
CA ASP D 62 -11.16 -17.66 -37.80
C ASP D 62 -12.35 -18.06 -36.94
N SER D 63 -12.56 -17.41 -35.80
CA SER D 63 -13.67 -17.75 -34.92
C SER D 63 -15.01 -17.23 -35.44
N VAL D 64 -15.01 -16.34 -36.43
CA VAL D 64 -16.23 -15.78 -36.99
C VAL D 64 -16.35 -15.98 -38.48
N LYS D 65 -15.39 -16.63 -39.12
CA LYS D 65 -15.42 -16.81 -40.57
C LYS D 65 -16.64 -17.63 -40.98
N GLY D 66 -17.32 -17.16 -42.03
CA GLY D 66 -18.51 -17.80 -42.52
C GLY D 66 -19.80 -17.37 -41.86
N ARG D 67 -19.72 -16.74 -40.68
CA ARG D 67 -20.89 -16.26 -39.98
C ARG D 67 -20.97 -14.74 -39.92
N PHE D 68 -19.84 -14.04 -39.88
CA PHE D 68 -19.80 -12.59 -39.79
C PHE D 68 -19.38 -12.02 -41.14
N THR D 69 -20.08 -10.97 -41.58
CA THR D 69 -19.75 -10.27 -42.81
C THR D 69 -19.59 -8.79 -42.49
N ILE D 70 -18.44 -8.23 -42.83
CA ILE D 70 -18.17 -6.81 -42.60
C ILE D 70 -18.38 -6.06 -43.91
N SER D 71 -18.90 -4.83 -43.81
CA SER D 71 -19.17 -4.00 -44.97
C SER D 71 -19.28 -2.56 -44.51
N ALA D 72 -19.49 -1.66 -45.47
CA ALA D 72 -19.63 -0.24 -45.16
C ALA D 72 -20.52 0.40 -46.21
N ASP D 73 -20.90 1.65 -45.93
CA ASP D 73 -21.71 2.45 -46.86
C ASP D 73 -21.13 3.87 -46.84
N THR D 74 -20.40 4.23 -47.89
CA THR D 74 -19.78 5.54 -47.95
C THR D 74 -20.78 6.68 -48.06
N SER D 75 -22.03 6.37 -48.43
CA SER D 75 -23.06 7.40 -48.51
C SER D 75 -23.35 8.01 -47.14
N LYS D 76 -23.26 7.21 -46.09
CA LYS D 76 -23.50 7.68 -44.72
C LYS D 76 -22.26 7.59 -43.85
N ASN D 77 -21.11 7.22 -44.41
CA ASN D 77 -19.87 7.08 -43.67
C ASN D 77 -20.04 6.15 -42.47
N THR D 78 -20.67 5.00 -42.73
CA THR D 78 -21.01 4.05 -41.69
C THR D 78 -20.62 2.65 -42.14
N ALA D 79 -19.96 1.91 -41.25
CA ALA D 79 -19.63 0.51 -41.48
C ALA D 79 -20.67 -0.38 -40.82
N TYR D 80 -20.68 -1.65 -41.23
CA TYR D 80 -21.66 -2.60 -40.75
C TYR D 80 -20.98 -3.92 -40.42
N LEU D 81 -21.58 -4.65 -39.48
CA LEU D 81 -21.12 -5.99 -39.11
C LEU D 81 -22.35 -6.87 -38.95
N GLN D 82 -22.61 -7.70 -39.96
CA GLN D 82 -23.73 -8.63 -39.94
C GLN D 82 -23.28 -9.95 -39.29
N MET D 83 -23.97 -10.36 -38.24
CA MET D 83 -23.65 -11.59 -37.52
C MET D 83 -24.77 -12.60 -37.74
N ASN D 84 -24.46 -13.71 -38.38
CA ASN D 84 -25.40 -14.81 -38.58
C ASN D 84 -24.98 -16.00 -37.72
N SER D 85 -25.96 -16.85 -37.42
CA SER D 85 -25.74 -18.07 -36.64
C SER D 85 -25.01 -17.76 -35.33
N LEU D 86 -25.55 -16.80 -34.59
CA LEU D 86 -24.89 -16.33 -33.38
C LEU D 86 -24.94 -17.40 -32.28
N ARG D 87 -23.82 -17.58 -31.60
CA ARG D 87 -23.69 -18.53 -30.51
C ARG D 87 -23.54 -17.77 -29.19
N ALA D 88 -23.71 -18.51 -28.09
CA ALA D 88 -23.63 -17.91 -26.77
C ALA D 88 -22.25 -17.32 -26.51
N GLU D 89 -21.19 -17.94 -27.03
CA GLU D 89 -19.84 -17.43 -26.85
C GLU D 89 -19.60 -16.11 -27.55
N ASP D 90 -20.49 -15.71 -28.46
CA ASP D 90 -20.39 -14.42 -29.13
C ASP D 90 -20.89 -13.27 -28.26
N THR D 91 -21.37 -13.55 -27.05
CA THR D 91 -21.81 -12.50 -26.14
C THR D 91 -20.61 -11.68 -25.68
N ALA D 92 -20.57 -10.41 -26.06
CA ALA D 92 -19.42 -9.56 -25.75
C ALA D 92 -19.81 -8.11 -26.03
N VAL D 93 -18.97 -7.21 -25.55
CA VAL D 93 -19.06 -5.79 -25.91
C VAL D 93 -18.31 -5.61 -27.22
N TYR D 94 -19.01 -5.12 -28.24
CA TYR D 94 -18.46 -5.00 -29.59
C TYR D 94 -18.05 -3.54 -29.85
N TYR D 95 -16.76 -3.32 -30.02
CA TYR D 95 -16.22 -2.03 -30.41
C TYR D 95 -15.96 -1.99 -31.92
N CYS D 96 -16.08 -0.80 -32.50
CA CYS D 96 -15.60 -0.55 -33.85
C CYS D 96 -14.42 0.40 -33.78
N ALA D 97 -13.34 0.05 -34.45
CA ALA D 97 -12.10 0.82 -34.40
C ALA D 97 -11.67 1.23 -35.80
N ARG D 98 -10.85 2.27 -35.86
CA ARG D 98 -10.35 2.81 -37.11
C ARG D 98 -8.84 2.63 -37.20
N SER D 99 -8.38 2.21 -38.37
CA SER D 99 -6.96 2.12 -38.68
C SER D 99 -6.68 3.06 -39.84
N ALA D 100 -5.63 3.86 -39.71
CA ALA D 100 -5.32 4.86 -40.72
C ALA D 100 -4.88 4.20 -42.03
N ALA D 101 -4.94 4.99 -43.11
CA ALA D 101 -4.52 4.50 -44.41
C ALA D 101 -3.01 4.32 -44.45
N ILE D 102 -2.57 3.35 -45.25
CA ILE D 102 -1.15 3.03 -45.37
C ILE D 102 -0.43 4.16 -46.09
N VAL D 103 0.09 5.11 -45.32
CA VAL D 103 0.83 6.22 -45.92
C VAL D 103 2.31 5.90 -46.07
N ASP D 104 2.86 5.09 -45.16
CA ASP D 104 4.25 4.66 -45.23
C ASP D 104 4.28 3.14 -45.41
N TRP D 105 5.03 2.68 -46.41
CA TRP D 105 5.13 1.26 -46.69
C TRP D 105 6.05 0.52 -45.73
N TYR D 106 6.77 1.23 -44.88
CA TYR D 106 7.54 0.60 -43.81
C TYR D 106 6.72 0.51 -42.52
N ASP D 107 6.19 1.64 -42.06
CA ASP D 107 5.26 1.65 -40.93
C ASP D 107 3.83 1.54 -41.48
N TYR D 108 3.55 0.37 -42.06
CA TYR D 108 2.28 0.15 -42.75
C TYR D 108 1.10 0.10 -41.78
N PHE D 109 1.32 -0.33 -40.55
CA PHE D 109 0.27 -0.41 -39.54
C PHE D 109 0.69 0.44 -38.34
N LYS D 110 -0.07 1.50 -38.07
CA LYS D 110 0.23 2.42 -36.98
C LYS D 110 -0.79 2.32 -35.85
N GLY D 111 -1.37 1.13 -35.66
CA GLY D 111 -2.25 0.87 -34.54
C GLY D 111 -3.68 1.33 -34.80
N PHE D 112 -4.58 0.83 -33.95
CA PHE D 112 -5.98 1.25 -33.96
C PHE D 112 -6.04 2.60 -33.26
N ASP D 113 -6.12 3.67 -34.05
CA ASP D 113 -5.93 5.01 -33.51
C ASP D 113 -7.10 5.43 -32.62
N TYR D 114 -8.33 5.28 -33.12
CA TYR D 114 -9.51 5.72 -32.38
C TYR D 114 -10.50 4.57 -32.27
N TRP D 115 -11.22 4.56 -31.15
CA TRP D 115 -12.18 3.50 -30.83
C TRP D 115 -13.53 4.10 -30.49
N GLY D 116 -14.57 3.26 -30.60
CA GLY D 116 -15.88 3.63 -30.11
C GLY D 116 -16.11 3.14 -28.70
N GLN D 117 -17.22 3.57 -28.10
CA GLN D 117 -17.53 3.18 -26.74
C GLN D 117 -18.04 1.75 -26.64
N GLY D 118 -18.40 1.12 -27.75
CA GLY D 118 -18.80 -0.27 -27.74
C GLY D 118 -20.27 -0.45 -27.43
N THR D 119 -20.86 -1.49 -28.03
CA THR D 119 -22.24 -1.87 -27.80
C THR D 119 -22.29 -3.32 -27.37
N LEU D 120 -23.18 -3.61 -26.41
CA LEU D 120 -23.28 -4.94 -25.83
C LEU D 120 -24.22 -5.81 -26.65
N VAL D 121 -23.80 -7.05 -26.91
CA VAL D 121 -24.59 -8.04 -27.62
C VAL D 121 -24.69 -9.27 -26.75
N THR D 122 -25.91 -9.65 -26.37
CA THR D 122 -26.16 -10.80 -25.52
C THR D 122 -26.87 -11.87 -26.35
N VAL D 123 -26.24 -13.04 -26.47
CA VAL D 123 -26.78 -14.17 -27.19
C VAL D 123 -27.23 -15.20 -26.16
N SER D 124 -28.54 -15.30 -25.95
CA SER D 124 -29.09 -16.22 -24.97
C SER D 124 -30.56 -16.47 -25.28
N SER D 125 -31.01 -17.68 -24.99
CA SER D 125 -32.41 -18.05 -25.18
C SER D 125 -33.31 -17.57 -24.05
N ALA D 126 -32.77 -16.85 -23.07
CA ALA D 126 -33.58 -16.34 -21.98
C ALA D 126 -34.43 -15.16 -22.44
N SER D 127 -35.49 -14.89 -21.68
CA SER D 127 -36.38 -13.77 -21.95
C SER D 127 -36.09 -12.62 -21.01
N THR D 128 -36.57 -11.43 -21.40
CA THR D 128 -36.38 -10.23 -20.60
C THR D 128 -37.22 -10.34 -19.33
N LYS D 129 -36.58 -10.66 -18.22
CA LYS D 129 -37.25 -10.85 -16.94
C LYS D 129 -36.88 -9.72 -15.99
N GLY D 130 -37.88 -9.22 -15.26
CA GLY D 130 -37.67 -8.19 -14.28
C GLY D 130 -36.91 -8.70 -13.08
N PRO D 131 -36.13 -7.82 -12.45
CA PRO D 131 -35.32 -8.26 -11.30
C PRO D 131 -36.18 -8.51 -10.07
N SER D 132 -35.83 -9.57 -9.34
CA SER D 132 -36.47 -9.93 -8.08
C SER D 132 -35.53 -9.53 -6.95
N VAL D 133 -35.82 -8.41 -6.31
CA VAL D 133 -34.95 -7.86 -5.28
C VAL D 133 -35.33 -8.43 -3.92
N PHE D 134 -34.32 -8.83 -3.15
CA PHE D 134 -34.52 -9.38 -1.83
C PHE D 134 -33.56 -8.72 -0.84
N PRO D 135 -34.01 -8.40 0.35
CA PRO D 135 -33.15 -7.70 1.31
C PRO D 135 -32.19 -8.65 2.01
N LEU D 136 -30.98 -8.14 2.26
CA LEU D 136 -29.94 -8.87 2.99
C LEU D 136 -30.03 -8.46 4.45
N ALA D 137 -30.43 -9.39 5.31
CA ALA D 137 -30.70 -9.07 6.70
C ALA D 137 -29.43 -8.66 7.42
N PRO D 138 -29.42 -7.50 8.10
CA PRO D 138 -28.24 -7.12 8.89
C PRO D 138 -28.31 -7.65 10.32
N SER D 139 -27.36 -8.50 10.69
CA SER D 139 -27.33 -9.08 12.02
C SER D 139 -26.82 -8.07 13.05
N GLY D 146 -17.54 -3.13 15.00
CA GLY D 146 -18.45 -2.17 15.61
C GLY D 146 -19.48 -1.63 14.65
N THR D 147 -19.27 -1.88 13.37
CA THR D 147 -20.16 -1.43 12.31
C THR D 147 -20.77 -2.64 11.60
N ALA D 148 -22.07 -2.58 11.35
CA ALA D 148 -22.81 -3.69 10.77
C ALA D 148 -22.81 -3.60 9.24
N ALA D 149 -23.08 -4.74 8.61
CA ALA D 149 -23.12 -4.85 7.16
C ALA D 149 -24.50 -5.29 6.72
N LEU D 150 -25.02 -4.63 5.68
CA LEU D 150 -26.32 -4.94 5.11
C LEU D 150 -26.23 -4.77 3.60
N GLY D 151 -27.31 -5.10 2.91
CA GLY D 151 -27.34 -4.92 1.47
C GLY D 151 -28.62 -5.43 0.87
N CYS D 152 -28.59 -5.59 -0.46
CA CYS D 152 -29.71 -6.11 -1.23
C CYS D 152 -29.20 -7.19 -2.17
N LEU D 153 -30.05 -8.19 -2.41
CA LEU D 153 -29.75 -9.26 -3.37
C LEU D 153 -30.79 -9.19 -4.48
N VAL D 154 -30.38 -8.72 -5.65
CA VAL D 154 -31.22 -8.72 -6.84
C VAL D 154 -30.90 -9.99 -7.61
N LYS D 155 -31.94 -10.68 -8.08
CA LYS D 155 -31.77 -12.03 -8.58
C LYS D 155 -32.83 -12.31 -9.64
N ASP D 156 -32.44 -13.08 -10.65
CA ASP D 156 -33.32 -13.50 -11.74
C ASP D 156 -33.77 -12.30 -12.57
N TYR D 157 -32.79 -11.63 -13.17
CA TYR D 157 -33.05 -10.56 -14.13
C TYR D 157 -32.27 -10.84 -15.41
N PHE D 158 -32.82 -10.34 -16.52
CA PHE D 158 -32.22 -10.57 -17.82
C PHE D 158 -32.73 -9.51 -18.78
N PRO D 159 -31.87 -8.91 -19.60
CA PRO D 159 -30.42 -9.11 -19.68
C PRO D 159 -29.65 -8.08 -18.84
N GLU D 160 -28.33 -8.05 -18.99
CA GLU D 160 -27.53 -7.06 -18.30
C GLU D 160 -27.68 -5.70 -18.99
N PRO D 161 -27.41 -4.60 -18.26
CA PRO D 161 -26.97 -4.50 -16.87
C PRO D 161 -28.07 -4.07 -15.91
N VAL D 162 -27.71 -3.89 -14.64
CA VAL D 162 -28.61 -3.36 -13.63
C VAL D 162 -27.82 -2.37 -12.78
N THR D 163 -28.33 -1.15 -12.67
CA THR D 163 -27.72 -0.12 -11.85
C THR D 163 -28.42 -0.10 -10.48
N VAL D 164 -27.62 -0.15 -9.42
CA VAL D 164 -28.13 -0.20 -8.05
C VAL D 164 -27.62 1.01 -7.29
N SER D 165 -28.53 1.77 -6.69
CA SER D 165 -28.20 2.89 -5.83
C SER D 165 -28.79 2.64 -4.45
N TRP D 166 -28.41 3.50 -3.50
CA TRP D 166 -28.85 3.37 -2.11
C TRP D 166 -29.34 4.71 -1.60
N ASN D 167 -30.51 4.71 -0.96
CA ASN D 167 -31.11 5.91 -0.38
C ASN D 167 -31.28 7.01 -1.42
N SER D 168 -31.80 6.62 -2.59
CA SER D 168 -32.05 7.55 -3.70
C SER D 168 -30.77 8.26 -4.13
N GLY D 169 -29.66 7.53 -4.11
CA GLY D 169 -28.38 8.09 -4.51
C GLY D 169 -27.68 8.92 -3.45
N ALA D 170 -28.18 8.92 -2.22
CA ALA D 170 -27.56 9.70 -1.15
C ALA D 170 -26.52 8.91 -0.36
N LEU D 171 -26.64 7.58 -0.32
CA LEU D 171 -25.69 6.72 0.37
C LEU D 171 -24.71 6.17 -0.65
N THR D 172 -23.46 6.65 -0.59
CA THR D 172 -22.41 6.21 -1.50
C THR D 172 -21.15 5.73 -0.80
N SER D 173 -20.86 6.20 0.42
CA SER D 173 -19.66 5.81 1.13
C SER D 173 -19.85 4.43 1.75
N GLY D 174 -19.06 3.46 1.29
CA GLY D 174 -19.11 2.11 1.82
C GLY D 174 -19.90 1.12 1.00
N VAL D 175 -20.51 1.54 -0.11
CA VAL D 175 -21.30 0.65 -0.94
C VAL D 175 -20.38 -0.25 -1.75
N HIS D 176 -20.87 -1.45 -2.06
CA HIS D 176 -20.11 -2.45 -2.83
C HIS D 176 -21.11 -3.16 -3.74
N THR D 177 -21.27 -2.66 -4.96
CA THR D 177 -22.12 -3.28 -5.97
C THR D 177 -21.26 -4.27 -6.75
N PHE D 178 -21.45 -5.55 -6.49
CA PHE D 178 -20.61 -6.59 -7.06
C PHE D 178 -20.97 -6.85 -8.53
N PRO D 179 -20.00 -7.30 -9.33
CA PRO D 179 -20.31 -7.69 -10.71
C PRO D 179 -21.30 -8.84 -10.73
N ALA D 180 -22.17 -8.81 -11.74
CA ALA D 180 -23.22 -9.82 -11.84
C ALA D 180 -22.65 -11.18 -12.18
N VAL D 181 -23.39 -12.22 -11.81
CA VAL D 181 -23.04 -13.59 -12.14
C VAL D 181 -24.18 -14.17 -12.99
N LEU D 182 -23.82 -15.11 -13.85
CA LEU D 182 -24.79 -15.76 -14.75
C LEU D 182 -25.12 -17.13 -14.19
N GLN D 183 -26.28 -17.24 -13.56
CA GLN D 183 -26.71 -18.51 -12.98
C GLN D 183 -27.01 -19.52 -14.08
N SER D 184 -27.15 -20.79 -13.67
CA SER D 184 -27.42 -21.86 -14.61
C SER D 184 -28.77 -21.74 -15.30
N SER D 185 -29.66 -20.89 -14.78
CA SER D 185 -30.97 -20.67 -15.39
C SER D 185 -30.94 -19.66 -16.52
N GLY D 186 -29.76 -19.16 -16.89
CA GLY D 186 -29.66 -18.14 -17.92
C GLY D 186 -29.92 -16.73 -17.44
N LEU D 187 -30.38 -16.55 -16.21
CA LEU D 187 -30.65 -15.23 -15.65
C LEU D 187 -29.44 -14.75 -14.85
N TYR D 188 -29.35 -13.43 -14.72
CA TYR D 188 -28.25 -12.81 -13.98
C TYR D 188 -28.66 -12.55 -12.54
N SER D 189 -27.66 -12.42 -11.67
CA SER D 189 -27.89 -12.18 -10.26
C SER D 189 -26.65 -11.54 -9.65
N LEU D 190 -26.81 -10.38 -9.04
CA LEU D 190 -25.71 -9.70 -8.35
C LEU D 190 -26.18 -9.24 -6.98
N SER D 191 -25.22 -8.86 -6.15
CA SER D 191 -25.48 -8.36 -4.82
C SER D 191 -24.88 -6.97 -4.66
N SER D 192 -25.52 -6.17 -3.80
CA SER D 192 -25.04 -4.82 -3.49
C SER D 192 -25.12 -4.64 -1.99
N VAL D 193 -23.96 -4.62 -1.33
CA VAL D 193 -23.88 -4.50 0.11
C VAL D 193 -23.39 -3.10 0.48
N VAL D 194 -23.47 -2.79 1.77
CA VAL D 194 -23.06 -1.49 2.29
C VAL D 194 -22.72 -1.65 3.76
N THR D 195 -21.92 -0.73 4.29
CA THR D 195 -21.43 -0.79 5.66
C THR D 195 -21.81 0.52 6.36
N VAL D 196 -22.86 0.48 7.17
CA VAL D 196 -23.37 1.67 7.84
C VAL D 196 -23.35 1.42 9.35
N PRO D 197 -23.04 2.43 10.17
CA PRO D 197 -23.00 2.23 11.62
C PRO D 197 -24.28 1.61 12.18
N SER D 198 -24.10 0.78 13.21
CA SER D 198 -25.23 0.06 13.81
C SER D 198 -26.13 0.98 14.63
N SER D 199 -25.63 2.12 15.08
CA SER D 199 -26.47 3.04 15.87
C SER D 199 -27.54 3.68 14.99
N SER D 200 -27.20 4.00 13.75
CA SER D 200 -28.14 4.62 12.82
C SER D 200 -28.98 3.59 12.06
N LEU D 201 -29.02 2.34 12.54
CA LEU D 201 -29.80 1.33 11.82
C LEU D 201 -31.30 1.49 12.09
N GLY D 202 -31.67 1.97 13.27
CA GLY D 202 -33.07 2.13 13.61
C GLY D 202 -33.68 3.42 13.11
N THR D 203 -32.94 4.53 13.28
CA THR D 203 -33.45 5.83 12.87
C THR D 203 -33.36 6.01 11.35
N GLN D 204 -32.16 5.97 10.80
CA GLN D 204 -31.96 6.17 9.38
C GLN D 204 -32.43 4.95 8.60
N THR D 205 -33.36 5.17 7.67
CA THR D 205 -33.86 4.09 6.83
C THR D 205 -32.94 3.85 5.64
N TYR D 206 -32.74 2.58 5.31
CA TYR D 206 -31.85 2.18 4.23
C TYR D 206 -32.65 1.40 3.20
N ILE D 207 -32.88 2.01 2.04
CA ILE D 207 -33.62 1.40 0.95
C ILE D 207 -32.75 1.45 -0.31
N CYS D 208 -32.61 0.30 -0.96
CA CYS D 208 -31.82 0.21 -2.19
C CYS D 208 -32.73 0.44 -3.40
N ASN D 209 -32.25 1.23 -4.35
CA ASN D 209 -32.98 1.56 -5.56
C ASN D 209 -32.42 0.71 -6.70
N VAL D 210 -33.18 -0.31 -7.10
CA VAL D 210 -32.75 -1.26 -8.11
C VAL D 210 -33.34 -0.82 -9.45
N ASN D 211 -32.47 -0.67 -10.45
CA ASN D 211 -32.85 -0.09 -11.74
C ASN D 211 -32.49 -1.07 -12.85
N HIS D 212 -33.50 -1.59 -13.53
CA HIS D 212 -33.33 -2.45 -14.70
C HIS D 212 -34.02 -1.76 -15.86
N LYS D 213 -33.21 -1.15 -16.74
CA LYS D 213 -33.74 -0.36 -17.85
C LYS D 213 -34.20 -1.25 -19.02
N PRO D 214 -33.52 -2.36 -19.33
CA PRO D 214 -34.08 -3.27 -20.35
C PRO D 214 -35.54 -3.66 -20.15
N SER D 215 -35.96 -3.87 -18.89
CA SER D 215 -37.33 -4.24 -18.60
C SER D 215 -38.13 -3.11 -17.95
N ASN D 216 -37.50 -1.97 -17.68
CA ASN D 216 -38.17 -0.81 -17.07
C ASN D 216 -38.84 -1.19 -15.75
N THR D 217 -38.03 -1.72 -14.84
CA THR D 217 -38.50 -2.18 -13.53
C THR D 217 -37.71 -1.46 -12.45
N LYS D 218 -38.37 -0.53 -11.77
CA LYS D 218 -37.80 0.18 -10.63
C LYS D 218 -38.28 -0.47 -9.34
N VAL D 219 -37.36 -0.86 -8.47
CA VAL D 219 -37.68 -1.49 -7.20
C VAL D 219 -36.92 -0.75 -6.09
N ASP D 220 -37.63 -0.43 -5.02
CA ASP D 220 -37.05 0.21 -3.83
C ASP D 220 -37.36 -0.68 -2.63
N LYS D 221 -36.39 -1.52 -2.25
CA LYS D 221 -36.56 -2.46 -1.15
C LYS D 221 -35.86 -1.94 0.09
N LYS D 222 -36.58 -1.90 1.21
CA LYS D 222 -36.01 -1.49 2.48
C LYS D 222 -35.40 -2.68 3.20
N VAL D 223 -34.40 -2.39 4.04
CA VAL D 223 -33.67 -3.41 4.78
C VAL D 223 -33.85 -3.14 6.26
N GLU D 224 -34.24 -4.17 7.01
CA GLU D 224 -34.45 -4.09 8.44
C GLU D 224 -33.99 -5.38 9.09
N PRO D 225 -33.45 -5.30 10.31
CA PRO D 225 -33.01 -6.52 11.00
C PRO D 225 -34.19 -7.38 11.41
N LYS D 226 -34.04 -8.69 11.20
CA LYS D 226 -35.10 -9.63 11.54
C LYS D 226 -35.20 -9.79 13.06
N SER D 227 -36.33 -10.34 13.50
CA SER D 227 -36.58 -10.55 14.91
C SER D 227 -35.84 -11.79 15.42
N GLU E 1 -10.77 -60.23 -20.37
CA GLU E 1 -11.60 -59.13 -19.90
C GLU E 1 -11.73 -58.04 -20.96
N VAL E 2 -12.52 -57.01 -20.66
CA VAL E 2 -12.73 -55.92 -21.60
C VAL E 2 -11.45 -55.10 -21.75
N GLN E 3 -11.37 -54.38 -22.88
CA GLN E 3 -10.24 -53.50 -23.15
C GLN E 3 -10.59 -52.59 -24.31
N LEU E 4 -10.16 -51.33 -24.22
CA LEU E 4 -10.30 -50.36 -25.29
C LEU E 4 -8.94 -49.77 -25.59
N VAL E 5 -8.45 -49.97 -26.80
CA VAL E 5 -7.10 -49.57 -27.18
C VAL E 5 -7.21 -48.53 -28.30
N GLU E 6 -6.88 -47.29 -27.98
CA GLU E 6 -6.84 -46.24 -28.98
C GLU E 6 -5.49 -46.26 -29.71
N SER E 7 -5.49 -45.74 -30.94
CA SER E 7 -4.29 -45.68 -31.75
C SER E 7 -4.51 -44.69 -32.88
N GLY E 8 -3.41 -44.34 -33.55
CA GLY E 8 -3.47 -43.45 -34.69
C GLY E 8 -3.25 -41.99 -34.38
N GLY E 9 -2.88 -41.64 -33.15
CA GLY E 9 -2.62 -40.26 -32.80
C GLY E 9 -1.20 -39.83 -33.12
N GLY E 10 -0.99 -38.52 -33.12
CA GLY E 10 0.34 -37.98 -33.39
C GLY E 10 0.27 -36.52 -33.79
N LEU E 11 1.19 -36.14 -34.67
CA LEU E 11 1.35 -34.75 -35.08
C LEU E 11 0.47 -34.46 -36.30
N VAL E 12 -0.20 -33.32 -36.27
CA VAL E 12 -1.03 -32.86 -37.38
C VAL E 12 -0.76 -31.39 -37.61
N GLN E 13 -0.51 -31.01 -38.86
CA GLN E 13 -0.41 -29.60 -39.21
C GLN E 13 -1.78 -28.93 -39.08
N PRO E 14 -1.82 -27.67 -38.67
CA PRO E 14 -3.11 -26.96 -38.56
C PRO E 14 -3.87 -27.01 -39.89
N GLY E 15 -5.13 -27.44 -39.82
CA GLY E 15 -5.93 -27.67 -40.99
C GLY E 15 -5.85 -29.08 -41.55
N GLY E 16 -5.00 -29.93 -41.00
CA GLY E 16 -4.85 -31.28 -41.47
C GLY E 16 -5.94 -32.21 -40.95
N SER E 17 -5.77 -33.49 -41.25
CA SER E 17 -6.73 -34.51 -40.90
C SER E 17 -6.02 -35.68 -40.22
N LEU E 18 -6.78 -36.39 -39.39
CA LEU E 18 -6.24 -37.55 -38.68
C LEU E 18 -7.37 -38.51 -38.36
N ARG E 19 -7.12 -39.80 -38.52
CA ARG E 19 -8.09 -40.85 -38.26
C ARG E 19 -7.65 -41.65 -37.05
N LEU E 20 -8.44 -41.58 -35.97
CA LEU E 20 -8.19 -42.38 -34.79
C LEU E 20 -8.96 -43.69 -34.86
N SER E 21 -8.43 -44.71 -34.20
CA SER E 21 -9.06 -46.02 -34.15
C SER E 21 -9.14 -46.48 -32.70
N CYS E 22 -10.29 -47.05 -32.34
CA CYS E 22 -10.53 -47.56 -30.99
C CYS E 22 -10.83 -49.05 -31.10
N ALA E 23 -9.83 -49.87 -30.80
CA ALA E 23 -9.97 -51.33 -30.87
C ALA E 23 -10.53 -51.85 -29.56
N ALA E 24 -11.63 -52.59 -29.65
CA ALA E 24 -12.32 -53.14 -28.49
C ALA E 24 -12.05 -54.62 -28.35
N SER E 25 -12.06 -55.10 -27.10
CA SER E 25 -11.85 -56.50 -26.81
C SER E 25 -12.70 -56.90 -25.61
N GLY E 26 -12.98 -58.19 -25.51
CA GLY E 26 -13.78 -58.72 -24.43
C GLY E 26 -15.28 -58.52 -24.58
N PHE E 27 -15.72 -57.80 -25.61
CA PHE E 27 -17.13 -57.55 -25.83
C PHE E 27 -17.32 -57.15 -27.29
N ASN E 28 -18.58 -57.07 -27.70
CA ASN E 28 -18.94 -56.69 -29.06
C ASN E 28 -19.51 -55.28 -29.06
N ILE E 29 -19.03 -54.44 -29.98
CA ILE E 29 -19.44 -53.04 -30.06
C ILE E 29 -20.74 -52.85 -30.81
N TYR E 30 -21.35 -53.93 -31.32
CA TYR E 30 -22.52 -53.81 -32.18
C TYR E 30 -23.67 -53.11 -31.46
N TYR E 31 -24.21 -53.74 -30.42
CA TYR E 31 -25.36 -53.19 -29.72
C TYR E 31 -25.01 -52.05 -28.79
N ASN E 32 -23.73 -51.84 -28.49
CA ASN E 32 -23.33 -50.80 -27.55
C ASN E 32 -22.98 -49.51 -28.29
N TYR E 33 -22.78 -48.45 -27.50
CA TYR E 33 -22.44 -47.13 -28.03
C TYR E 33 -20.98 -46.83 -27.72
N ILE E 34 -20.22 -46.48 -28.75
CA ILE E 34 -18.82 -46.10 -28.60
C ILE E 34 -18.73 -44.59 -28.67
N HIS E 35 -18.16 -43.98 -27.63
CA HIS E 35 -18.02 -42.54 -27.54
C HIS E 35 -16.55 -42.15 -27.59
N TRP E 36 -16.29 -40.96 -28.13
CA TRP E 36 -14.96 -40.37 -28.12
C TRP E 36 -14.99 -39.15 -27.21
N VAL E 37 -14.07 -39.12 -26.24
CA VAL E 37 -13.98 -38.02 -25.28
C VAL E 37 -12.53 -37.55 -25.26
N ARG E 38 -12.33 -36.25 -25.42
CA ARG E 38 -11.00 -35.66 -25.41
C ARG E 38 -10.81 -34.78 -24.19
N GLN E 39 -9.54 -34.54 -23.84
CA GLN E 39 -9.20 -33.75 -22.66
C GLN E 39 -7.94 -32.95 -22.98
N ALA E 40 -8.07 -31.64 -23.07
CA ALA E 40 -6.91 -30.78 -23.30
C ALA E 40 -5.97 -30.85 -22.09
N PRO E 41 -4.66 -30.66 -22.31
CA PRO E 41 -3.70 -30.76 -21.21
C PRO E 41 -4.02 -29.76 -20.10
N GLY E 42 -4.36 -30.29 -18.93
CA GLY E 42 -4.69 -29.48 -17.78
C GLY E 42 -6.13 -29.04 -17.70
N LYS E 43 -7.00 -29.54 -18.56
CA LYS E 43 -8.39 -29.13 -18.61
C LYS E 43 -9.29 -30.32 -18.29
N GLY E 44 -10.59 -30.15 -18.55
CA GLY E 44 -11.58 -31.16 -18.24
C GLY E 44 -11.94 -32.01 -19.46
N LEU E 45 -12.86 -32.94 -19.23
CA LEU E 45 -13.30 -33.86 -20.26
C LEU E 45 -14.29 -33.19 -21.21
N GLU E 46 -14.25 -33.59 -22.47
CA GLU E 46 -15.12 -33.04 -23.50
C GLU E 46 -15.55 -34.17 -24.43
N TRP E 47 -16.81 -34.58 -24.33
CA TRP E 47 -17.36 -35.55 -25.26
C TRP E 47 -17.49 -34.93 -26.64
N VAL E 48 -17.14 -35.69 -27.67
CA VAL E 48 -17.10 -35.13 -29.02
C VAL E 48 -17.98 -35.92 -29.99
N ALA E 49 -18.15 -37.22 -29.75
CA ALA E 49 -18.86 -38.04 -30.73
C ALA E 49 -19.39 -39.31 -30.07
N GLU E 50 -20.39 -39.90 -30.71
CA GLU E 50 -20.99 -41.16 -30.29
C GLU E 50 -21.46 -41.92 -31.52
N PHE E 51 -21.23 -43.23 -31.53
CA PHE E 51 -21.67 -44.08 -32.63
C PHE E 51 -22.33 -45.34 -32.09
N SER E 52 -23.29 -45.85 -32.85
CA SER E 52 -23.98 -47.10 -32.54
C SER E 52 -24.07 -47.92 -33.80
N PRO E 53 -23.27 -48.99 -33.94
CA PRO E 53 -23.30 -49.78 -35.19
C PRO E 53 -24.63 -50.46 -35.46
N TYR E 54 -25.43 -50.73 -34.44
CA TYR E 54 -26.70 -51.40 -34.66
C TYR E 54 -27.67 -50.51 -35.43
N SER E 55 -27.80 -49.24 -35.01
CA SER E 55 -28.68 -48.30 -35.68
C SER E 55 -27.96 -47.40 -36.68
N GLY E 56 -26.65 -47.25 -36.57
CA GLY E 56 -25.91 -46.39 -37.47
C GLY E 56 -26.04 -44.92 -37.16
N SER E 57 -26.53 -44.56 -35.98
CA SER E 57 -26.73 -43.17 -35.61
C SER E 57 -25.41 -42.56 -35.16
N THR E 58 -25.10 -41.37 -35.67
CA THR E 58 -23.90 -40.63 -35.31
C THR E 58 -24.31 -39.31 -34.70
N TYR E 59 -23.70 -38.97 -33.57
CA TYR E 59 -23.96 -37.70 -32.88
C TYR E 59 -22.63 -37.05 -32.54
N TYR E 60 -22.52 -35.75 -32.78
CA TYR E 60 -21.29 -35.02 -32.53
C TYR E 60 -21.59 -33.79 -31.68
N ALA E 61 -20.55 -33.33 -30.97
CA ALA E 61 -20.62 -32.06 -30.26
C ALA E 61 -20.51 -30.91 -31.25
N ASP E 62 -21.05 -29.76 -30.84
CA ASP E 62 -21.04 -28.59 -31.71
C ASP E 62 -19.63 -28.11 -32.00
N SER E 63 -18.68 -28.39 -31.12
CA SER E 63 -17.31 -27.95 -31.34
C SER E 63 -16.62 -28.69 -32.48
N VAL E 64 -17.16 -29.84 -32.89
CA VAL E 64 -16.55 -30.64 -33.95
C VAL E 64 -17.51 -30.94 -35.08
N LYS E 65 -18.75 -30.46 -35.02
CA LYS E 65 -19.73 -30.77 -36.06
C LYS E 65 -19.29 -30.22 -37.40
N GLY E 66 -19.43 -31.03 -38.44
CA GLY E 66 -18.97 -30.70 -39.77
C GLY E 66 -17.53 -31.07 -40.06
N ARG E 67 -16.72 -31.28 -39.03
CA ARG E 67 -15.32 -31.64 -39.19
C ARG E 67 -14.99 -33.07 -38.79
N PHE E 68 -15.68 -33.62 -37.80
CA PHE E 68 -15.40 -34.95 -37.29
C PHE E 68 -16.46 -35.93 -37.81
N THR E 69 -16.02 -37.16 -38.08
CA THR E 69 -16.91 -38.22 -38.53
C THR E 69 -16.57 -39.48 -37.76
N ILE E 70 -17.55 -40.01 -37.02
CA ILE E 70 -17.39 -41.23 -36.26
C ILE E 70 -17.94 -42.39 -37.08
N SER E 71 -17.31 -43.56 -36.95
CA SER E 71 -17.71 -44.76 -37.66
C SER E 71 -17.12 -45.97 -36.94
N ALA E 72 -17.37 -47.14 -37.49
CA ALA E 72 -16.82 -48.37 -36.92
C ALA E 72 -16.86 -49.47 -37.96
N ASP E 73 -15.92 -50.41 -37.82
CA ASP E 73 -15.86 -51.61 -38.64
C ASP E 73 -16.18 -52.80 -37.74
N THR E 74 -17.42 -53.27 -37.79
CA THR E 74 -17.84 -54.36 -36.92
C THR E 74 -17.08 -55.66 -37.19
N SER E 75 -16.46 -55.79 -38.37
CA SER E 75 -15.68 -56.98 -38.67
C SER E 75 -14.44 -57.07 -37.81
N LYS E 76 -13.82 -55.92 -37.50
CA LYS E 76 -12.62 -55.87 -36.68
C LYS E 76 -12.89 -55.38 -35.26
N ASN E 77 -14.16 -55.16 -34.90
CA ASN E 77 -14.54 -54.69 -33.57
C ASN E 77 -13.82 -53.39 -33.22
N THR E 78 -13.66 -52.53 -34.22
CA THR E 78 -12.88 -51.29 -34.08
C THR E 78 -13.73 -50.11 -34.53
N ALA E 79 -13.76 -49.07 -33.71
CA ALA E 79 -14.40 -47.81 -34.05
C ALA E 79 -13.36 -46.83 -34.58
N TYR E 80 -13.84 -45.77 -35.22
CA TYR E 80 -12.97 -44.80 -35.86
C TYR E 80 -13.50 -43.38 -35.63
N LEU E 81 -12.58 -42.43 -35.65
CA LEU E 81 -12.92 -41.01 -35.53
C LEU E 81 -12.10 -40.27 -36.60
N GLN E 82 -12.76 -39.87 -37.68
CA GLN E 82 -12.11 -39.15 -38.77
C GLN E 82 -12.26 -37.65 -38.52
N MET E 83 -11.14 -36.99 -38.22
CA MET E 83 -11.13 -35.57 -37.92
C MET E 83 -10.55 -34.80 -39.09
N ASN E 84 -11.26 -33.75 -39.52
CA ASN E 84 -10.82 -32.90 -40.62
C ASN E 84 -10.71 -31.46 -40.14
N SER E 85 -9.87 -30.69 -40.84
CA SER E 85 -9.66 -29.27 -40.56
C SER E 85 -9.29 -29.06 -39.09
N LEU E 86 -8.35 -29.86 -38.61
CA LEU E 86 -7.95 -29.80 -37.21
C LEU E 86 -7.29 -28.47 -36.89
N ARG E 87 -7.66 -27.88 -35.77
CA ARG E 87 -7.09 -26.64 -35.29
C ARG E 87 -6.28 -26.88 -34.03
N ALA E 88 -5.55 -25.85 -33.60
CA ALA E 88 -4.66 -25.97 -32.45
C ALA E 88 -5.44 -26.34 -31.18
N GLU E 89 -6.64 -25.81 -31.04
CA GLU E 89 -7.45 -26.10 -29.85
C GLU E 89 -7.93 -27.54 -29.78
N ASP E 90 -7.79 -28.31 -30.87
CA ASP E 90 -8.13 -29.72 -30.86
C ASP E 90 -7.03 -30.58 -30.26
N THR E 91 -5.89 -29.98 -29.89
CA THR E 91 -4.81 -30.72 -29.24
C THR E 91 -5.27 -31.21 -27.89
N ALA E 92 -5.36 -32.53 -27.73
CA ALA E 92 -5.85 -33.12 -26.49
C ALA E 92 -5.54 -34.61 -26.50
N VAL E 93 -5.66 -35.22 -25.33
CA VAL E 93 -5.65 -36.67 -25.22
C VAL E 93 -7.06 -37.17 -25.53
N TYR E 94 -7.17 -38.04 -26.54
CA TYR E 94 -8.46 -38.52 -27.01
C TYR E 94 -8.73 -39.91 -26.44
N TYR E 95 -9.76 -40.02 -25.61
CA TYR E 95 -10.21 -41.29 -25.06
C TYR E 95 -11.38 -41.80 -25.88
N CYS E 96 -11.42 -43.12 -26.07
CA CYS E 96 -12.60 -43.79 -26.58
C CYS E 96 -13.25 -44.54 -25.43
N ALA E 97 -14.56 -44.38 -25.29
CA ALA E 97 -15.29 -44.95 -24.17
C ALA E 97 -16.52 -45.69 -24.68
N ARG E 98 -17.06 -46.55 -23.83
CA ARG E 98 -18.20 -47.38 -24.16
C ARG E 98 -19.35 -47.10 -23.20
N SER E 99 -20.57 -47.12 -23.73
CA SER E 99 -21.77 -47.04 -22.92
C SER E 99 -22.71 -48.16 -23.35
N ALA E 100 -23.39 -48.76 -22.36
CA ALA E 100 -24.22 -49.92 -22.64
C ALA E 100 -25.45 -49.54 -23.46
N ALA E 101 -26.09 -50.54 -24.03
CA ALA E 101 -27.32 -50.33 -24.79
C ALA E 101 -28.47 -49.98 -23.85
N ILE E 102 -29.49 -49.35 -24.44
CA ILE E 102 -30.67 -48.93 -23.69
C ILE E 102 -31.49 -50.16 -23.30
N VAL E 103 -31.37 -50.58 -22.04
CA VAL E 103 -32.16 -51.69 -21.54
C VAL E 103 -33.54 -51.24 -21.08
N ASP E 104 -33.60 -50.12 -20.37
CA ASP E 104 -34.85 -49.52 -19.91
C ASP E 104 -35.02 -48.18 -20.59
N TRP E 105 -36.26 -47.82 -20.91
CA TRP E 105 -36.49 -46.50 -21.48
C TRP E 105 -36.67 -45.42 -20.41
N TYR E 106 -37.05 -45.82 -19.20
CA TYR E 106 -37.06 -44.93 -18.05
C TYR E 106 -35.74 -44.97 -17.30
N ASP E 107 -34.75 -45.68 -17.84
CA ASP E 107 -33.37 -45.72 -17.37
C ASP E 107 -32.57 -45.97 -18.64
N TYR E 108 -32.23 -44.89 -19.34
CA TYR E 108 -31.68 -44.99 -20.69
C TYR E 108 -30.18 -44.73 -20.77
N PHE E 109 -29.58 -44.17 -19.73
CA PHE E 109 -28.15 -43.87 -19.72
C PHE E 109 -27.54 -44.41 -18.44
N LYS E 110 -26.59 -45.34 -18.59
CA LYS E 110 -25.91 -46.02 -17.49
C LYS E 110 -24.46 -45.59 -17.32
N GLY E 111 -24.09 -44.45 -17.89
CA GLY E 111 -22.74 -43.96 -17.77
C GLY E 111 -21.77 -44.60 -18.75
N PHE E 112 -20.58 -44.03 -18.82
CA PHE E 112 -19.49 -44.59 -19.62
C PHE E 112 -18.75 -45.58 -18.73
N ASP E 113 -19.11 -46.87 -18.83
CA ASP E 113 -18.63 -47.84 -17.87
C ASP E 113 -17.17 -48.23 -18.08
N TYR E 114 -16.67 -48.17 -19.32
CA TYR E 114 -15.29 -48.55 -19.59
C TYR E 114 -14.63 -47.53 -20.50
N TRP E 115 -13.36 -47.25 -20.23
CA TRP E 115 -12.59 -46.26 -20.97
C TRP E 115 -11.30 -46.87 -21.46
N GLY E 116 -10.72 -46.23 -22.49
CA GLY E 116 -9.41 -46.61 -22.97
C GLY E 116 -8.31 -45.80 -22.32
N GLN E 117 -7.07 -46.13 -22.68
CA GLN E 117 -5.93 -45.43 -22.10
C GLN E 117 -5.80 -44.02 -22.65
N GLY E 118 -6.31 -43.77 -23.85
CA GLY E 118 -6.23 -42.46 -24.46
C GLY E 118 -4.95 -42.26 -25.24
N THR E 119 -5.05 -41.61 -26.40
CA THR E 119 -3.91 -41.31 -27.25
C THR E 119 -3.79 -39.81 -27.44
N LEU E 120 -2.56 -39.33 -27.60
CA LEU E 120 -2.29 -37.90 -27.71
C LEU E 120 -2.34 -37.47 -29.17
N VAL E 121 -3.03 -36.35 -29.42
CA VAL E 121 -3.11 -35.75 -30.75
C VAL E 121 -2.72 -34.29 -30.62
N THR E 122 -1.65 -33.90 -31.30
CA THR E 122 -1.12 -32.54 -31.24
C THR E 122 -1.26 -31.87 -32.60
N VAL E 123 -1.87 -30.68 -32.61
CA VAL E 123 -2.06 -29.91 -33.83
C VAL E 123 -1.21 -28.64 -33.69
N SER E 124 -0.13 -28.58 -34.46
CA SER E 124 0.77 -27.44 -34.40
C SER E 124 1.63 -27.41 -35.66
N SER E 125 2.11 -26.21 -36.00
CA SER E 125 3.00 -26.05 -37.14
C SER E 125 4.42 -26.51 -36.84
N ALA E 126 4.72 -26.84 -35.59
CA ALA E 126 6.08 -27.22 -35.23
C ALA E 126 6.41 -28.60 -35.79
N SER E 127 7.70 -28.81 -36.03
CA SER E 127 8.22 -30.11 -36.47
C SER E 127 8.92 -30.80 -35.31
N THR E 128 9.07 -32.12 -35.44
CA THR E 128 9.68 -32.93 -34.40
C THR E 128 11.12 -32.50 -34.15
N LYS E 129 11.38 -31.94 -32.97
CA LYS E 129 12.70 -31.45 -32.61
C LYS E 129 13.14 -32.08 -31.29
N GLY E 130 14.40 -32.51 -31.24
CA GLY E 130 14.97 -33.09 -30.05
C GLY E 130 15.20 -32.04 -28.98
N PRO E 131 15.20 -32.47 -27.72
CA PRO E 131 15.37 -31.51 -26.62
C PRO E 131 16.83 -31.13 -26.40
N SER E 132 17.04 -29.86 -26.05
CA SER E 132 18.35 -29.35 -25.65
C SER E 132 18.37 -29.30 -24.13
N VAL E 133 19.14 -30.20 -23.51
CA VAL E 133 19.18 -30.34 -22.07
C VAL E 133 20.34 -29.52 -21.53
N PHE E 134 20.02 -28.54 -20.68
CA PHE E 134 21.00 -27.68 -20.05
C PHE E 134 21.02 -27.88 -18.54
N PRO E 135 22.19 -27.81 -17.91
CA PRO E 135 22.27 -28.14 -16.48
C PRO E 135 21.91 -26.97 -15.57
N LEU E 136 21.10 -27.24 -14.55
CA LEU E 136 20.83 -26.26 -13.49
C LEU E 136 21.83 -26.53 -12.38
N ALA E 137 23.00 -25.93 -12.50
CA ALA E 137 24.11 -26.25 -11.61
C ALA E 137 23.83 -25.76 -10.20
N PRO E 138 24.26 -26.51 -9.18
CA PRO E 138 24.10 -26.04 -7.81
C PRO E 138 25.14 -24.99 -7.44
N SER E 139 24.76 -24.12 -6.51
CA SER E 139 25.63 -23.04 -6.07
C SER E 139 25.40 -22.81 -4.57
N SER E 140 26.17 -21.89 -4.01
CA SER E 140 26.07 -21.53 -2.60
C SER E 140 25.21 -20.29 -2.41
N LYS E 141 24.02 -20.30 -2.99
CA LYS E 141 23.10 -19.16 -2.91
C LYS E 141 21.99 -19.43 -1.89
N GLY E 146 18.57 -24.68 3.32
CA GLY E 146 19.00 -25.74 4.21
C GLY E 146 19.86 -26.79 3.54
N THR E 147 19.61 -27.01 2.25
CA THR E 147 20.37 -27.98 1.46
C THR E 147 20.72 -27.34 0.13
N ALA E 148 21.12 -28.16 -0.84
CA ALA E 148 21.54 -27.70 -2.15
C ALA E 148 20.54 -28.17 -3.20
N ALA E 149 20.09 -27.24 -4.04
CA ALA E 149 19.19 -27.56 -5.14
C ALA E 149 19.99 -27.94 -6.38
N LEU E 150 19.35 -28.71 -7.26
CA LEU E 150 20.04 -29.29 -8.41
C LEU E 150 19.01 -29.76 -9.41
N GLY E 151 19.29 -29.58 -10.70
CA GLY E 151 18.32 -29.99 -11.69
C GLY E 151 18.84 -29.85 -13.10
N CYS E 152 17.95 -30.13 -14.05
CA CYS E 152 18.22 -30.03 -15.48
C CYS E 152 17.09 -29.27 -16.16
N LEU E 153 17.41 -28.66 -17.31
CA LEU E 153 16.44 -27.88 -18.08
C LEU E 153 16.28 -28.52 -19.45
N VAL E 154 15.09 -29.06 -19.70
CA VAL E 154 14.75 -29.71 -20.97
C VAL E 154 14.01 -28.67 -21.81
N LYS E 155 14.71 -28.05 -22.74
CA LYS E 155 14.17 -26.91 -23.48
C LYS E 155 14.12 -27.21 -24.98
N ASP E 156 13.06 -26.69 -25.62
CA ASP E 156 12.90 -26.72 -27.08
C ASP E 156 12.86 -28.16 -27.61
N TYR E 157 11.74 -28.82 -27.31
CA TYR E 157 11.45 -30.12 -27.87
C TYR E 157 9.99 -30.15 -28.32
N PHE E 158 9.71 -31.01 -29.29
CA PHE E 158 8.36 -31.13 -29.83
C PHE E 158 8.18 -32.50 -30.46
N PRO E 159 7.07 -33.20 -30.17
CA PRO E 159 6.00 -32.82 -29.25
C PRO E 159 6.12 -33.49 -27.89
N GLU E 160 5.06 -33.48 -27.10
CA GLU E 160 5.07 -34.17 -25.82
C GLU E 160 5.00 -35.68 -26.03
N PRO E 161 5.47 -36.47 -25.04
CA PRO E 161 6.09 -36.07 -23.78
C PRO E 161 7.58 -36.41 -23.73
N VAL E 162 8.20 -36.18 -22.58
CA VAL E 162 9.58 -36.58 -22.32
C VAL E 162 9.64 -37.20 -20.93
N THR E 163 10.44 -38.24 -20.78
CA THR E 163 10.65 -38.91 -19.51
C THR E 163 12.01 -38.53 -18.96
N VAL E 164 12.07 -38.14 -17.69
CA VAL E 164 13.30 -37.70 -17.06
C VAL E 164 13.50 -38.53 -15.80
N SER E 165 14.61 -39.27 -15.75
CA SER E 165 15.04 -39.97 -14.56
C SER E 165 16.40 -39.43 -14.13
N TRP E 166 16.75 -39.66 -12.87
CA TRP E 166 17.96 -39.12 -12.29
C TRP E 166 18.88 -40.26 -11.85
N ASN E 167 20.17 -40.12 -12.18
CA ASN E 167 21.19 -41.11 -11.84
C ASN E 167 20.83 -42.49 -12.37
N SER E 168 20.38 -42.54 -13.62
CA SER E 168 19.97 -43.79 -14.27
C SER E 168 18.87 -44.50 -13.47
N GLY E 169 17.97 -43.71 -12.88
CA GLY E 169 16.88 -44.24 -12.10
C GLY E 169 17.18 -44.47 -10.63
N ALA E 170 18.44 -44.33 -10.21
CA ALA E 170 18.78 -44.56 -8.81
C ALA E 170 18.29 -43.43 -7.92
N LEU E 171 18.38 -42.20 -8.39
CA LEU E 171 17.95 -41.03 -7.62
C LEU E 171 16.45 -40.80 -7.85
N THR E 172 15.66 -41.04 -6.81
CA THR E 172 14.22 -40.87 -6.90
C THR E 172 13.71 -39.92 -5.82
N SER E 173 14.34 -39.96 -4.64
CA SER E 173 13.87 -39.17 -3.51
C SER E 173 14.10 -37.69 -3.75
N GLY E 174 13.06 -36.88 -3.56
CA GLY E 174 13.18 -35.45 -3.71
C GLY E 174 13.24 -34.95 -5.13
N VAL E 175 12.84 -35.78 -6.10
CA VAL E 175 12.87 -35.40 -7.50
C VAL E 175 11.53 -34.77 -7.87
N HIS E 176 11.59 -33.59 -8.51
CA HIS E 176 10.40 -32.85 -8.93
C HIS E 176 10.51 -32.59 -10.43
N THR E 177 9.92 -33.45 -11.24
CA THR E 177 9.83 -33.23 -12.67
C THR E 177 8.56 -32.42 -12.95
N PHE E 178 8.75 -31.17 -13.36
CA PHE E 178 7.63 -30.26 -13.50
C PHE E 178 6.91 -30.49 -14.83
N PRO E 179 5.62 -30.19 -14.89
CA PRO E 179 4.89 -30.30 -16.16
C PRO E 179 5.47 -29.37 -17.21
N ALA E 180 5.44 -29.82 -18.46
CA ALA E 180 5.97 -29.03 -19.55
C ALA E 180 5.08 -27.83 -19.83
N VAL E 181 5.70 -26.76 -20.32
CA VAL E 181 4.99 -25.57 -20.75
C VAL E 181 5.18 -25.42 -22.26
N LEU E 182 4.20 -24.81 -22.91
CA LEU E 182 4.23 -24.60 -24.36
C LEU E 182 4.72 -23.17 -24.61
N GLN E 183 5.98 -23.03 -24.99
CA GLN E 183 6.55 -21.72 -25.26
C GLN E 183 5.91 -21.12 -26.51
N SER E 184 6.11 -19.81 -26.69
CA SER E 184 5.58 -19.12 -27.85
C SER E 184 6.18 -19.62 -29.14
N SER E 185 7.34 -20.29 -29.08
CA SER E 185 7.96 -20.86 -30.26
C SER E 185 7.31 -22.16 -30.71
N GLY E 186 6.22 -22.58 -30.07
CA GLY E 186 5.58 -23.84 -30.38
C GLY E 186 6.25 -25.06 -29.81
N LEU E 187 7.41 -24.91 -29.19
CA LEU E 187 8.15 -26.02 -28.59
C LEU E 187 7.89 -26.07 -27.09
N TYR E 188 8.00 -27.27 -26.53
CA TYR E 188 7.76 -27.48 -25.12
C TYR E 188 9.05 -27.32 -24.32
N SER E 189 8.89 -27.15 -23.01
CA SER E 189 10.03 -26.97 -22.12
C SER E 189 9.60 -27.27 -20.69
N LEU E 190 10.37 -28.12 -20.01
CA LEU E 190 10.14 -28.43 -18.60
C LEU E 190 11.49 -28.43 -17.88
N SER E 191 11.43 -28.58 -16.56
CA SER E 191 12.62 -28.68 -15.72
C SER E 191 12.39 -29.76 -14.69
N SER E 192 13.41 -30.58 -14.46
CA SER E 192 13.41 -31.59 -13.40
C SER E 192 14.44 -31.17 -12.36
N VAL E 193 14.01 -31.13 -11.10
CA VAL E 193 14.82 -30.60 -10.00
C VAL E 193 14.80 -31.60 -8.85
N VAL E 194 15.95 -31.79 -8.21
CA VAL E 194 16.09 -32.67 -7.06
C VAL E 194 17.03 -32.02 -6.05
N THR E 195 16.65 -32.09 -4.77
CA THR E 195 17.47 -31.57 -3.69
C THR E 195 18.42 -32.65 -3.20
N VAL E 196 19.71 -32.31 -3.11
CA VAL E 196 20.75 -33.26 -2.70
C VAL E 196 21.45 -32.66 -1.50
N PRO E 197 22.11 -33.49 -0.68
CA PRO E 197 22.83 -32.97 0.48
C PRO E 197 23.96 -32.03 0.06
N SER E 198 24.30 -31.11 0.97
CA SER E 198 25.32 -30.10 0.70
C SER E 198 26.72 -30.64 0.94
N SER E 199 26.90 -31.96 0.77
CA SER E 199 28.21 -32.58 0.95
C SER E 199 28.58 -33.59 -0.12
N SER E 200 27.63 -34.09 -0.90
CA SER E 200 27.90 -35.10 -1.92
C SER E 200 28.09 -34.51 -3.31
N LEU E 201 28.13 -33.18 -3.43
CA LEU E 201 28.31 -32.56 -4.74
C LEU E 201 29.71 -32.83 -5.28
N GLY E 202 30.73 -32.74 -4.42
CA GLY E 202 32.10 -33.01 -4.81
C GLY E 202 32.47 -34.46 -4.89
N THR E 203 31.57 -35.37 -4.48
CA THR E 203 31.87 -36.80 -4.50
C THR E 203 30.89 -37.55 -5.41
N GLN E 204 29.61 -37.62 -5.05
CA GLN E 204 28.64 -38.35 -5.84
C GLN E 204 28.27 -37.56 -7.10
N THR E 205 28.31 -38.23 -8.24
CA THR E 205 27.93 -37.60 -9.50
C THR E 205 26.41 -37.61 -9.67
N TYR E 206 25.92 -36.66 -10.47
CA TYR E 206 24.49 -36.51 -10.73
C TYR E 206 24.28 -36.33 -12.23
N ILE E 207 23.56 -37.26 -12.84
CA ILE E 207 23.28 -37.24 -14.26
C ILE E 207 21.78 -37.41 -14.46
N CYS E 208 21.16 -36.50 -15.21
CA CYS E 208 19.75 -36.60 -15.54
C CYS E 208 19.60 -37.28 -16.89
N ASN E 209 18.67 -38.24 -16.98
CA ASN E 209 18.45 -39.03 -18.18
C ASN E 209 17.12 -38.60 -18.79
N VAL E 210 17.20 -37.85 -19.89
CA VAL E 210 16.02 -37.37 -20.60
C VAL E 210 15.80 -38.24 -21.83
N ASN E 211 14.54 -38.60 -22.08
CA ASN E 211 14.18 -39.42 -23.22
C ASN E 211 13.00 -38.79 -23.93
N HIS E 212 13.17 -38.49 -25.22
CA HIS E 212 12.12 -37.95 -26.07
C HIS E 212 11.84 -38.98 -27.15
N LYS E 213 10.76 -39.75 -26.98
CA LYS E 213 10.48 -40.89 -27.84
C LYS E 213 10.11 -40.50 -29.28
N PRO E 214 9.31 -39.45 -29.51
CA PRO E 214 9.04 -39.05 -30.91
C PRO E 214 10.29 -38.82 -31.74
N SER E 215 11.32 -38.21 -31.18
CA SER E 215 12.54 -37.88 -31.91
C SER E 215 13.65 -38.91 -31.72
N ASN E 216 13.43 -39.92 -30.88
CA ASN E 216 14.43 -40.95 -30.60
C ASN E 216 15.75 -40.34 -30.11
N THR E 217 15.63 -39.57 -29.02
CA THR E 217 16.77 -38.87 -28.44
C THR E 217 16.85 -39.23 -26.96
N LYS E 218 17.92 -39.93 -26.57
CA LYS E 218 18.17 -40.29 -25.18
C LYS E 218 19.49 -39.64 -24.76
N VAL E 219 19.40 -38.61 -23.94
CA VAL E 219 20.57 -37.83 -23.53
C VAL E 219 20.81 -38.04 -22.04
N ASP E 220 22.08 -37.90 -21.65
CA ASP E 220 22.50 -38.03 -20.25
C ASP E 220 23.44 -36.86 -19.94
N LYS E 221 22.92 -35.82 -19.30
CA LYS E 221 23.68 -34.62 -19.00
C LYS E 221 24.21 -34.71 -17.58
N LYS E 222 25.53 -34.60 -17.45
CA LYS E 222 26.17 -34.57 -16.13
C LYS E 222 26.19 -33.14 -15.60
N VAL E 223 25.67 -32.96 -14.38
CA VAL E 223 25.61 -31.65 -13.75
C VAL E 223 26.62 -31.62 -12.61
N GLU E 224 27.22 -30.44 -12.42
CA GLU E 224 28.27 -30.23 -11.43
C GLU E 224 28.21 -28.78 -10.96
N PRO E 225 28.69 -28.48 -9.75
CA PRO E 225 28.75 -27.08 -9.31
C PRO E 225 29.73 -26.29 -10.15
N LYS E 226 29.22 -25.26 -10.82
CA LYS E 226 30.05 -24.44 -11.69
C LYS E 226 30.98 -23.55 -10.87
N SER E 227 32.00 -23.03 -11.53
CA SER E 227 32.98 -22.15 -10.89
C SER E 227 32.94 -20.75 -11.49
N GLU F 1 -27.78 12.82 32.43
CA GLU F 1 -26.42 12.33 32.32
C GLU F 1 -25.42 13.35 32.86
N VAL F 2 -24.24 12.89 33.25
CA VAL F 2 -23.21 13.78 33.76
C VAL F 2 -22.64 14.58 32.61
N GLN F 3 -22.49 15.90 32.83
CA GLN F 3 -21.99 16.81 31.81
C GLN F 3 -21.14 17.89 32.46
N LEU F 4 -20.20 18.42 31.68
CA LEU F 4 -19.32 19.49 32.12
C LEU F 4 -19.31 20.59 31.08
N VAL F 5 -19.61 21.81 31.50
CA VAL F 5 -19.69 22.95 30.60
C VAL F 5 -18.67 24.00 31.05
N GLU F 6 -17.74 24.33 30.16
CA GLU F 6 -16.75 25.36 30.44
C GLU F 6 -17.20 26.71 29.91
N SER F 7 -16.71 27.76 30.53
CA SER F 7 -17.03 29.13 30.12
C SER F 7 -15.99 30.05 30.74
N GLY F 8 -16.04 31.31 30.31
CA GLY F 8 -15.13 32.33 30.81
C GLY F 8 -13.92 32.59 29.92
N GLY F 9 -13.68 31.74 28.93
CA GLY F 9 -12.56 31.95 28.04
C GLY F 9 -12.73 33.16 27.14
N GLY F 10 -11.67 33.49 26.42
CA GLY F 10 -11.68 34.61 25.53
C GLY F 10 -10.29 35.20 25.38
N LEU F 11 -10.25 36.42 24.86
CA LEU F 11 -9.00 37.12 24.62
C LEU F 11 -8.58 37.91 25.84
N VAL F 12 -7.31 37.74 26.25
CA VAL F 12 -6.76 38.42 27.42
C VAL F 12 -5.37 38.94 27.06
N GLN F 13 -5.09 40.17 27.47
CA GLN F 13 -3.78 40.77 27.24
C GLN F 13 -2.72 40.05 28.08
N PRO F 14 -1.49 39.95 27.57
CA PRO F 14 -0.42 39.35 28.37
C PRO F 14 -0.20 40.13 29.66
N GLY F 15 0.07 39.39 30.73
CA GLY F 15 0.14 39.97 32.06
C GLY F 15 -1.20 40.12 32.76
N GLY F 16 -2.30 39.98 32.04
CA GLY F 16 -3.62 40.04 32.63
C GLY F 16 -4.01 38.74 33.29
N SER F 17 -5.28 38.66 33.68
CA SER F 17 -5.79 37.51 34.39
C SER F 17 -7.18 37.17 33.90
N LEU F 18 -7.59 35.93 34.17
CA LEU F 18 -8.89 35.43 33.73
C LEU F 18 -9.34 34.35 34.72
N ARG F 19 -10.66 34.18 34.82
CA ARG F 19 -11.25 33.17 35.69
C ARG F 19 -12.17 32.28 34.86
N LEU F 20 -11.81 31.01 34.75
CA LEU F 20 -12.64 30.03 34.07
C LEU F 20 -13.54 29.32 35.08
N SER F 21 -14.75 28.98 34.63
CA SER F 21 -15.72 28.27 35.46
C SER F 21 -16.15 26.99 34.77
N CYS F 22 -16.42 25.96 35.57
CA CYS F 22 -16.80 24.65 35.08
C CYS F 22 -18.10 24.23 35.77
N ALA F 23 -19.22 24.38 35.08
CA ALA F 23 -20.52 24.02 35.63
C ALA F 23 -20.77 22.53 35.42
N ALA F 24 -20.96 21.80 36.51
CA ALA F 24 -21.17 20.36 36.47
C ALA F 24 -22.64 20.02 36.64
N SER F 25 -23.06 18.94 35.98
CA SER F 25 -24.42 18.45 36.08
C SER F 25 -24.41 16.93 36.09
N GLY F 26 -25.52 16.34 36.52
CA GLY F 26 -25.63 14.90 36.59
C GLY F 26 -24.88 14.23 37.70
N PHE F 27 -24.17 14.99 38.54
CA PHE F 27 -23.41 14.43 39.65
C PHE F 27 -22.99 15.57 40.56
N ASN F 28 -22.58 15.22 41.78
CA ASN F 28 -22.07 16.18 42.74
C ASN F 28 -20.56 16.15 42.75
N ILE F 29 -19.94 17.34 42.86
CA ILE F 29 -18.48 17.45 42.76
C ILE F 29 -17.79 17.36 44.11
N TYR F 30 -18.55 17.21 45.21
CA TYR F 30 -17.95 17.25 46.53
C TYR F 30 -16.92 16.13 46.71
N TYR F 31 -17.35 14.89 46.50
CA TYR F 31 -16.47 13.74 46.70
C TYR F 31 -15.58 13.44 45.50
N ASN F 32 -15.86 14.04 44.34
CA ASN F 32 -15.11 13.76 43.14
C ASN F 32 -13.92 14.72 43.01
N TYR F 33 -13.11 14.50 41.98
CA TYR F 33 -11.96 15.34 41.67
C TYR F 33 -12.20 16.04 40.35
N ILE F 34 -12.08 17.37 40.34
CA ILE F 34 -12.24 18.17 39.14
C ILE F 34 -10.88 18.65 38.69
N HIS F 35 -10.53 18.35 37.43
CA HIS F 35 -9.25 18.71 36.87
C HIS F 35 -9.44 19.72 35.74
N TRP F 36 -8.36 20.45 35.46
CA TRP F 36 -8.27 21.30 34.28
C TRP F 36 -7.11 20.80 33.42
N VAL F 37 -7.36 20.61 32.13
CA VAL F 37 -6.36 20.17 31.18
C VAL F 37 -6.43 21.08 29.97
N ARG F 38 -5.31 21.68 29.59
CA ARG F 38 -5.26 22.59 28.46
C ARG F 38 -4.53 21.92 27.30
N GLN F 39 -4.81 22.42 26.10
CA GLN F 39 -4.24 21.87 24.87
C GLN F 39 -3.88 23.03 23.94
N ALA F 40 -2.60 23.31 23.81
CA ALA F 40 -2.15 24.34 22.89
C ALA F 40 -2.52 23.97 21.46
N PRO F 41 -2.75 24.95 20.58
CA PRO F 41 -3.19 24.64 19.21
C PRO F 41 -2.21 23.73 18.49
N GLY F 42 -2.70 22.56 18.09
CA GLY F 42 -1.90 21.58 17.38
C GLY F 42 -0.99 20.76 18.25
N LYS F 43 -1.04 20.90 19.57
CA LYS F 43 -0.18 20.18 20.48
C LYS F 43 -0.99 19.15 21.27
N GLY F 44 -0.35 18.57 22.29
CA GLY F 44 -0.98 17.55 23.10
C GLY F 44 -1.62 18.13 24.35
N LEU F 45 -2.04 17.22 25.24
CA LEU F 45 -2.72 17.59 26.45
C LEU F 45 -1.74 17.90 27.57
N GLU F 46 -2.11 18.85 28.43
CA GLU F 46 -1.29 19.23 29.57
C GLU F 46 -2.19 19.45 30.78
N TRP F 47 -2.17 18.52 31.72
CA TRP F 47 -2.88 18.71 32.97
C TRP F 47 -2.21 19.83 33.77
N VAL F 48 -3.02 20.68 34.40
CA VAL F 48 -2.48 21.84 35.09
C VAL F 48 -2.92 21.90 36.55
N ALA F 49 -4.14 21.46 36.84
CA ALA F 49 -4.66 21.62 38.19
C ALA F 49 -5.65 20.51 38.53
N GLU F 50 -5.83 20.29 39.83
CA GLU F 50 -6.77 19.31 40.36
C GLU F 50 -7.28 19.78 41.70
N PHE F 51 -8.59 19.65 41.92
CA PHE F 51 -9.21 20.05 43.17
C PHE F 51 -10.23 19.01 43.61
N SER F 52 -10.36 18.87 44.93
CA SER F 52 -11.39 18.03 45.54
C SER F 52 -12.03 18.80 46.70
N PRO F 53 -13.29 19.21 46.57
CA PRO F 53 -13.91 19.99 47.65
C PRO F 53 -14.00 19.26 48.97
N TYR F 54 -14.02 17.93 48.97
CA TYR F 54 -14.09 17.17 50.22
C TYR F 54 -12.84 17.40 51.07
N SER F 55 -11.67 17.26 50.46
CA SER F 55 -10.42 17.45 51.18
C SER F 55 -9.86 18.86 51.06
N GLY F 56 -10.24 19.60 50.02
CA GLY F 56 -9.73 20.94 49.81
C GLY F 56 -8.32 21.01 49.28
N SER F 57 -7.71 19.87 48.94
CA SER F 57 -6.34 19.85 48.46
C SER F 57 -6.29 20.33 47.01
N THR F 58 -5.29 21.16 46.71
CA THR F 58 -5.06 21.69 45.37
C THR F 58 -3.69 21.23 44.90
N TYR F 59 -3.64 20.64 43.70
CA TYR F 59 -2.40 20.18 43.10
C TYR F 59 -2.25 20.83 41.73
N TYR F 60 -1.13 21.51 41.53
CA TYR F 60 -0.86 22.24 40.29
C TYR F 60 0.36 21.69 39.60
N ALA F 61 0.37 21.79 38.27
CA ALA F 61 1.55 21.48 37.49
C ALA F 61 2.56 22.61 37.63
N ASP F 62 3.85 22.28 37.47
CA ASP F 62 4.89 23.28 37.60
C ASP F 62 4.80 24.38 36.55
N SER F 63 4.15 24.09 35.42
CA SER F 63 4.01 25.10 34.37
C SER F 63 3.13 26.26 34.81
N VAL F 64 2.23 26.03 35.76
CA VAL F 64 1.28 27.04 36.22
C VAL F 64 1.35 27.28 37.72
N LYS F 65 2.26 26.61 38.43
CA LYS F 65 2.32 26.74 39.88
C LYS F 65 2.72 28.16 40.26
N GLY F 66 1.90 28.78 41.11
CA GLY F 66 2.13 30.14 41.56
C GLY F 66 1.30 31.19 40.84
N ARG F 67 0.80 30.88 39.65
CA ARG F 67 -0.04 31.81 38.89
C ARG F 67 -1.47 31.35 38.74
N PHE F 68 -1.73 30.05 38.81
CA PHE F 68 -3.07 29.50 38.66
C PHE F 68 -3.59 29.05 40.02
N THR F 69 -4.91 29.18 40.20
CA THR F 69 -5.56 28.80 41.45
C THR F 69 -6.85 28.07 41.11
N ILE F 70 -6.94 26.80 41.48
CA ILE F 70 -8.13 25.99 41.26
C ILE F 70 -8.99 26.04 42.52
N SER F 71 -10.30 26.13 42.34
CA SER F 71 -11.23 26.17 43.46
C SER F 71 -12.58 25.66 42.96
N ALA F 72 -13.57 25.65 43.86
CA ALA F 72 -14.90 25.20 43.51
C ALA F 72 -15.92 25.88 44.43
N ASP F 73 -17.18 25.82 44.00
CA ASP F 73 -18.31 26.33 44.79
C ASP F 73 -19.36 25.21 44.82
N THR F 74 -19.37 24.45 45.92
CA THR F 74 -20.32 23.35 46.04
C THR F 74 -21.77 23.82 46.04
N SER F 75 -22.01 25.07 46.44
CA SER F 75 -23.37 25.60 46.38
C SER F 75 -23.87 25.68 44.95
N LYS F 76 -23.00 26.02 44.00
CA LYS F 76 -23.34 26.10 42.59
C LYS F 76 -22.88 24.88 41.81
N ASN F 77 -22.25 23.90 42.46
CA ASN F 77 -21.73 22.70 41.80
C ASN F 77 -20.81 23.08 40.65
N THR F 78 -19.97 24.10 40.88
CA THR F 78 -19.14 24.68 39.85
C THR F 78 -17.71 24.81 40.37
N ALA F 79 -16.75 24.38 39.56
CA ALA F 79 -15.34 24.57 39.84
C ALA F 79 -14.80 25.77 39.09
N TYR F 80 -13.68 26.30 39.56
CA TYR F 80 -13.10 27.51 38.99
C TYR F 80 -11.60 27.32 38.79
N LEU F 81 -11.05 28.15 37.90
CA LEU F 81 -9.61 28.18 37.64
C LEU F 81 -9.22 29.64 37.42
N GLN F 82 -8.67 30.27 38.45
CA GLN F 82 -8.20 31.65 38.36
C GLN F 82 -6.79 31.64 37.76
N MET F 83 -6.65 32.22 36.57
CA MET F 83 -5.39 32.22 35.83
C MET F 83 -4.82 33.63 35.88
N ASN F 84 -3.69 33.79 36.57
CA ASN F 84 -3.03 35.08 36.71
C ASN F 84 -1.69 35.09 36.00
N SER F 85 -1.18 36.30 35.75
CA SER F 85 0.13 36.50 35.13
C SER F 85 0.25 35.73 33.83
N LEU F 86 -0.80 35.81 33.01
CA LEU F 86 -0.88 34.99 31.80
C LEU F 86 0.17 35.39 30.78
N ARG F 87 0.86 34.39 30.23
CA ARG F 87 1.86 34.59 29.19
C ARG F 87 1.32 34.10 27.85
N ALA F 88 2.08 34.38 26.79
CA ALA F 88 1.66 33.99 25.45
C ALA F 88 1.51 32.48 25.33
N GLU F 89 2.42 31.73 25.96
CA GLU F 89 2.38 30.27 25.87
C GLU F 89 1.19 29.67 26.58
N ASP F 90 0.45 30.46 27.37
CA ASP F 90 -0.76 29.97 28.04
C ASP F 90 -1.96 29.88 27.11
N THR F 91 -1.82 30.29 25.85
CA THR F 91 -2.91 30.22 24.88
C THR F 91 -3.19 28.76 24.55
N ALA F 92 -4.38 28.28 24.92
CA ALA F 92 -4.75 26.89 24.72
C ALA F 92 -6.25 26.75 24.93
N VAL F 93 -6.78 25.61 24.48
CA VAL F 93 -8.15 25.23 24.81
C VAL F 93 -8.13 24.55 26.16
N TYR F 94 -8.83 25.15 27.13
CA TYR F 94 -8.83 24.65 28.50
C TYR F 94 -10.03 23.74 28.72
N TYR F 95 -9.76 22.46 28.99
CA TYR F 95 -10.79 21.47 29.24
C TYR F 95 -11.00 21.30 30.75
N CYS F 96 -12.24 21.03 31.12
CA CYS F 96 -12.59 20.66 32.48
C CYS F 96 -12.90 19.17 32.51
N ALA F 97 -12.14 18.41 33.29
CA ALA F 97 -12.30 16.97 33.39
C ALA F 97 -12.67 16.57 34.81
N ARG F 98 -13.14 15.34 34.95
CA ARG F 98 -13.57 14.82 36.24
C ARG F 98 -13.01 13.42 36.43
N SER F 99 -12.40 13.18 37.58
CA SER F 99 -11.96 11.85 37.99
C SER F 99 -12.80 11.43 39.18
N ALA F 100 -13.35 10.21 39.13
CA ALA F 100 -14.29 9.76 40.13
C ALA F 100 -13.61 9.63 41.50
N ALA F 101 -14.44 9.58 42.54
CA ALA F 101 -13.95 9.43 43.90
C ALA F 101 -13.29 8.06 44.09
N ILE F 102 -12.33 8.02 45.00
CA ILE F 102 -11.57 6.80 45.27
C ILE F 102 -12.47 5.80 45.99
N VAL F 103 -13.02 4.84 45.25
CA VAL F 103 -13.82 3.77 45.84
C VAL F 103 -12.99 2.52 46.09
N ASP F 104 -11.83 2.38 45.45
CA ASP F 104 -10.94 1.25 45.65
C ASP F 104 -9.54 1.79 45.91
N TRP F 105 -8.91 1.31 46.98
CA TRP F 105 -7.59 1.79 47.35
C TRP F 105 -6.47 1.10 46.56
N TYR F 106 -6.80 0.14 45.70
CA TYR F 106 -5.82 -0.45 44.79
C TYR F 106 -5.85 0.27 43.44
N ASP F 107 -6.99 0.23 42.75
CA ASP F 107 -7.19 1.01 41.53
C ASP F 107 -7.73 2.40 41.89
N TYR F 108 -6.90 3.16 42.61
CA TYR F 108 -7.33 4.44 43.15
C TYR F 108 -7.63 5.45 42.05
N PHE F 109 -7.00 5.31 40.89
CA PHE F 109 -7.21 6.21 39.77
C PHE F 109 -7.81 5.42 38.61
N LYS F 110 -9.02 5.81 38.20
CA LYS F 110 -9.72 5.16 37.10
C LYS F 110 -9.84 6.06 35.88
N GLY F 111 -8.93 7.01 35.74
CA GLY F 111 -8.91 7.89 34.58
C GLY F 111 -9.88 9.04 34.71
N PHE F 112 -9.81 9.93 33.71
CA PHE F 112 -10.73 11.06 33.60
C PHE F 112 -11.91 10.61 32.74
N ASP F 113 -13.00 10.22 33.40
CA ASP F 113 -14.09 9.55 32.69
C ASP F 113 -14.94 10.52 31.87
N TYR F 114 -15.16 11.73 32.36
CA TYR F 114 -16.00 12.70 31.69
C TYR F 114 -15.24 14.01 31.50
N TRP F 115 -15.36 14.58 30.30
CA TRP F 115 -14.69 15.82 29.93
C TRP F 115 -15.70 16.83 29.44
N GLY F 116 -15.33 18.10 29.52
CA GLY F 116 -16.13 19.18 28.98
C GLY F 116 -15.83 19.43 27.51
N GLN F 117 -16.61 20.34 26.93
CA GLN F 117 -16.39 20.69 25.53
C GLN F 117 -15.10 21.48 25.34
N GLY F 118 -14.70 22.26 26.35
CA GLY F 118 -13.47 23.02 26.26
C GLY F 118 -13.69 24.47 25.86
N THR F 119 -13.07 25.40 26.57
CA THR F 119 -13.16 26.81 26.27
C THR F 119 -11.80 27.31 25.77
N LEU F 120 -11.84 28.25 24.84
CA LEU F 120 -10.63 28.77 24.23
C LEU F 120 -10.16 30.02 24.96
N VAL F 121 -8.89 30.06 25.30
CA VAL F 121 -8.27 31.20 25.97
C VAL F 121 -7.07 31.65 25.13
N THR F 122 -7.13 32.87 24.63
CA THR F 122 -6.08 33.44 23.80
C THR F 122 -5.38 34.57 24.56
N VAL F 123 -4.06 34.48 24.65
CA VAL F 123 -3.24 35.48 25.34
C VAL F 123 -2.36 36.13 24.29
N SER F 124 -2.67 37.37 23.92
CA SER F 124 -1.89 38.08 22.92
C SER F 124 -2.14 39.57 23.07
N SER F 125 -1.11 40.37 22.77
CA SER F 125 -1.20 41.81 22.86
C SER F 125 -1.86 42.43 21.63
N ALA F 126 -2.31 41.62 20.67
CA ALA F 126 -2.97 42.15 19.50
C ALA F 126 -4.38 42.61 19.83
N SER F 127 -4.91 43.49 18.97
CA SER F 127 -6.26 44.01 19.13
C SER F 127 -7.21 43.30 18.18
N THR F 128 -8.49 43.29 18.55
CA THR F 128 -9.52 42.65 17.74
C THR F 128 -9.67 43.39 16.42
N LYS F 129 -9.13 42.82 15.35
CA LYS F 129 -9.14 43.43 14.04
C LYS F 129 -9.91 42.55 13.06
N GLY F 130 -10.71 43.20 12.20
CA GLY F 130 -11.44 42.49 11.18
C GLY F 130 -10.55 42.03 10.05
N PRO F 131 -11.02 41.06 9.27
CA PRO F 131 -10.21 40.52 8.17
C PRO F 131 -10.36 41.34 6.89
N SER F 132 -9.53 41.00 5.91
CA SER F 132 -9.58 41.60 4.58
C SER F 132 -9.42 40.49 3.56
N VAL F 133 -10.45 40.27 2.75
CA VAL F 133 -10.50 39.14 1.82
C VAL F 133 -9.92 39.57 0.48
N PHE F 134 -9.08 38.70 -0.09
CA PHE F 134 -8.50 38.91 -1.40
C PHE F 134 -8.75 37.67 -2.26
N PRO F 135 -8.95 37.85 -3.57
CA PRO F 135 -9.33 36.71 -4.42
C PRO F 135 -8.15 35.97 -5.02
N LEU F 136 -8.11 34.65 -4.82
CA LEU F 136 -7.15 33.80 -5.50
C LEU F 136 -7.76 33.38 -6.84
N ALA F 137 -7.71 34.31 -7.79
CA ALA F 137 -8.36 34.11 -9.07
C ALA F 137 -7.72 32.95 -9.83
N PRO F 138 -8.50 32.17 -10.57
CA PRO F 138 -7.95 31.05 -11.34
C PRO F 138 -7.22 31.54 -12.58
N SER F 139 -6.11 30.89 -12.88
CA SER F 139 -5.29 31.21 -14.04
C SER F 139 -5.36 30.09 -15.06
N SER F 140 -4.61 30.26 -16.16
CA SER F 140 -4.55 29.28 -17.24
C SER F 140 -5.93 28.97 -17.81
N GLY F 146 -7.34 18.76 -15.78
CA GLY F 146 -8.41 19.29 -16.62
C GLY F 146 -9.37 20.19 -15.87
N THR F 147 -9.07 20.44 -14.60
CA THR F 147 -9.88 21.28 -13.75
C THR F 147 -9.11 22.54 -13.36
N ALA F 148 -9.84 23.53 -12.85
CA ALA F 148 -9.27 24.79 -12.42
C ALA F 148 -9.43 24.96 -10.92
N ALA F 149 -8.55 25.78 -10.34
CA ALA F 149 -8.52 26.02 -8.90
C ALA F 149 -8.67 27.50 -8.62
N LEU F 150 -9.49 27.83 -7.63
CA LEU F 150 -9.73 29.21 -7.22
C LEU F 150 -10.03 29.24 -5.73
N GLY F 151 -9.97 30.43 -5.16
CA GLY F 151 -10.24 30.56 -3.74
C GLY F 151 -10.12 32.00 -3.29
N CYS F 152 -10.19 32.17 -1.97
CA CYS F 152 -10.07 33.48 -1.33
C CYS F 152 -8.98 33.43 -0.28
N LEU F 153 -8.39 34.59 0.01
CA LEU F 153 -7.36 34.72 1.03
C LEU F 153 -7.87 35.66 2.12
N VAL F 154 -7.97 35.13 3.34
CA VAL F 154 -8.42 35.90 4.49
C VAL F 154 -7.17 36.27 5.28
N LYS F 155 -6.67 37.48 5.06
CA LYS F 155 -5.40 37.93 5.63
C LYS F 155 -5.66 38.97 6.71
N ASP F 156 -4.84 38.90 7.77
CA ASP F 156 -4.83 39.90 8.84
C ASP F 156 -6.17 39.99 9.56
N TYR F 157 -6.40 39.11 10.52
CA TYR F 157 -7.58 39.18 11.37
C TYR F 157 -7.22 38.64 12.74
N PHE F 158 -7.90 39.18 13.77
CA PHE F 158 -7.62 38.76 15.13
C PHE F 158 -8.82 39.05 16.00
N PRO F 159 -9.20 38.15 16.91
CA PRO F 159 -8.62 36.83 17.14
C PRO F 159 -9.36 35.74 16.36
N GLU F 160 -9.13 34.49 16.71
CA GLU F 160 -9.82 33.36 16.09
C GLU F 160 -11.09 33.05 16.86
N PRO F 161 -12.06 32.35 16.23
CA PRO F 161 -12.05 31.76 14.89
C PRO F 161 -12.68 32.63 13.82
N VAL F 162 -12.73 32.11 12.59
CA VAL F 162 -13.40 32.77 11.47
C VAL F 162 -13.98 31.69 10.59
N THR F 163 -15.10 32.00 9.94
CA THR F 163 -15.80 31.06 9.07
C THR F 163 -15.73 31.54 7.63
N VAL F 164 -15.82 30.60 6.70
CA VAL F 164 -15.83 30.89 5.27
C VAL F 164 -16.88 30.00 4.62
N SER F 165 -17.83 30.61 3.92
CA SER F 165 -18.87 29.89 3.20
C SER F 165 -18.76 30.24 1.72
N TRP F 166 -18.75 29.21 0.87
CA TRP F 166 -18.63 29.38 -0.57
C TRP F 166 -20.01 29.29 -1.21
N ASN F 167 -20.40 30.36 -1.90
CA ASN F 167 -21.70 30.45 -2.57
C ASN F 167 -22.85 30.24 -1.58
N SER F 168 -22.74 30.88 -0.41
CA SER F 168 -23.77 30.84 0.63
C SER F 168 -24.06 29.40 1.05
N GLY F 169 -23.00 28.63 1.30
CA GLY F 169 -23.15 27.27 1.77
C GLY F 169 -23.62 26.27 0.74
N ALA F 170 -23.82 26.69 -0.52
CA ALA F 170 -24.29 25.76 -1.54
C ALA F 170 -23.14 24.97 -2.16
N LEU F 171 -21.96 25.58 -2.28
CA LEU F 171 -20.80 24.92 -2.85
C LEU F 171 -19.97 24.31 -1.72
N THR F 172 -19.97 22.98 -1.64
CA THR F 172 -19.22 22.26 -0.61
C THR F 172 -18.21 21.28 -1.16
N SER F 173 -18.48 20.65 -2.31
CA SER F 173 -17.55 19.68 -2.87
C SER F 173 -16.30 20.38 -3.38
N GLY F 174 -15.13 19.86 -2.96
CA GLY F 174 -13.87 20.44 -3.35
C GLY F 174 -13.43 21.62 -2.51
N VAL F 175 -14.20 22.03 -1.53
CA VAL F 175 -13.86 23.18 -0.69
C VAL F 175 -12.76 22.75 0.27
N HIS F 176 -11.69 23.56 0.34
CA HIS F 176 -10.57 23.32 1.25
C HIS F 176 -10.29 24.62 2.01
N THR F 177 -10.78 24.70 3.24
CA THR F 177 -10.54 25.85 4.12
C THR F 177 -9.39 25.49 5.05
N PHE F 178 -8.21 26.03 4.77
CA PHE F 178 -7.03 25.69 5.53
C PHE F 178 -7.09 26.30 6.93
N PRO F 179 -6.56 25.58 7.93
CA PRO F 179 -6.47 26.17 9.28
C PRO F 179 -5.61 27.42 9.26
N ALA F 180 -6.02 28.41 10.05
CA ALA F 180 -5.32 29.69 10.07
C ALA F 180 -3.94 29.54 10.70
N VAL F 181 -2.96 30.22 10.10
CA VAL F 181 -1.62 30.30 10.66
C VAL F 181 -1.46 31.67 11.32
N LEU F 182 -0.58 31.74 12.31
CA LEU F 182 -0.33 32.98 13.04
C LEU F 182 0.89 33.66 12.44
N GLN F 183 0.66 34.79 11.78
CA GLN F 183 1.76 35.54 11.18
C GLN F 183 2.63 36.16 12.28
N SER F 184 3.81 36.64 11.85
CA SER F 184 4.73 37.25 12.80
C SER F 184 4.19 38.55 13.39
N SER F 185 3.20 39.16 12.74
CA SER F 185 2.57 40.38 13.23
C SER F 185 1.55 40.12 14.33
N GLY F 186 1.41 38.88 14.79
CA GLY F 186 0.42 38.53 15.77
C GLY F 186 -1.00 38.39 15.22
N LEU F 187 -1.18 38.53 13.92
CA LEU F 187 -2.49 38.40 13.29
C LEU F 187 -2.60 37.04 12.60
N TYR F 188 -3.83 36.57 12.46
CA TYR F 188 -4.08 35.29 11.80
C TYR F 188 -4.34 35.49 10.32
N SER F 189 -4.15 34.42 9.55
CA SER F 189 -4.35 34.46 8.12
C SER F 189 -4.58 33.04 7.62
N LEU F 190 -5.50 32.90 6.67
CA LEU F 190 -5.78 31.60 6.06
C LEU F 190 -6.30 31.82 4.65
N SER F 191 -6.33 30.73 3.88
CA SER F 191 -6.86 30.76 2.52
C SER F 191 -7.83 29.60 2.36
N SER F 192 -8.99 29.88 1.78
CA SER F 192 -9.99 28.87 1.48
C SER F 192 -10.11 28.75 -0.03
N VAL F 193 -9.81 27.55 -0.56
CA VAL F 193 -9.76 27.32 -1.99
C VAL F 193 -10.84 26.32 -2.36
N VAL F 194 -11.02 26.13 -3.68
CA VAL F 194 -11.95 25.15 -4.21
C VAL F 194 -11.47 24.75 -5.60
N THR F 195 -11.74 23.50 -5.97
CA THR F 195 -11.43 22.98 -7.29
C THR F 195 -12.72 22.84 -8.08
N VAL F 196 -12.74 23.39 -9.28
CA VAL F 196 -13.97 23.49 -10.07
C VAL F 196 -13.64 23.21 -11.53
N PRO F 197 -14.52 22.51 -12.27
CA PRO F 197 -14.30 22.35 -13.71
C PRO F 197 -14.18 23.71 -14.41
N SER F 198 -13.12 23.85 -15.21
CA SER F 198 -12.82 25.13 -15.83
C SER F 198 -13.87 25.58 -16.83
N SER F 199 -14.75 24.67 -17.29
CA SER F 199 -15.79 25.08 -18.23
C SER F 199 -16.83 25.96 -17.56
N SER F 200 -17.11 25.74 -16.28
CA SER F 200 -18.08 26.56 -15.54
C SER F 200 -17.44 27.77 -14.88
N LEU F 201 -16.56 28.45 -15.60
CA LEU F 201 -15.85 29.60 -15.04
C LEU F 201 -16.58 30.91 -15.23
N GLY F 202 -17.42 31.01 -16.26
CA GLY F 202 -18.14 32.25 -16.52
C GLY F 202 -19.64 32.07 -16.55
N THR F 203 -20.13 30.95 -16.01
CA THR F 203 -21.55 30.65 -15.98
C THR F 203 -22.13 30.56 -14.58
N GLN F 204 -21.29 30.54 -13.54
CA GLN F 204 -21.77 30.46 -12.17
C GLN F 204 -21.02 31.49 -11.33
N THR F 205 -21.76 32.31 -10.60
CA THR F 205 -21.17 33.35 -9.75
C THR F 205 -20.52 32.68 -8.54
N TYR F 206 -19.19 32.60 -8.55
CA TYR F 206 -18.44 32.02 -7.45
C TYR F 206 -18.03 33.12 -6.49
N ILE F 207 -18.57 33.09 -5.27
CA ILE F 207 -18.30 34.10 -4.27
C ILE F 207 -18.10 33.40 -2.92
N CYS F 208 -17.12 33.88 -2.16
CA CYS F 208 -16.85 33.38 -0.82
C CYS F 208 -17.39 34.36 0.22
N ASN F 209 -17.89 33.83 1.33
CA ASN F 209 -18.49 34.63 2.39
C ASN F 209 -17.75 34.34 3.70
N VAL F 210 -16.95 35.30 4.16
CA VAL F 210 -16.22 35.18 5.41
C VAL F 210 -17.00 35.90 6.50
N ASN F 211 -16.82 35.44 7.74
CA ASN F 211 -17.54 36.00 8.87
C ASN F 211 -16.66 35.91 10.11
N HIS F 212 -16.31 37.08 10.67
CA HIS F 212 -15.52 37.16 11.89
C HIS F 212 -16.39 37.70 13.00
N LYS F 213 -16.62 36.90 14.04
CA LYS F 213 -17.62 37.24 15.05
C LYS F 213 -17.06 38.17 16.13
N PRO F 214 -15.84 37.94 16.64
CA PRO F 214 -15.25 38.94 17.55
C PRO F 214 -15.20 40.33 16.97
N SER F 215 -15.02 40.46 15.66
CA SER F 215 -14.98 41.76 15.00
C SER F 215 -16.29 42.15 14.34
N ASN F 216 -17.26 41.23 14.28
CA ASN F 216 -18.55 41.48 13.65
C ASN F 216 -18.39 41.92 12.20
N THR F 217 -17.52 41.22 11.47
CA THR F 217 -17.23 41.55 10.08
C THR F 217 -17.69 40.41 9.19
N LYS F 218 -18.36 40.76 8.08
CA LYS F 218 -18.83 39.79 7.11
C LYS F 218 -18.63 40.37 5.72
N VAL F 219 -17.86 39.66 4.88
CA VAL F 219 -17.52 40.13 3.55
C VAL F 219 -17.90 39.06 2.53
N ASP F 220 -18.26 39.51 1.32
CA ASP F 220 -18.60 38.63 0.21
C ASP F 220 -17.74 39.05 -0.98
N LYS F 221 -16.70 38.27 -1.27
CA LYS F 221 -15.77 38.55 -2.35
C LYS F 221 -16.01 37.59 -3.50
N LYS F 222 -16.06 38.12 -4.72
CA LYS F 222 -16.27 37.33 -5.92
C LYS F 222 -14.95 37.19 -6.66
N VAL F 223 -14.52 35.95 -6.89
CA VAL F 223 -13.27 35.67 -7.58
C VAL F 223 -13.56 35.39 -9.05
N GLU F 224 -12.84 36.06 -9.93
CA GLU F 224 -13.01 35.93 -11.37
C GLU F 224 -11.66 36.03 -12.05
N PRO F 225 -11.45 35.33 -13.16
CA PRO F 225 -10.16 35.40 -13.85
C PRO F 225 -9.92 36.79 -14.44
N LYS F 226 -8.79 37.39 -14.08
CA LYS F 226 -8.45 38.72 -14.56
C LYS F 226 -7.07 38.75 -15.20
N GLU G 1 44.10 36.57 20.36
CA GLU G 1 44.46 36.54 21.78
C GLU G 1 43.20 36.52 22.64
N VAL G 2 42.11 37.05 22.09
CA VAL G 2 40.85 37.10 22.83
C VAL G 2 40.25 35.69 22.90
N GLN G 3 39.82 35.30 24.09
CA GLN G 3 39.29 33.96 24.30
C GLN G 3 38.31 33.97 25.47
N LEU G 4 37.32 33.08 25.39
CA LEU G 4 36.36 32.86 26.47
C LEU G 4 36.30 31.37 26.74
N VAL G 5 36.56 30.98 27.99
CA VAL G 5 36.62 29.57 28.38
C VAL G 5 35.56 29.32 29.44
N GLU G 6 34.53 28.58 29.08
CA GLU G 6 33.50 28.19 30.03
C GLU G 6 33.99 27.02 30.87
N SER G 7 33.53 26.97 32.13
CA SER G 7 33.89 25.89 33.03
C SER G 7 32.80 25.75 34.08
N GLY G 8 32.86 24.65 34.83
CA GLY G 8 31.92 24.39 35.88
C GLY G 8 30.74 23.51 35.50
N GLY G 9 30.57 23.21 34.22
CA GLY G 9 29.46 22.36 33.81
C GLY G 9 29.66 20.93 34.25
N GLY G 10 28.55 20.23 34.43
CA GLY G 10 28.60 18.84 34.85
C GLY G 10 27.23 18.33 35.24
N LEU G 11 27.23 17.33 36.11
CA LEU G 11 26.00 16.69 36.55
C LEU G 11 25.33 17.50 37.65
N VAL G 12 24.00 17.54 37.63
CA VAL G 12 23.22 18.19 38.67
C VAL G 12 21.86 17.52 38.75
N GLN G 13 21.32 17.44 39.96
CA GLN G 13 20.03 16.81 40.19
C GLN G 13 18.91 17.80 39.92
N PRO G 14 17.70 17.31 39.62
CA PRO G 14 16.56 18.22 39.41
C PRO G 14 16.29 19.04 40.66
N GLY G 15 16.25 20.36 40.49
CA GLY G 15 16.10 21.27 41.60
C GLY G 15 17.41 21.69 42.25
N GLY G 16 18.53 21.14 41.82
CA GLY G 16 19.82 21.48 42.36
C GLY G 16 20.35 22.79 41.80
N SER G 17 21.59 23.10 42.17
CA SER G 17 22.22 24.36 41.82
C SER G 17 23.59 24.11 41.22
N LEU G 18 24.02 25.02 40.35
CA LEU G 18 25.33 24.93 39.71
C LEU G 18 25.73 26.32 39.25
N ARG G 19 27.00 26.66 39.45
CA ARG G 19 27.55 27.95 39.05
C ARG G 19 28.56 27.73 37.93
N LEU G 20 28.39 28.47 36.85
CA LEU G 20 29.32 28.44 35.72
C LEU G 20 30.31 29.59 35.82
N SER G 21 31.41 29.46 35.09
CA SER G 21 32.45 30.47 35.03
C SER G 21 32.85 30.70 33.59
N CYS G 22 33.12 31.96 33.24
CA CYS G 22 33.54 32.34 31.89
C CYS G 22 34.78 33.23 32.04
N ALA G 23 35.95 32.63 31.96
CA ALA G 23 37.20 33.38 32.05
C ALA G 23 37.53 34.00 30.70
N ALA G 24 37.80 35.31 30.72
CA ALA G 24 38.10 36.07 29.52
C ALA G 24 39.60 36.39 29.46
N SER G 25 40.18 36.25 28.28
CA SER G 25 41.56 36.61 28.02
C SER G 25 41.62 37.46 26.75
N GLY G 26 42.76 38.13 26.56
CA GLY G 26 42.97 38.97 25.40
C GLY G 26 42.18 40.27 25.39
N PHE G 27 41.29 40.48 26.36
CA PHE G 27 40.51 41.71 26.45
C PHE G 27 39.97 41.82 27.88
N ASN G 28 39.30 42.92 28.16
CA ASN G 28 38.71 43.16 29.47
C ASN G 28 37.20 43.20 29.36
N ILE G 29 36.54 42.70 30.41
CA ILE G 29 35.08 42.59 30.41
C ILE G 29 34.38 43.74 31.11
N TYR G 30 35.13 44.65 31.75
CA TYR G 30 34.52 45.70 32.56
C TYR G 30 33.58 46.55 31.73
N TYR G 31 34.05 47.11 30.63
CA TYR G 31 33.26 47.99 29.79
C TYR G 31 32.45 47.24 28.73
N ASN G 32 32.47 45.91 28.75
CA ASN G 32 31.78 45.11 27.76
C ASN G 32 30.60 44.38 28.38
N TYR G 33 29.74 43.84 27.51
CA TYR G 33 28.57 43.08 27.93
C TYR G 33 28.86 41.60 27.74
N ILE G 34 28.76 40.84 28.83
CA ILE G 34 28.99 39.40 28.80
C ILE G 34 27.63 38.70 28.87
N HIS G 35 27.39 37.78 27.95
CA HIS G 35 26.13 37.07 27.87
C HIS G 35 26.33 35.59 28.10
N TRP G 36 25.25 34.91 28.45
CA TRP G 36 25.20 33.46 28.54
C TRP G 36 24.13 32.96 27.59
N VAL G 37 24.52 32.07 26.67
CA VAL G 37 23.61 31.52 25.67
C VAL G 37 23.73 30.00 25.72
N ARG G 38 22.61 29.32 25.92
CA ARG G 38 22.56 27.87 25.99
C ARG G 38 21.88 27.30 24.75
N GLN G 39 22.21 26.05 24.45
CA GLN G 39 21.67 25.36 23.28
C GLN G 39 21.36 23.92 23.67
N ALA G 40 20.09 23.58 23.70
CA ALA G 40 19.68 22.22 24.01
C ALA G 40 20.17 21.26 22.92
N PRO G 41 20.46 20.01 23.27
CA PRO G 41 20.95 19.05 22.26
C PRO G 41 19.97 18.88 21.10
N GLY G 42 20.38 19.35 19.92
CA GLY G 42 19.57 19.24 18.73
C GLY G 42 18.63 20.40 18.47
N LYS G 43 18.68 21.44 19.29
CA LYS G 43 17.79 22.59 19.17
C LYS G 43 18.60 23.85 18.87
N GLY G 44 17.92 24.99 18.87
CA GLY G 44 18.55 26.26 18.54
C GLY G 44 19.17 26.93 19.75
N LEU G 45 19.55 28.19 19.57
CA LEU G 45 20.18 28.98 20.60
C LEU G 45 19.14 29.70 21.45
N GLU G 46 19.49 29.97 22.70
CA GLU G 46 18.61 30.67 23.64
C GLU G 46 19.46 31.55 24.54
N TRP G 47 19.28 32.86 24.42
CA TRP G 47 19.93 33.79 25.32
C TRP G 47 19.26 33.75 26.69
N VAL G 48 20.07 33.72 27.75
CA VAL G 48 19.52 33.52 29.09
C VAL G 48 19.85 34.69 30.02
N ALA G 49 20.98 35.35 29.80
CA ALA G 49 21.41 36.37 30.75
C ALA G 49 22.46 37.28 30.11
N GLU G 50 22.57 38.49 30.65
CA GLU G 50 23.54 39.48 30.21
C GLU G 50 23.96 40.32 31.42
N PHE G 51 25.27 40.59 31.51
CA PHE G 51 25.82 41.38 32.60
C PHE G 51 26.79 42.42 32.05
N SER G 52 26.84 43.56 32.72
CA SER G 52 27.78 44.63 32.40
C SER G 52 28.48 45.06 33.69
N PRO G 53 29.75 44.71 33.88
CA PRO G 53 30.44 45.06 35.13
C PRO G 53 30.54 46.56 35.38
N TYR G 54 30.59 47.38 34.32
CA TYR G 54 30.73 48.82 34.51
C TYR G 54 29.48 49.42 35.14
N SER G 55 28.30 48.99 34.70
CA SER G 55 27.06 49.53 35.19
C SER G 55 26.35 48.62 36.20
N GLY G 56 26.69 47.34 36.23
CA GLY G 56 26.02 46.41 37.11
C GLY G 56 24.67 45.96 36.63
N SER G 57 24.35 46.18 35.36
CA SER G 57 23.04 45.79 34.83
C SER G 57 22.96 44.28 34.66
N THR G 58 21.86 43.71 35.13
CA THR G 58 21.61 42.27 35.05
C THR G 58 20.28 42.05 34.34
N TYR G 59 20.32 41.56 33.11
CA TYR G 59 19.13 41.26 32.33
C TYR G 59 19.06 39.77 32.08
N TYR G 60 17.88 39.19 32.31
CA TYR G 60 17.68 37.75 32.19
C TYR G 60 16.51 37.48 31.24
N ALA G 61 16.48 36.25 30.73
CA ALA G 61 15.34 35.79 29.97
C ALA G 61 14.24 35.30 30.91
N ASP G 62 13.02 35.24 30.39
CA ASP G 62 11.88 34.85 31.21
C ASP G 62 11.97 33.39 31.66
N SER G 63 12.64 32.55 30.86
CA SER G 63 12.71 31.12 31.19
C SER G 63 13.61 30.84 32.38
N VAL G 64 14.46 31.79 32.78
CA VAL G 64 15.39 31.62 33.89
C VAL G 64 15.22 32.67 34.96
N LYS G 65 14.27 33.60 34.80
CA LYS G 65 14.10 34.67 35.77
C LYS G 65 13.74 34.10 37.14
N GLY G 66 14.33 34.69 38.18
CA GLY G 66 14.13 34.21 39.54
C GLY G 66 14.97 33.01 39.92
N ARG G 67 15.58 32.32 38.96
CA ARG G 67 16.40 31.15 39.23
C ARG G 67 17.86 31.34 38.88
N PHE G 68 18.18 32.12 37.85
CA PHE G 68 19.55 32.33 37.42
C PHE G 68 20.03 33.71 37.87
N THR G 69 21.32 33.78 38.21
CA THR G 69 21.94 35.04 38.62
C THR G 69 23.28 35.16 37.90
N ILE G 70 23.40 36.22 37.09
CA ILE G 70 24.63 36.49 36.35
C ILE G 70 25.42 37.57 37.08
N SER G 71 26.73 37.40 37.13
CA SER G 71 27.62 38.34 37.80
C SER G 71 29.01 38.20 37.19
N ALA G 72 29.99 38.84 37.82
CA ALA G 72 31.37 38.75 37.35
C ALA G 72 32.31 39.15 38.47
N ASP G 73 33.59 38.89 38.25
CA ASP G 73 34.67 39.30 39.15
C ASP G 73 35.71 40.01 38.28
N THR G 74 35.67 41.35 38.28
CA THR G 74 36.59 42.10 37.43
C THR G 74 38.04 41.89 37.82
N SER G 75 38.29 41.53 39.09
CA SER G 75 39.66 41.24 39.51
C SER G 75 40.23 40.03 38.76
N LYS G 76 39.39 39.06 38.43
CA LYS G 76 39.81 37.88 37.70
C LYS G 76 39.39 37.91 36.23
N ASN G 77 38.68 38.96 35.81
CA ASN G 77 38.16 39.05 34.44
C ASN G 77 37.34 37.81 34.09
N THR G 78 36.46 37.43 35.00
CA THR G 78 35.68 36.21 34.87
C THR G 78 34.22 36.49 35.22
N ALA G 79 33.31 36.07 34.35
CA ALA G 79 31.88 36.17 34.59
C ALA G 79 31.34 34.85 35.13
N TYR G 80 30.20 34.93 35.81
CA TYR G 80 29.62 33.77 36.45
C TYR G 80 28.13 33.72 36.17
N LEU G 81 27.58 32.50 36.23
CA LEU G 81 26.14 32.27 36.06
C LEU G 81 25.70 31.27 37.13
N GLN G 82 25.15 31.78 38.22
CA GLN G 82 24.67 30.94 39.31
C GLN G 82 23.26 30.48 38.99
N MET G 83 23.08 29.17 38.77
CA MET G 83 21.78 28.60 38.41
C MET G 83 21.20 27.90 39.61
N ASN G 84 19.93 28.19 39.90
CA ASN G 84 19.21 27.55 40.99
C ASN G 84 17.95 26.89 40.45
N SER G 85 17.46 25.89 41.19
CA SER G 85 16.23 25.17 40.86
C SER G 85 16.27 24.65 39.43
N LEU G 86 17.40 24.04 39.07
CA LEU G 86 17.61 23.56 37.71
C LEU G 86 16.63 22.43 37.40
N ARG G 87 16.01 22.49 36.23
CA ARG G 87 15.07 21.48 35.77
C ARG G 87 15.64 20.77 34.55
N ALA G 88 14.97 19.69 34.15
CA ALA G 88 15.44 18.88 33.03
C ALA G 88 15.55 19.70 31.75
N GLU G 89 14.63 20.63 31.54
CA GLU G 89 14.65 21.47 30.34
C GLU G 89 15.83 22.43 30.33
N ASP G 90 16.53 22.60 31.45
CA ASP G 90 17.73 23.43 31.49
C ASP G 90 18.96 22.71 30.97
N THR G 91 18.84 21.43 30.60
CA THR G 91 19.97 20.69 30.06
C THR G 91 20.35 21.26 28.70
N ALA G 92 21.57 21.75 28.58
CA ALA G 92 22.03 22.38 27.35
C ALA G 92 23.53 22.61 27.44
N VAL G 93 24.13 22.92 26.29
CA VAL G 93 25.50 23.41 26.24
C VAL G 93 25.46 24.91 26.43
N TYR G 94 26.08 25.40 27.51
CA TYR G 94 26.03 26.80 27.88
C TYR G 94 27.25 27.51 27.33
N TYR G 95 27.03 28.40 26.37
CA TYR G 95 28.08 29.27 25.86
C TYR G 95 28.08 30.59 26.60
N CYS G 96 29.26 31.17 26.78
CA CYS G 96 29.40 32.55 27.22
C CYS G 96 29.92 33.37 26.06
N ALA G 97 29.22 34.46 25.76
CA ALA G 97 29.55 35.31 24.62
C ALA G 97 29.79 36.74 25.10
N ARG G 98 30.35 37.53 24.20
CA ARG G 98 30.70 38.92 24.49
C ARG G 98 30.03 39.83 23.47
N SER G 99 29.64 41.01 23.92
CA SER G 99 29.12 42.05 23.04
C SER G 99 29.70 43.38 23.47
N ALA G 100 29.64 44.36 22.58
CA ALA G 100 30.18 45.68 22.86
C ALA G 100 29.09 46.59 23.42
N ALA G 101 29.52 47.67 24.07
CA ALA G 101 28.59 48.65 24.58
C ALA G 101 28.05 49.51 23.44
N ILE G 102 26.89 50.11 23.67
CA ILE G 102 26.27 50.97 22.67
C ILE G 102 26.44 52.42 23.06
N VAL G 103 27.55 53.03 22.65
CA VAL G 103 27.78 54.45 22.89
C VAL G 103 27.11 55.31 21.83
N ASP G 104 27.20 54.89 20.56
CA ASP G 104 26.52 55.58 19.46
C ASP G 104 25.08 55.10 19.44
N TRP G 105 24.18 55.91 20.00
CA TRP G 105 22.78 55.51 20.07
C TRP G 105 22.09 55.61 18.72
N TYR G 106 22.64 56.38 17.78
CA TYR G 106 22.16 56.33 16.41
C TYR G 106 22.58 55.04 15.71
N ASP G 107 23.63 54.39 16.19
CA ASP G 107 24.01 53.08 15.70
C ASP G 107 23.14 52.01 16.37
N TYR G 108 23.43 50.75 16.08
CA TYR G 108 22.62 49.64 16.55
C TYR G 108 23.47 48.65 17.32
N PHE G 109 22.82 47.62 17.85
CA PHE G 109 23.50 46.54 18.55
C PHE G 109 24.36 45.77 17.55
N LYS G 110 25.67 45.69 17.84
CA LYS G 110 26.65 45.23 16.86
C LYS G 110 26.95 43.74 16.98
N GLY G 111 26.07 42.96 17.60
CA GLY G 111 26.17 41.51 17.58
C GLY G 111 27.07 40.96 18.68
N PHE G 112 27.04 39.63 18.78
CA PHE G 112 27.90 38.88 19.72
C PHE G 112 29.17 38.50 18.96
N ASP G 113 30.23 39.28 19.15
CA ASP G 113 31.41 39.13 18.30
C ASP G 113 32.21 37.88 18.63
N TYR G 114 32.43 37.62 19.93
CA TYR G 114 33.26 36.50 20.34
C TYR G 114 32.47 35.56 21.25
N TRP G 115 32.68 34.26 21.05
CA TRP G 115 31.98 33.23 21.79
C TRP G 115 32.99 32.27 22.42
N GLY G 116 32.55 31.59 23.48
CA GLY G 116 33.30 30.50 24.04
C GLY G 116 32.96 29.18 23.38
N GLN G 117 33.65 28.13 23.80
CA GLN G 117 33.40 26.80 23.26
C GLN G 117 32.23 26.09 23.96
N GLY G 118 31.78 26.60 25.10
CA GLY G 118 30.63 26.03 25.78
C GLY G 118 30.96 24.86 26.68
N THR G 119 30.17 24.68 27.74
CA THR G 119 30.28 23.55 28.63
C THR G 119 28.92 22.89 28.78
N LEU G 120 28.93 21.58 29.02
CA LEU G 120 27.70 20.80 29.09
C LEU G 120 27.15 20.80 30.51
N VAL G 121 25.85 21.03 30.63
CA VAL G 121 25.14 20.99 31.91
C VAL G 121 23.91 20.12 31.71
N THR G 122 23.85 18.99 32.41
CA THR G 122 22.74 18.06 32.32
C THR G 122 22.03 17.97 33.67
N VAL G 123 20.71 18.09 33.65
CA VAL G 123 19.89 18.04 34.86
C VAL G 123 19.01 16.80 34.75
N SER G 124 19.25 15.82 35.61
CA SER G 124 18.45 14.60 35.62
C SER G 124 18.68 13.87 36.93
N SER G 125 17.73 13.01 37.28
CA SER G 125 17.85 12.18 38.47
C SER G 125 18.77 10.98 38.27
N ALA G 126 19.26 10.76 37.05
CA ALA G 126 20.16 9.65 36.78
C ALA G 126 21.52 9.89 37.44
N SER G 127 22.26 8.81 37.60
CA SER G 127 23.59 8.84 38.20
C SER G 127 24.62 8.38 37.19
N THR G 128 25.88 8.75 37.46
CA THR G 128 26.97 8.40 36.56
C THR G 128 27.15 6.88 36.53
N LYS G 129 27.12 6.32 35.33
CA LYS G 129 27.28 4.88 35.14
C LYS G 129 27.84 4.61 33.75
N GLY G 130 28.80 3.68 33.69
CA GLY G 130 29.42 3.32 32.44
C GLY G 130 28.48 2.58 31.52
N PRO G 131 28.87 2.45 30.25
CA PRO G 131 27.99 1.80 29.27
C PRO G 131 28.12 0.29 29.24
N SER G 132 27.03 -0.34 28.82
CA SER G 132 27.01 -1.77 28.51
C SER G 132 27.14 -1.92 27.00
N VAL G 133 28.22 -2.57 26.57
CA VAL G 133 28.59 -2.61 25.17
C VAL G 133 28.22 -3.98 24.61
N PHE G 134 27.26 -3.99 23.67
CA PHE G 134 26.81 -5.21 23.02
C PHE G 134 27.17 -5.19 21.54
N PRO G 135 27.50 -6.35 20.98
CA PRO G 135 27.89 -6.38 19.56
C PRO G 135 26.68 -6.47 18.64
N LEU G 136 26.86 -5.93 17.44
CA LEU G 136 25.89 -6.05 16.36
C LEU G 136 26.54 -6.90 15.28
N ALA G 137 26.39 -8.22 15.40
CA ALA G 137 27.06 -9.16 14.53
C ALA G 137 26.57 -9.01 13.09
N PRO G 138 27.42 -9.29 12.11
CA PRO G 138 26.99 -9.20 10.72
C PRO G 138 26.20 -10.43 10.30
N SER G 139 25.33 -10.23 9.30
CA SER G 139 24.42 -11.24 8.84
C SER G 139 24.77 -11.69 7.42
N SER G 140 24.42 -12.94 7.11
CA SER G 140 24.63 -13.52 5.79
C SER G 140 26.09 -13.43 5.35
N GLY G 145 24.80 -9.10 0.78
CA GLY G 145 25.15 -9.43 -0.59
C GLY G 145 26.60 -9.14 -0.92
N GLY G 146 26.86 -7.93 -1.41
CA GLY G 146 28.21 -7.52 -1.72
C GLY G 146 28.98 -7.05 -0.51
N THR G 147 28.43 -6.08 0.21
CA THR G 147 29.01 -5.57 1.43
C THR G 147 28.16 -5.96 2.62
N ALA G 148 28.79 -6.01 3.79
CA ALA G 148 28.12 -6.41 5.03
C ALA G 148 28.16 -5.26 6.03
N ALA G 149 27.09 -5.11 6.79
CA ALA G 149 27.01 -4.10 7.83
C ALA G 149 27.44 -4.68 9.16
N LEU G 150 28.13 -3.86 9.96
CA LEU G 150 28.68 -4.31 11.23
C LEU G 150 28.61 -3.16 12.22
N GLY G 151 28.10 -3.43 13.43
CA GLY G 151 27.91 -2.38 14.40
C GLY G 151 28.36 -2.72 15.80
N CYS G 152 28.05 -1.84 16.75
CA CYS G 152 28.44 -2.01 18.15
C CYS G 152 27.50 -1.15 18.99
N LEU G 153 26.64 -1.79 19.77
CA LEU G 153 25.63 -1.08 20.56
C LEU G 153 26.22 -0.62 21.88
N VAL G 154 26.10 0.67 22.15
CA VAL G 154 26.57 1.28 23.40
C VAL G 154 25.33 1.76 24.14
N LYS G 155 24.86 0.96 25.10
CA LYS G 155 23.58 1.16 25.74
C LYS G 155 23.74 1.40 27.24
N ASP G 156 22.84 2.22 27.79
CA ASP G 156 22.69 2.43 29.22
C ASP G 156 23.98 2.98 29.85
N TYR G 157 24.20 4.27 29.58
CA TYR G 157 25.30 5.00 30.19
C TYR G 157 24.84 6.40 30.53
N PHE G 158 25.59 7.05 31.43
CA PHE G 158 25.24 8.39 31.88
C PHE G 158 26.47 9.03 32.50
N PRO G 159 26.76 10.30 32.20
CA PRO G 159 26.05 11.19 31.27
C PRO G 159 26.73 11.27 29.92
N GLU G 160 26.35 12.24 29.10
CA GLU G 160 27.02 12.47 27.84
C GLU G 160 28.38 13.14 28.07
N PRO G 161 29.34 12.95 27.16
CA PRO G 161 29.28 12.16 25.93
C PRO G 161 30.02 10.84 26.05
N VAL G 162 30.26 10.17 24.91
CA VAL G 162 31.03 8.94 24.89
C VAL G 162 31.70 8.84 23.53
N THR G 163 32.95 8.36 23.53
CA THR G 163 33.75 8.24 22.32
C THR G 163 33.85 6.78 21.93
N VAL G 164 33.54 6.47 20.67
CA VAL G 164 33.58 5.12 20.13
C VAL G 164 34.54 5.11 18.96
N SER G 165 35.56 4.27 19.05
CA SER G 165 36.52 4.07 17.96
C SER G 165 36.34 2.66 17.39
N TRP G 166 37.03 2.40 16.28
CA TRP G 166 36.96 1.12 15.60
C TRP G 166 38.37 0.66 15.26
N ASN G 167 38.73 -0.52 15.76
CA ASN G 167 40.04 -1.12 15.52
C ASN G 167 41.17 -0.18 15.96
N SER G 168 40.99 0.44 17.13
CA SER G 168 41.98 1.35 17.71
C SER G 168 42.32 2.49 16.75
N GLY G 169 41.27 3.08 16.16
CA GLY G 169 41.42 4.19 15.24
C GLY G 169 41.87 3.82 13.85
N ALA G 170 42.29 2.58 13.61
CA ALA G 170 42.75 2.19 12.28
C ALA G 170 41.60 2.13 11.29
N LEU G 171 40.41 1.71 11.74
CA LEU G 171 39.24 1.61 10.89
C LEU G 171 38.42 2.89 11.01
N THR G 172 38.44 3.70 9.94
CA THR G 172 37.68 4.94 9.91
C THR G 172 36.79 5.08 8.68
N SER G 173 36.96 4.24 7.66
CA SER G 173 36.16 4.34 6.45
C SER G 173 34.83 3.63 6.64
N GLY G 174 33.74 4.28 6.20
CA GLY G 174 32.42 3.71 6.31
C GLY G 174 31.89 3.61 7.73
N VAL G 175 32.53 4.25 8.69
CA VAL G 175 32.10 4.19 10.09
C VAL G 175 31.05 5.27 10.32
N HIS G 176 29.93 4.87 10.93
CA HIS G 176 28.83 5.78 11.24
C HIS G 176 28.51 5.68 12.73
N THR G 177 29.03 6.62 13.51
CA THR G 177 28.70 6.72 14.92
C THR G 177 27.46 7.60 15.07
N PHE G 178 26.39 7.05 15.59
CA PHE G 178 25.15 7.79 15.61
C PHE G 178 25.02 8.64 16.87
N PRO G 179 24.33 9.77 16.77
CA PRO G 179 24.02 10.55 17.97
C PRO G 179 23.22 9.73 18.97
N ALA G 180 23.53 9.91 20.25
CA ALA G 180 22.85 9.14 21.29
C ALA G 180 21.44 9.65 21.52
N VAL G 181 20.57 8.74 21.94
CA VAL G 181 19.20 9.09 22.31
C VAL G 181 19.06 8.94 23.81
N LEU G 182 18.24 9.82 24.40
CA LEU G 182 17.97 9.78 25.84
C LEU G 182 16.76 8.88 26.08
N GLN G 183 17.00 7.70 26.62
CA GLN G 183 15.94 6.74 26.86
C GLN G 183 15.04 7.21 28.00
N SER G 184 13.92 6.50 28.18
CA SER G 184 13.00 6.82 29.25
C SER G 184 13.62 6.56 30.62
N SER G 185 14.59 5.65 30.71
CA SER G 185 15.26 5.34 31.96
C SER G 185 16.26 6.40 32.38
N GLY G 186 16.35 7.52 31.66
CA GLY G 186 17.32 8.55 31.95
C GLY G 186 18.73 8.26 31.50
N LEU G 187 18.96 7.11 30.86
CA LEU G 187 20.28 6.74 30.37
C LEU G 187 20.34 6.87 28.86
N TYR G 188 21.54 7.16 28.35
CA TYR G 188 21.75 7.34 26.93
C TYR G 188 22.12 6.02 26.26
N SER G 189 22.01 6.00 24.94
CA SER G 189 22.34 4.82 24.16
C SER G 189 22.51 5.23 22.70
N LEU G 190 23.63 4.81 22.10
CA LEU G 190 23.90 5.06 20.69
C LEU G 190 24.43 3.80 20.05
N SER G 191 24.55 3.85 18.72
CA SER G 191 25.07 2.74 17.94
C SER G 191 26.15 3.27 17.00
N SER G 192 27.18 2.45 16.77
CA SER G 192 28.26 2.78 15.86
C SER G 192 28.41 1.63 14.88
N VAL G 193 28.05 1.87 13.63
CA VAL G 193 28.08 0.84 12.59
C VAL G 193 29.21 1.14 11.62
N VAL G 194 29.55 0.14 10.82
CA VAL G 194 30.58 0.27 9.79
C VAL G 194 30.29 -0.73 8.68
N THR G 195 30.32 -0.25 7.44
CA THR G 195 30.14 -1.12 6.28
C THR G 195 31.47 -1.73 5.89
N VAL G 196 31.49 -3.05 5.73
CA VAL G 196 32.73 -3.79 5.51
C VAL G 196 32.50 -4.85 4.44
N PRO G 197 33.45 -5.05 3.52
CA PRO G 197 33.33 -6.16 2.56
C PRO G 197 33.07 -7.48 3.26
N SER G 198 32.07 -8.21 2.78
CA SER G 198 31.65 -9.45 3.44
C SER G 198 32.72 -10.53 3.42
N SER G 199 33.70 -10.43 2.51
CA SER G 199 34.76 -11.43 2.43
C SER G 199 35.77 -11.29 3.55
N SER G 200 35.85 -10.13 4.19
CA SER G 200 36.83 -9.89 5.26
C SER G 200 36.32 -10.32 6.63
N LEU G 201 35.11 -10.84 6.72
CA LEU G 201 34.57 -11.26 8.01
C LEU G 201 35.28 -12.51 8.55
N GLY G 202 35.88 -13.31 7.68
CA GLY G 202 36.58 -14.51 8.08
C GLY G 202 38.08 -14.36 8.23
N THR G 203 38.63 -13.18 7.94
CA THR G 203 40.06 -12.95 8.05
C THR G 203 40.43 -11.69 8.84
N GLN G 204 39.47 -10.86 9.21
CA GLN G 204 39.74 -9.63 9.95
C GLN G 204 38.87 -9.61 11.21
N THR G 205 39.49 -9.35 12.35
CA THR G 205 38.81 -9.28 13.64
C THR G 205 38.57 -7.82 13.98
N TYR G 206 37.31 -7.40 13.97
CA TYR G 206 36.94 -6.02 14.22
C TYR G 206 36.61 -5.82 15.69
N ILE G 207 36.99 -4.65 16.22
CA ILE G 207 36.83 -4.33 17.64
C ILE G 207 36.38 -2.88 17.76
N CYS G 208 35.30 -2.64 18.51
CA CYS G 208 34.84 -1.29 18.80
C CYS G 208 35.46 -0.83 20.11
N ASN G 209 36.16 0.30 20.08
CA ASN G 209 36.82 0.87 21.25
C ASN G 209 35.98 2.03 21.75
N VAL G 210 35.22 1.79 22.81
CA VAL G 210 34.33 2.78 23.40
C VAL G 210 34.95 3.28 24.70
N ASN G 211 34.93 4.60 24.89
CA ASN G 211 35.52 5.24 26.06
C ASN G 211 34.52 6.21 26.67
N HIS G 212 34.16 5.97 27.93
CA HIS G 212 33.24 6.84 28.67
C HIS G 212 34.08 7.62 29.69
N LYS G 213 34.50 8.82 29.29
CA LYS G 213 35.34 9.63 30.16
C LYS G 213 34.69 10.04 31.48
N PRO G 214 33.41 10.42 31.53
CA PRO G 214 32.83 10.82 32.83
C PRO G 214 32.86 9.71 33.87
N SER G 215 32.72 8.46 33.48
CA SER G 215 32.69 7.34 34.42
C SER G 215 33.97 6.54 34.44
N ASN G 216 34.99 6.96 33.70
CA ASN G 216 36.28 6.25 33.60
C ASN G 216 36.06 4.80 33.19
N THR G 217 35.52 4.63 31.99
CA THR G 217 35.19 3.31 31.47
C THR G 217 35.74 3.20 30.05
N LYS G 218 36.68 2.27 29.85
CA LYS G 218 37.28 2.01 28.55
C LYS G 218 37.04 0.54 28.22
N VAL G 219 36.08 0.28 27.33
CA VAL G 219 35.67 -1.07 26.98
C VAL G 219 36.09 -1.35 25.53
N ASP G 220 36.64 -2.54 25.32
CA ASP G 220 36.99 -3.03 23.98
C ASP G 220 36.18 -4.29 23.71
N LYS G 221 35.36 -4.25 22.66
CA LYS G 221 34.46 -5.35 22.33
C LYS G 221 34.80 -5.89 20.95
N LYS G 222 35.22 -7.16 20.90
CA LYS G 222 35.47 -7.83 19.64
C LYS G 222 34.17 -8.40 19.10
N VAL G 223 33.83 -8.03 17.87
CA VAL G 223 32.58 -8.45 17.23
C VAL G 223 32.87 -9.64 16.32
N GLU G 224 31.90 -10.54 16.20
CA GLU G 224 32.05 -11.71 15.36
C GLU G 224 30.67 -12.25 15.00
N PRO G 225 30.48 -12.78 13.80
CA PRO G 225 29.16 -13.33 13.44
C PRO G 225 28.85 -14.56 14.27
N LYS G 226 27.55 -14.78 14.47
CA LYS G 226 27.05 -15.92 15.23
C LYS G 226 26.42 -16.94 14.29
N SER G 227 26.48 -18.20 14.69
CA SER G 227 25.94 -19.30 13.88
C SER G 227 24.42 -19.27 13.86
N ASP H 1 7.07 16.90 27.08
CA ASP H 1 8.28 17.57 27.55
C ASP H 1 8.32 19.03 27.12
N ILE H 2 8.90 19.87 27.96
CA ILE H 2 8.94 21.31 27.73
C ILE H 2 10.14 21.62 26.84
N GLN H 3 9.89 22.31 25.73
CA GLN H 3 10.96 22.75 24.83
C GLN H 3 10.90 24.26 24.68
N MET H 4 12.01 24.93 24.97
CA MET H 4 12.10 26.38 24.82
C MET H 4 12.47 26.78 23.42
N THR H 5 13.33 26.02 22.75
CA THR H 5 13.74 26.30 21.38
C THR H 5 13.20 25.22 20.45
N GLN H 6 13.02 25.59 19.19
CA GLN H 6 12.53 24.67 18.17
C GLN H 6 13.69 24.03 17.43
N SER H 7 13.38 22.95 16.72
CA SER H 7 14.38 22.31 15.88
C SER H 7 14.66 23.17 14.67
N PRO H 8 15.92 23.23 14.20
CA PRO H 8 16.23 24.09 13.06
C PRO H 8 15.60 23.56 11.78
N SER H 9 14.90 24.44 11.06
CA SER H 9 14.34 24.07 9.77
C SER H 9 15.44 23.86 8.75
N SER H 10 15.13 23.08 7.72
CA SER H 10 16.10 22.70 6.71
C SER H 10 15.68 23.21 5.34
N LEU H 11 16.66 23.65 4.55
CA LEU H 11 16.45 23.99 3.15
C LEU H 11 17.54 23.31 2.33
N SER H 12 17.14 22.75 1.19
CA SER H 12 18.06 22.05 0.31
C SER H 12 18.50 22.98 -0.81
N ALA H 13 19.80 23.05 -1.04
CA ALA H 13 20.35 23.93 -2.07
C ALA H 13 21.62 23.31 -2.62
N SER H 14 22.00 23.75 -3.82
CA SER H 14 23.18 23.26 -4.50
C SER H 14 24.29 24.31 -4.45
N VAL H 15 25.52 23.85 -4.70
CA VAL H 15 26.66 24.76 -4.74
C VAL H 15 26.50 25.71 -5.93
N GLY H 16 26.58 27.00 -5.66
CA GLY H 16 26.41 28.02 -6.69
C GLY H 16 25.03 28.64 -6.73
N ASP H 17 24.10 28.19 -5.88
CA ASP H 17 22.77 28.75 -5.85
C ASP H 17 22.74 30.00 -4.97
N ARG H 18 21.73 30.85 -5.22
CA ARG H 18 21.51 32.05 -4.43
C ARG H 18 20.45 31.76 -3.38
N VAL H 19 20.82 31.96 -2.11
CA VAL H 19 19.93 31.69 -0.98
C VAL H 19 19.71 33.00 -0.23
N THR H 20 18.45 33.30 0.08
CA THR H 20 18.09 34.49 0.84
C THR H 20 17.17 34.07 1.99
N ILE H 21 17.70 34.13 3.22
CA ILE H 21 16.96 33.76 4.41
C ILE H 21 16.34 35.02 5.01
N THR H 22 15.03 34.96 5.25
CA THR H 22 14.29 36.10 5.80
C THR H 22 14.07 35.90 7.29
N CYS H 23 14.33 36.94 8.07
CA CYS H 23 14.09 36.94 9.51
C CYS H 23 13.02 37.98 9.81
N ARG H 24 11.81 37.53 10.10
CA ARG H 24 10.69 38.44 10.36
C ARG H 24 10.76 38.95 11.80
N ALA H 25 10.64 40.26 11.96
CA ALA H 25 10.69 40.87 13.28
C ALA H 25 9.39 40.60 14.04
N SER H 26 9.53 40.49 15.37
CA SER H 26 8.36 40.26 16.22
C SER H 26 7.67 41.57 16.54
N GLN H 27 8.40 42.53 17.08
CA GLN H 27 7.85 43.84 17.41
C GLN H 27 8.75 44.96 16.89
N SER H 31 14.91 47.24 15.22
CA SER H 31 15.91 46.86 14.23
C SER H 31 17.05 46.08 14.88
N ALA H 32 18.28 46.34 14.44
CA ALA H 32 19.49 45.73 14.98
C ALA H 32 19.39 44.20 14.95
N VAL H 33 19.38 43.68 13.73
CA VAL H 33 19.29 42.25 13.49
C VAL H 33 20.68 41.73 13.17
N ALA H 34 21.13 40.72 13.92
CA ALA H 34 22.41 40.09 13.72
C ALA H 34 22.23 38.69 13.16
N TRP H 35 23.21 38.22 12.39
CA TRP H 35 23.17 36.91 11.76
C TRP H 35 24.38 36.10 12.21
N TYR H 36 24.13 34.83 12.53
CA TYR H 36 25.17 33.93 13.01
C TYR H 36 25.17 32.66 12.19
N GLN H 37 26.32 31.97 12.19
CA GLN H 37 26.47 30.69 11.51
C GLN H 37 27.07 29.69 12.48
N GLN H 38 26.52 28.49 12.51
CA GLN H 38 26.99 27.44 13.43
C GLN H 38 27.13 26.13 12.67
N LYS H 39 28.29 25.52 12.79
CA LYS H 39 28.56 24.19 12.28
C LYS H 39 28.39 23.16 13.38
N PRO H 40 28.11 21.90 13.04
CA PRO H 40 27.86 20.89 14.08
C PRO H 40 29.03 20.77 15.04
N GLY H 41 28.72 20.84 16.33
CA GLY H 41 29.71 20.72 17.38
C GLY H 41 30.54 21.95 17.63
N LYS H 42 30.35 23.02 16.85
CA LYS H 42 31.13 24.24 16.99
C LYS H 42 30.28 25.35 17.57
N ALA H 43 30.94 26.40 18.04
CA ALA H 43 30.26 27.56 18.57
C ALA H 43 29.75 28.44 17.43
N PRO H 44 28.68 29.20 17.67
CA PRO H 44 28.18 30.11 16.62
C PRO H 44 29.18 31.21 16.31
N LYS H 45 29.25 31.58 15.04
CA LYS H 45 30.16 32.61 14.57
C LYS H 45 29.36 33.79 14.03
N LEU H 46 29.74 35.00 14.43
CA LEU H 46 29.05 36.19 13.96
C LEU H 46 29.32 36.41 12.47
N LEU H 47 28.26 36.68 11.72
CA LEU H 47 28.35 36.91 10.29
C LEU H 47 28.01 38.36 9.92
N ILE H 48 26.79 38.78 10.21
CA ILE H 48 26.32 40.13 9.90
C ILE H 48 25.81 40.77 11.18
N TYR H 49 26.11 42.05 11.35
CA TYR H 49 25.58 42.84 12.44
C TYR H 49 25.03 44.15 11.88
N SER H 50 24.12 44.76 12.64
CA SER H 50 23.45 45.99 12.22
C SER H 50 22.82 45.81 10.84
N ALA H 51 22.11 44.69 10.68
CA ALA H 51 21.35 44.36 9.47
C ALA H 51 22.23 44.07 8.26
N SER H 52 23.22 44.92 7.99
CA SER H 52 23.97 44.83 6.74
C SER H 52 25.49 44.83 6.89
N SER H 53 26.03 45.16 8.06
CA SER H 53 27.47 45.25 8.22
C SER H 53 28.09 43.87 8.38
N LEU H 54 29.12 43.59 7.59
CA LEU H 54 29.80 42.30 7.65
C LEU H 54 30.80 42.27 8.80
N TYR H 55 31.05 41.06 9.30
CA TYR H 55 32.01 40.85 10.37
C TYR H 55 33.34 40.36 9.78
N SER H 56 34.36 40.30 10.63
CA SER H 56 35.68 39.86 10.20
C SER H 56 35.63 38.40 9.75
N GLY H 57 36.34 38.12 8.66
CA GLY H 57 36.41 36.78 8.13
C GLY H 57 35.20 36.33 7.35
N VAL H 58 34.25 37.21 7.09
CA VAL H 58 33.04 36.88 6.33
C VAL H 58 33.31 37.21 4.86
N PRO H 59 33.14 36.26 3.95
CA PRO H 59 33.42 36.54 2.53
C PRO H 59 32.41 37.51 1.94
N SER H 60 32.75 38.01 0.76
CA SER H 60 31.94 39.05 0.11
C SER H 60 30.61 38.51 -0.40
N ARG H 61 30.48 37.21 -0.60
CA ARG H 61 29.22 36.65 -1.08
C ARG H 61 28.10 36.79 -0.06
N PHE H 62 28.43 36.94 1.22
CA PHE H 62 27.42 37.18 2.23
C PHE H 62 27.03 38.65 2.24
N SER H 63 25.75 38.91 2.49
CA SER H 63 25.24 40.28 2.53
C SER H 63 23.91 40.29 3.27
N GLY H 64 23.67 41.35 4.03
CA GLY H 64 22.41 41.52 4.72
C GLY H 64 21.67 42.75 4.23
N SER H 65 20.37 42.82 4.50
CA SER H 65 19.57 43.95 4.05
C SER H 65 18.32 44.06 4.91
N ARG H 66 17.79 45.28 4.99
CA ARG H 66 16.58 45.56 5.75
C ARG H 66 15.57 46.22 4.81
N SER H 67 14.43 45.56 4.62
CA SER H 67 13.34 46.06 3.79
C SER H 67 12.17 46.38 4.72
N GLY H 68 12.19 47.59 5.30
CA GLY H 68 11.17 47.99 6.24
C GLY H 68 11.29 47.29 7.58
N THR H 69 10.47 46.27 7.80
CA THR H 69 10.50 45.50 9.03
C THR H 69 11.13 44.12 8.87
N ASP H 70 11.38 43.69 7.63
CA ASP H 70 11.94 42.37 7.36
C ASP H 70 13.43 42.48 7.08
N PHE H 71 14.20 41.56 7.65
CA PHE H 71 15.65 41.54 7.50
C PHE H 71 16.05 40.25 6.79
N THR H 72 16.92 40.38 5.78
CA THR H 72 17.32 39.25 4.96
C THR H 72 18.82 39.03 5.03
N LEU H 73 19.23 37.79 4.81
CA LEU H 73 20.63 37.41 4.67
C LEU H 73 20.77 36.63 3.38
N THR H 74 21.57 37.15 2.45
CA THR H 74 21.67 36.59 1.11
C THR H 74 23.08 36.07 0.87
N ILE H 75 23.18 34.85 0.35
CA ILE H 75 24.42 34.28 -0.15
C ILE H 75 24.32 34.23 -1.67
N SER H 76 25.18 35.00 -2.35
CA SER H 76 25.09 35.12 -3.80
C SER H 76 25.32 33.77 -4.49
N SER H 77 26.40 33.10 -4.12
CA SER H 77 26.73 31.78 -4.68
C SER H 77 27.17 30.88 -3.54
N LEU H 78 26.47 29.76 -3.37
CA LEU H 78 26.78 28.85 -2.29
C LEU H 78 28.11 28.14 -2.54
N GLN H 79 28.84 27.89 -1.46
CA GLN H 79 30.12 27.20 -1.49
C GLN H 79 30.08 26.06 -0.47
N PRO H 80 30.93 25.04 -0.67
CA PRO H 80 30.91 23.89 0.25
C PRO H 80 31.02 24.26 1.72
N GLU H 81 31.91 25.21 2.08
CA GLU H 81 32.07 25.59 3.47
C GLU H 81 30.90 26.42 4.01
N ASP H 82 29.97 26.83 3.16
CA ASP H 82 28.85 27.65 3.58
C ASP H 82 27.67 26.84 4.09
N PHE H 83 27.63 25.54 3.83
CA PHE H 83 26.52 24.69 4.26
C PHE H 83 26.61 24.50 5.77
N ALA H 84 25.75 25.20 6.50
CA ALA H 84 25.70 25.11 7.97
C ALA H 84 24.35 25.60 8.42
N THR H 85 24.20 25.82 9.72
CA THR H 85 22.97 26.34 10.31
C THR H 85 23.13 27.83 10.59
N TYR H 86 22.14 28.62 10.20
CA TYR H 86 22.18 30.06 10.34
C TYR H 86 21.09 30.54 11.29
N TYR H 87 21.43 31.50 12.14
CA TYR H 87 20.52 32.06 13.11
C TYR H 87 20.45 33.57 12.95
N CYS H 88 19.25 34.12 13.09
CA CYS H 88 19.06 35.57 13.14
C CYS H 88 18.74 35.96 14.59
N GLN H 89 19.20 37.14 14.96
CA GLN H 89 19.07 37.62 16.34
C GLN H 89 18.43 39.00 16.33
N GLN H 90 17.43 39.19 17.19
CA GLN H 90 16.74 40.46 17.34
C GLN H 90 16.90 40.98 18.76
N TYR H 91 17.08 42.29 18.90
CA TYR H 91 17.23 42.93 20.20
C TYR H 91 15.93 43.67 20.51
N GLY H 92 15.08 43.05 21.31
CA GLY H 92 13.81 43.64 21.73
C GLY H 92 13.95 44.51 22.96
N SER H 93 12.87 44.58 23.73
CA SER H 93 12.88 45.37 24.96
C SER H 93 13.77 44.73 26.00
N TYR H 94 15.06 45.05 25.96
CA TYR H 94 16.07 44.53 26.90
C TYR H 94 16.19 43.02 26.85
N LEU H 95 15.78 42.39 25.76
CA LEU H 95 15.83 40.94 25.60
C LEU H 95 16.41 40.59 24.24
N TYR H 96 17.38 39.69 24.22
CA TYR H 96 17.96 39.18 22.98
C TYR H 96 17.28 37.86 22.65
N THR H 97 16.70 37.78 21.45
CA THR H 97 15.99 36.59 20.99
C THR H 97 16.63 36.06 19.72
N PHE H 98 16.83 34.74 19.69
CA PHE H 98 17.40 34.08 18.53
C PHE H 98 16.30 33.47 17.66
N GLY H 99 16.61 33.30 16.38
CA GLY H 99 15.69 32.71 15.45
C GLY H 99 15.61 31.20 15.61
N GLN H 100 14.70 30.60 14.84
CA GLN H 100 14.53 29.16 14.88
C GLN H 100 15.77 28.42 14.40
N GLY H 101 16.50 29.00 13.46
CA GLY H 101 17.67 28.35 12.90
C GLY H 101 17.35 27.67 11.58
N THR H 102 18.20 27.87 10.58
CA THR H 102 17.98 27.33 9.24
C THR H 102 19.22 26.52 8.84
N LYS H 103 19.09 25.21 8.79
CA LYS H 103 20.17 24.33 8.38
C LYS H 103 20.14 24.19 6.86
N VAL H 104 21.19 24.66 6.20
CA VAL H 104 21.29 24.61 4.75
C VAL H 104 22.08 23.37 4.38
N GLU H 105 21.39 22.35 3.87
CA GLU H 105 22.02 21.11 3.47
C GLU H 105 22.17 21.06 1.95
N ILE H 106 23.17 20.32 1.50
CA ILE H 106 23.48 20.25 0.07
C ILE H 106 22.52 19.30 -0.62
N LYS H 107 22.20 19.62 -1.87
CA LYS H 107 21.27 18.81 -2.67
C LYS H 107 22.03 17.80 -3.52
N ARG H 108 21.42 16.63 -3.71
CA ARG H 108 22.00 15.58 -4.52
C ARG H 108 20.88 14.68 -5.02
N THR H 109 21.24 13.74 -5.89
CA THR H 109 20.26 12.80 -6.41
C THR H 109 19.78 11.88 -5.30
N VAL H 110 18.56 11.35 -5.47
CA VAL H 110 17.98 10.48 -4.45
C VAL H 110 18.78 9.19 -4.35
N ALA H 111 18.75 8.58 -3.18
CA ALA H 111 19.49 7.34 -2.93
C ALA H 111 18.72 6.51 -1.92
N ALA H 112 18.37 5.29 -2.31
CA ALA H 112 17.65 4.42 -1.40
C ALA H 112 18.56 3.95 -0.28
N PRO H 113 18.07 3.83 0.94
CA PRO H 113 18.90 3.33 2.04
C PRO H 113 19.12 1.84 1.96
N SER H 114 20.30 1.41 2.38
CA SER H 114 20.61 -0.01 2.53
C SER H 114 20.20 -0.42 3.93
N VAL H 115 19.18 -1.27 4.02
CA VAL H 115 18.56 -1.62 5.29
C VAL H 115 19.24 -2.86 5.86
N PHE H 116 19.55 -2.81 7.17
CA PHE H 116 20.13 -3.93 7.88
C PHE H 116 19.47 -4.04 9.24
N ILE H 117 19.03 -5.24 9.59
CA ILE H 117 18.42 -5.52 10.88
C ILE H 117 19.41 -6.32 11.72
N PHE H 118 19.44 -6.04 13.02
CA PHE H 118 20.33 -6.71 13.95
C PHE H 118 19.55 -7.29 15.11
N PRO H 119 19.49 -8.61 15.25
CA PRO H 119 18.85 -9.21 16.44
C PRO H 119 19.64 -8.88 17.68
N PRO H 120 19.02 -8.93 18.86
CA PRO H 120 19.75 -8.62 20.09
C PRO H 120 20.84 -9.64 20.36
N SER H 121 22.00 -9.14 20.78
CA SER H 121 23.13 -10.01 21.10
C SER H 121 22.80 -10.86 22.32
N ASP H 122 23.20 -12.14 22.27
CA ASP H 122 22.89 -13.08 23.35
C ASP H 122 23.37 -12.58 24.71
N GLU H 123 24.37 -11.71 24.75
CA GLU H 123 24.80 -11.14 26.01
C GLU H 123 23.74 -10.22 26.59
N GLN H 124 23.08 -9.42 25.74
CA GLN H 124 22.03 -8.54 26.24
C GLN H 124 20.80 -9.31 26.70
N LEU H 125 20.50 -10.43 26.05
CA LEU H 125 19.40 -11.28 26.52
C LEU H 125 19.65 -11.75 27.95
N LYS H 126 20.89 -12.08 28.27
CA LYS H 126 21.24 -12.52 29.62
C LYS H 126 21.10 -11.40 30.65
N SER H 127 20.88 -10.15 30.22
CA SER H 127 20.72 -9.04 31.13
C SER H 127 19.26 -8.72 31.45
N GLY H 128 18.31 -9.24 30.66
CA GLY H 128 16.90 -9.03 30.91
C GLY H 128 16.20 -8.14 29.92
N THR H 129 16.90 -7.59 28.92
CA THR H 129 16.31 -6.73 27.92
C THR H 129 16.80 -7.12 26.54
N ALA H 130 16.02 -6.78 25.53
CA ALA H 130 16.35 -7.08 24.14
C ALA H 130 16.26 -5.80 23.32
N SER H 131 17.28 -5.57 22.48
CA SER H 131 17.33 -4.41 21.62
C SER H 131 17.53 -4.86 20.18
N VAL H 132 16.62 -4.46 19.31
CA VAL H 132 16.71 -4.74 17.87
C VAL H 132 17.11 -3.44 17.17
N VAL H 133 18.16 -3.51 16.37
CA VAL H 133 18.71 -2.34 15.70
C VAL H 133 18.44 -2.44 14.21
N CYS H 134 17.82 -1.41 13.65
CA CYS H 134 17.60 -1.29 12.22
C CYS H 134 18.46 -0.15 11.69
N LEU H 135 19.33 -0.45 10.73
CA LEU H 135 20.27 0.52 10.19
C LEU H 135 19.87 0.90 8.77
N LEU H 136 19.77 2.20 8.52
CA LEU H 136 19.52 2.75 7.19
C LEU H 136 20.79 3.45 6.75
N ASN H 137 21.52 2.85 5.81
CA ASN H 137 22.86 3.29 5.48
C ASN H 137 22.85 4.09 4.18
N ASN H 138 23.38 5.31 4.23
CA ASN H 138 23.65 6.14 3.06
C ASN H 138 22.42 6.35 2.19
N PHE H 139 21.60 7.35 2.52
CA PHE H 139 20.41 7.64 1.74
C PHE H 139 20.22 9.15 1.65
N TYR H 140 19.48 9.57 0.63
CA TYR H 140 19.09 10.95 0.41
C TYR H 140 17.77 10.88 -0.34
N PRO H 141 16.77 11.70 0.02
CA PRO H 141 16.74 12.72 1.10
C PRO H 141 16.84 12.16 2.52
N ARG H 142 16.91 13.04 3.51
CA ARG H 142 16.99 12.61 4.90
C ARG H 142 15.67 12.06 5.41
N GLU H 143 14.55 12.56 4.89
CA GLU H 143 13.22 12.15 5.33
C GLU H 143 13.00 10.66 5.09
N ALA H 144 13.05 9.87 6.16
CA ALA H 144 12.86 8.43 6.08
C ALA H 144 11.89 7.98 7.17
N LYS H 145 11.17 6.91 6.88
CA LYS H 145 10.19 6.35 7.81
C LYS H 145 10.57 4.93 8.17
N VAL H 146 10.59 4.63 9.47
CA VAL H 146 10.89 3.29 9.98
C VAL H 146 9.67 2.82 10.76
N GLN H 147 9.11 1.69 10.34
CA GLN H 147 7.92 1.12 10.98
C GLN H 147 8.27 -0.24 11.55
N TRP H 148 8.36 -0.32 12.88
CA TRP H 148 8.65 -1.58 13.54
C TRP H 148 7.39 -2.44 13.61
N LYS H 149 7.51 -3.68 13.15
CA LYS H 149 6.41 -4.64 13.20
C LYS H 149 6.85 -5.85 14.00
N VAL H 150 6.13 -6.14 15.08
CA VAL H 150 6.41 -7.29 15.95
C VAL H 150 5.24 -8.25 15.80
N ASP H 151 5.50 -9.40 15.15
CA ASP H 151 4.46 -10.35 14.80
C ASP H 151 3.38 -9.69 13.95
N ASN H 152 3.81 -8.85 13.00
CA ASN H 152 2.94 -8.10 12.09
C ASN H 152 2.05 -7.09 12.83
N ALA H 153 2.42 -6.73 14.05
CA ALA H 153 1.71 -5.71 14.81
C ALA H 153 2.49 -4.41 14.76
N LEU H 154 1.86 -3.37 14.21
CA LEU H 154 2.53 -2.07 14.07
C LEU H 154 2.84 -1.49 15.45
N GLN H 155 4.11 -1.22 15.70
CA GLN H 155 4.57 -0.72 16.99
C GLN H 155 4.70 0.79 16.95
N SER H 156 4.66 1.39 18.15
CA SER H 156 4.80 2.83 18.30
C SER H 156 5.06 3.14 19.76
N GLY H 157 6.11 3.92 20.02
CA GLY H 157 6.45 4.31 21.37
C GLY H 157 7.53 3.48 22.02
N ASN H 158 7.93 2.37 21.41
CA ASN H 158 8.98 1.51 21.94
C ASN H 158 10.26 1.55 21.10
N SER H 159 10.40 2.58 20.26
CA SER H 159 11.58 2.72 19.42
C SER H 159 12.12 4.13 19.55
N GLN H 160 13.40 4.28 19.19
CA GLN H 160 14.08 5.56 19.20
C GLN H 160 14.96 5.65 17.97
N GLU H 161 14.90 6.80 17.30
CA GLU H 161 15.63 7.01 16.05
C GLU H 161 16.79 7.97 16.24
N SER H 162 17.82 7.78 15.42
CA SER H 162 19.01 8.63 15.46
C SER H 162 19.60 8.65 14.06
N VAL H 163 19.82 9.86 13.53
CA VAL H 163 20.29 10.05 12.17
C VAL H 163 21.59 10.85 12.21
N THR H 164 22.57 10.40 11.43
CA THR H 164 23.86 11.07 11.38
C THR H 164 23.75 12.40 10.62
N GLU H 165 24.81 13.18 10.70
CA GLU H 165 24.89 14.40 9.90
C GLU H 165 25.21 14.06 8.46
N GLN H 166 24.95 15.02 7.57
CA GLN H 166 25.19 14.80 6.15
C GLN H 166 26.68 14.59 5.89
N ASP H 167 26.99 13.53 5.15
CA ASP H 167 28.39 13.21 4.86
C ASP H 167 29.01 14.29 3.99
N SER H 168 30.30 14.56 4.22
CA SER H 168 31.01 15.55 3.43
C SER H 168 31.41 15.02 2.06
N LYS H 169 31.43 13.70 1.88
CA LYS H 169 31.81 13.09 0.61
C LYS H 169 30.60 12.71 -0.23
N ASP H 170 29.79 11.76 0.26
CA ASP H 170 28.65 11.28 -0.50
C ASP H 170 27.39 12.10 -0.28
N SER H 171 27.40 13.04 0.67
CA SER H 171 26.25 13.89 0.98
C SER H 171 25.02 13.06 1.36
N THR H 172 25.24 11.88 1.92
CA THR H 172 24.16 10.97 2.29
C THR H 172 23.89 11.05 3.79
N TYR H 173 22.76 10.46 4.18
CA TYR H 173 22.37 10.37 5.58
C TYR H 173 22.33 8.92 5.99
N SER H 174 22.45 8.68 7.30
CA SER H 174 22.36 7.35 7.86
C SER H 174 21.48 7.39 9.09
N LEU H 175 20.56 6.43 9.19
CA LEU H 175 19.60 6.38 10.28
C LEU H 175 19.77 5.08 11.07
N SER H 176 19.54 5.17 12.38
CA SER H 176 19.62 4.02 13.28
C SER H 176 18.39 4.03 14.17
N SER H 177 17.61 2.95 14.10
CA SER H 177 16.40 2.79 14.90
C SER H 177 16.56 1.59 15.82
N THR H 178 16.39 1.81 17.12
CA THR H 178 16.55 0.77 18.13
C THR H 178 15.21 0.49 18.78
N LEU H 179 14.73 -0.75 18.63
CA LEU H 179 13.51 -1.20 19.29
C LEU H 179 13.90 -1.94 20.57
N THR H 180 13.35 -1.49 21.70
CA THR H 180 13.72 -2.02 23.01
C THR H 180 12.50 -2.69 23.64
N LEU H 181 12.64 -3.96 23.99
CA LEU H 181 11.63 -4.71 24.71
C LEU H 181 12.29 -5.49 25.85
N SER H 182 11.47 -5.87 26.82
CA SER H 182 11.96 -6.72 27.89
C SER H 182 12.22 -8.13 27.36
N LYS H 183 13.04 -8.89 28.10
CA LYS H 183 13.31 -10.27 27.71
C LYS H 183 12.03 -11.12 27.74
N ALA H 184 11.08 -10.77 28.60
CA ALA H 184 9.82 -11.49 28.63
C ALA H 184 8.98 -11.21 27.40
N ASP H 185 8.81 -9.93 27.05
CA ASP H 185 8.03 -9.58 25.86
C ASP H 185 8.74 -10.02 24.59
N TYR H 186 10.06 -10.02 24.59
CA TYR H 186 10.80 -10.42 23.39
C TYR H 186 10.58 -11.90 23.08
N GLU H 187 10.53 -12.74 24.11
CA GLU H 187 10.30 -14.17 23.92
C GLU H 187 8.84 -14.50 23.70
N LYS H 188 7.95 -13.51 23.72
CA LYS H 188 6.53 -13.71 23.46
C LYS H 188 6.18 -13.66 21.98
N HIS H 189 7.07 -13.16 21.13
CA HIS H 189 6.81 -13.00 19.71
C HIS H 189 7.93 -13.64 18.90
N LYS H 190 7.67 -13.83 17.61
CA LYS H 190 8.58 -14.56 16.73
C LYS H 190 9.22 -13.65 15.70
N VAL H 191 8.45 -13.11 14.75
CA VAL H 191 9.01 -12.35 13.64
C VAL H 191 9.12 -10.89 14.05
N TYR H 192 10.32 -10.33 13.89
CA TYR H 192 10.59 -8.92 14.16
C TYR H 192 11.08 -8.27 12.87
N ALA H 193 10.26 -7.38 12.32
CA ALA H 193 10.52 -6.78 11.01
C ALA H 193 10.77 -5.28 11.15
N CYS H 194 11.42 -4.73 10.14
CA CYS H 194 11.70 -3.29 10.06
C CYS H 194 11.31 -2.82 8.66
N GLU H 195 10.21 -2.09 8.57
CA GLU H 195 9.70 -1.58 7.31
C GLU H 195 10.25 -0.17 7.08
N VAL H 196 11.00 0.00 6.00
CA VAL H 196 11.66 1.26 5.68
C VAL H 196 10.99 1.86 4.45
N THR H 197 10.45 3.07 4.61
CA THR H 197 9.83 3.81 3.52
C THR H 197 10.67 5.05 3.23
N HIS H 198 10.98 5.26 1.96
CA HIS H 198 11.87 6.35 1.56
C HIS H 198 11.55 6.75 0.12
N GLN H 199 12.01 7.95 -0.25
CA GLN H 199 11.77 8.45 -1.61
C GLN H 199 12.45 7.56 -2.65
N GLY H 200 13.65 7.08 -2.35
CA GLY H 200 14.36 6.21 -3.27
C GLY H 200 13.81 4.81 -3.38
N LEU H 201 12.78 4.47 -2.59
CA LEU H 201 12.16 3.16 -2.62
C LEU H 201 10.75 3.29 -3.17
N SER H 202 10.47 2.58 -4.27
CA SER H 202 9.11 2.55 -4.80
C SER H 202 8.18 1.79 -3.86
N SER H 203 8.63 0.63 -3.39
CA SER H 203 7.93 -0.17 -2.40
C SER H 203 8.74 -0.24 -1.11
N PRO H 204 8.09 -0.11 0.05
CA PRO H 204 8.83 -0.11 1.32
C PRO H 204 9.60 -1.42 1.52
N VAL H 205 10.89 -1.29 1.79
CA VAL H 205 11.75 -2.45 2.01
C VAL H 205 11.58 -2.93 3.44
N THR H 206 11.40 -4.23 3.61
CA THR H 206 11.25 -4.86 4.91
C THR H 206 12.45 -5.76 5.19
N LYS H 207 13.03 -5.61 6.37
CA LYS H 207 14.10 -6.49 6.84
C LYS H 207 13.63 -7.15 8.13
N SER H 208 13.47 -8.47 8.09
CA SER H 208 12.91 -9.22 9.20
C SER H 208 13.83 -10.36 9.59
N PHE H 209 13.55 -10.94 10.75
CA PHE H 209 14.26 -12.12 11.23
C PHE H 209 13.36 -12.85 12.22
N ASN H 210 13.52 -14.17 12.28
CA ASN H 210 12.77 -14.99 13.21
C ASN H 210 13.61 -15.20 14.47
N ARG H 211 12.98 -15.03 15.63
CA ARG H 211 13.68 -15.21 16.89
C ARG H 211 14.16 -16.65 17.02
N GLY H 212 15.46 -16.81 17.26
CA GLY H 212 16.05 -18.15 17.27
C GLY H 212 16.31 -18.70 15.89
N GLU H 213 16.62 -17.83 14.92
CA GLU H 213 16.87 -18.23 13.53
C GLU H 213 15.71 -19.04 12.96
#